data_7KAV
#
_entry.id   7KAV
#
_cell.length_a   188.804
_cell.length_b   113.155
_cell.length_c   118.754
_cell.angle_alpha   90.000
_cell.angle_beta   117.210
_cell.angle_gamma   90.000
#
_symmetry.space_group_name_H-M   'C 1 2 1'
#
loop_
_entity.id
_entity.type
_entity.pdbx_description
1 polymer 'Oleate hydratase'
2 non-polymer 'HEXAETHYLENE GLYCOL'
3 non-polymer GLYCEROL
4 non-polymer 'POTASSIUM ION'
5 water water
#
_entity_poly.entity_id   1
_entity_poly.type   'polypeptide(L)'
_entity_poly.pdbx_seq_one_letter_code
;MGSSHHHHHHSSGLVPRGSHMYYSYGNYEAFARPKKPENVENKSAYLIGSGLASLAAACFLIRDGQMEGSKIHILEELPK
AGGSLDGENMPLKGYVVRGGREMENHFECLWDLFRSIPSLEIDNASVLDEFYWLNKEDPNYSRCRVIEKQGQRLVTDGDF
TLTKTAIKEILDLCLTNEEDLDDVKITDVFSDDFFNSNFWIYWKTMFAFEPWHSAMEMRRYLMRFVHHISGLADFSALKF
TKYNQYESLVLPMVEYLKSHGVQFEYDVKVEDIKIDVTTSQKIAREILIDRNGNAESIKLTINDLVFVTNGSITESSTYG
DNDTPAPPTDELGGSWTLWKNLARQSPEFGNPDKFCQNIPKKSWFVSATSTTNNKEIIDTIESICKRDPLAGKTVTGGII
TINDSAWQMSFTINRQQQFKDQPENEISTWIYALYSDVNGDYIKKPITECSGNEICQEWLYHLGVSTDKIEDLAKHASNT
IPVYMPYITSYFMTRAIGDRPLVVPHQSQNLAFIGNFAETERDTVFTTEYSVRTAMEAVYQLLNIDRGIPEVINSPFDLR
VLMDAIYELNDHQDLREITKDSKMQKLALAGFLKKIKGTYIESLLKEHKLL
;
_entity_poly.pdbx_strand_id   B,A,C
#
loop_
_chem_comp.id
_chem_comp.type
_chem_comp.name
_chem_comp.formula
GOL non-polymer GLYCEROL 'C3 H8 O3'
K non-polymer 'POTASSIUM ION' 'K 1'
P6G non-polymer 'HEXAETHYLENE GLYCOL' 'C12 H26 O7'
#
# COMPACT_ATOMS: atom_id res chain seq x y z
N SER A 19 -39.30 -40.23 13.20
CA SER A 19 -39.09 -41.10 12.05
C SER A 19 -39.80 -40.56 10.80
N HIS A 20 -40.52 -39.46 10.98
CA HIS A 20 -41.37 -38.88 9.94
C HIS A 20 -40.72 -37.66 9.29
N MET A 21 -39.40 -37.57 9.32
CA MET A 21 -38.68 -36.47 8.70
C MET A 21 -37.26 -36.94 8.43
N TYR A 22 -36.52 -36.15 7.65
CA TYR A 22 -35.09 -36.41 7.48
C TYR A 22 -34.35 -35.10 7.33
N TYR A 23 -33.10 -35.09 7.79
CA TYR A 23 -32.23 -33.92 7.71
C TYR A 23 -31.42 -33.95 6.42
N SER A 24 -31.15 -32.75 5.91
CA SER A 24 -30.41 -32.61 4.65
C SER A 24 -29.57 -31.34 4.73
N TYR A 25 -28.80 -31.11 3.68
CA TYR A 25 -28.15 -29.83 3.47
C TYR A 25 -27.81 -29.73 1.99
N GLY A 26 -27.48 -28.51 1.56
CA GLY A 26 -27.18 -28.26 0.16
C GLY A 26 -28.38 -27.73 -0.60
N ASN A 27 -28.11 -27.28 -1.83
CA ASN A 27 -29.12 -26.55 -2.60
C ASN A 27 -30.23 -27.43 -3.17
N TYR A 28 -29.95 -28.72 -3.43
CA TYR A 28 -30.97 -29.60 -3.99
C TYR A 28 -32.23 -29.59 -3.11
N GLU A 29 -32.05 -29.90 -1.82
CA GLU A 29 -33.17 -29.91 -0.89
C GLU A 29 -33.63 -28.50 -0.52
N ALA A 30 -32.73 -27.52 -0.56
CA ALA A 30 -33.14 -26.14 -0.29
C ALA A 30 -34.16 -25.66 -1.32
N PHE A 31 -33.86 -25.87 -2.60
CA PHE A 31 -34.67 -25.29 -3.68
C PHE A 31 -35.84 -26.15 -4.09
N ALA A 32 -35.84 -27.43 -3.72
CA ALA A 32 -36.93 -28.32 -4.11
C ALA A 32 -38.21 -27.96 -3.36
N ARG A 33 -39.36 -28.21 -3.99
CA ARG A 33 -40.66 -28.03 -3.37
C ARG A 33 -41.29 -29.38 -3.07
N PRO A 34 -41.90 -29.54 -1.89
CA PRO A 34 -42.53 -30.82 -1.59
C PRO A 34 -43.86 -30.98 -2.32
N LYS A 35 -44.16 -32.21 -2.71
CA LYS A 35 -45.50 -32.51 -3.17
C LYS A 35 -46.50 -32.17 -2.07
N LYS A 36 -47.73 -31.88 -2.47
CA LYS A 36 -48.80 -31.72 -1.50
C LYS A 36 -48.88 -32.96 -0.61
N PRO A 37 -48.85 -32.81 0.72
CA PRO A 37 -48.87 -33.98 1.58
C PRO A 37 -50.23 -34.69 1.55
N GLU A 38 -50.19 -35.96 1.91
CA GLU A 38 -51.35 -36.83 1.73
C GLU A 38 -52.49 -36.47 2.68
N ASN A 39 -53.69 -36.32 2.13
CA ASN A 39 -54.93 -36.13 2.88
C ASN A 39 -54.98 -34.81 3.63
N VAL A 40 -54.12 -33.84 3.28
CA VAL A 40 -54.10 -32.59 4.02
C VAL A 40 -55.42 -31.83 3.84
N GLU A 41 -56.17 -32.14 2.79
CA GLU A 41 -57.44 -31.48 2.53
C GLU A 41 -58.47 -31.72 3.64
N ASN A 42 -58.30 -32.77 4.44
CA ASN A 42 -59.23 -33.10 5.51
C ASN A 42 -58.66 -32.80 6.89
N LYS A 43 -57.62 -31.97 6.97
CA LYS A 43 -56.94 -31.70 8.23
C LYS A 43 -57.06 -30.23 8.58
N SER A 44 -56.96 -29.96 9.88
CA SER A 44 -57.00 -28.62 10.45
C SER A 44 -55.82 -28.46 11.40
N ALA A 45 -55.56 -27.23 11.81
CA ALA A 45 -54.44 -26.95 12.70
C ALA A 45 -54.84 -25.92 13.74
N TYR A 46 -54.45 -26.16 14.99
CA TYR A 46 -54.59 -25.18 16.06
C TYR A 46 -53.22 -24.88 16.64
N LEU A 47 -52.87 -23.60 16.71
CA LEU A 47 -51.58 -23.17 17.24
C LEU A 47 -51.82 -22.34 18.49
N ILE A 48 -51.21 -22.77 19.60
CA ILE A 48 -51.41 -22.12 20.89
C ILE A 48 -50.38 -21.00 21.05
N GLY A 49 -50.87 -19.77 21.17
CA GLY A 49 -50.02 -18.59 21.25
C GLY A 49 -49.67 -18.03 19.87
N SER A 50 -49.36 -16.73 19.84
CA SER A 50 -49.01 -16.09 18.58
C SER A 50 -47.55 -15.66 18.52
N GLY A 51 -46.68 -16.28 19.31
CA GLY A 51 -45.25 -16.04 19.21
C GLY A 51 -44.70 -16.49 17.87
N LEU A 52 -43.39 -16.31 17.71
CA LEU A 52 -42.74 -16.58 16.43
C LEU A 52 -42.92 -18.04 15.99
N ALA A 53 -42.78 -18.98 16.92
CA ALA A 53 -42.88 -20.39 16.53
C ALA A 53 -44.27 -20.72 15.98
N SER A 54 -45.33 -20.26 16.65
CA SER A 54 -46.68 -20.48 16.14
C SER A 54 -46.84 -19.89 14.76
N LEU A 55 -46.39 -18.63 14.59
CA LEU A 55 -46.53 -17.98 13.30
C LEU A 55 -45.74 -18.71 12.24
N ALA A 56 -44.55 -19.18 12.56
CA ALA A 56 -43.75 -19.89 11.57
C ALA A 56 -44.42 -21.20 11.18
N ALA A 57 -44.95 -21.92 12.16
CA ALA A 57 -45.61 -23.18 11.86
C ALA A 57 -46.81 -22.97 10.96
N ALA A 58 -47.59 -21.91 11.21
CA ALA A 58 -48.70 -21.56 10.33
C ALA A 58 -48.21 -21.28 8.92
N CYS A 59 -47.09 -20.57 8.79
CA CYS A 59 -46.53 -20.30 7.47
C CYS A 59 -46.14 -21.58 6.75
N PHE A 60 -45.49 -22.51 7.45
CA PHE A 60 -45.15 -23.78 6.80
C PHE A 60 -46.40 -24.59 6.47
N LEU A 61 -47.42 -24.51 7.33
CA LEU A 61 -48.68 -25.19 7.03
C LEU A 61 -49.27 -24.69 5.72
N ILE A 62 -49.22 -23.37 5.49
CA ILE A 62 -49.72 -22.80 4.24
C ILE A 62 -48.82 -23.20 3.08
N ARG A 63 -47.53 -22.91 3.18
CA ARG A 63 -46.65 -22.98 2.01
C ARG A 63 -46.33 -24.42 1.62
N ASP A 64 -45.96 -25.25 2.58
CA ASP A 64 -45.52 -26.62 2.29
C ASP A 64 -46.57 -27.66 2.59
N GLY A 65 -47.38 -27.46 3.64
CA GLY A 65 -48.49 -28.36 3.88
C GLY A 65 -49.60 -28.16 2.87
N GLN A 66 -49.69 -26.96 2.29
CA GLN A 66 -50.81 -26.58 1.43
C GLN A 66 -52.14 -26.79 2.14
N MET A 67 -52.14 -26.61 3.46
CA MET A 67 -53.38 -26.60 4.23
C MET A 67 -54.17 -25.34 3.93
N GLU A 68 -55.50 -25.47 3.98
CA GLU A 68 -56.38 -24.35 3.72
C GLU A 68 -56.31 -23.34 4.86
N GLY A 69 -56.17 -22.06 4.51
CA GLY A 69 -55.99 -21.03 5.54
C GLY A 69 -57.10 -21.01 6.57
N SER A 70 -58.35 -21.16 6.12
CA SER A 70 -59.49 -21.14 7.03
C SER A 70 -59.47 -22.31 8.02
N LYS A 71 -58.66 -23.34 7.76
CA LYS A 71 -58.53 -24.46 8.69
C LYS A 71 -57.40 -24.27 9.69
N ILE A 72 -56.70 -23.14 9.64
CA ILE A 72 -55.57 -22.86 10.52
C ILE A 72 -56.01 -21.80 11.53
N HIS A 73 -55.94 -22.13 12.82
CA HIS A 73 -56.48 -21.29 13.89
C HIS A 73 -55.36 -20.94 14.87
N ILE A 74 -54.99 -19.67 14.93
CA ILE A 74 -54.01 -19.20 15.89
C ILE A 74 -54.78 -18.67 17.09
N LEU A 75 -54.52 -19.26 18.27
CA LEU A 75 -55.24 -18.94 19.50
C LEU A 75 -54.36 -18.08 20.40
N GLU A 76 -54.75 -16.81 20.56
CA GLU A 76 -53.99 -15.82 21.31
C GLU A 76 -54.77 -15.42 22.57
N GLU A 77 -54.07 -15.41 23.72
CA GLU A 77 -54.73 -15.07 24.98
C GLU A 77 -55.14 -13.60 25.02
N LEU A 78 -54.32 -12.71 24.45
CA LEU A 78 -54.58 -11.28 24.57
C LEU A 78 -55.63 -10.82 23.57
N PRO A 79 -56.17 -9.61 23.75
CA PRO A 79 -57.14 -9.09 22.78
C PRO A 79 -56.46 -8.63 21.50
N LYS A 80 -57.28 -8.41 20.48
CA LYS A 80 -56.77 -8.01 19.18
C LYS A 80 -56.02 -6.68 19.24
N PRO A 91 -51.56 0.56 29.43
CA PRO A 91 -50.89 1.44 28.47
C PRO A 91 -49.51 1.86 28.97
N LEU A 92 -48.47 1.42 28.28
CA LEU A 92 -47.11 1.74 28.71
C LEU A 92 -46.78 3.20 28.40
N LYS A 93 -45.85 3.75 29.18
CA LYS A 93 -45.56 5.18 29.17
C LYS A 93 -44.41 5.54 28.24
N GLY A 94 -43.93 4.61 27.43
CA GLY A 94 -42.82 4.90 26.54
C GLY A 94 -42.52 3.70 25.68
N TYR A 95 -41.54 3.89 24.79
CA TYR A 95 -41.12 2.81 23.90
C TYR A 95 -40.45 1.69 24.70
N VAL A 96 -40.66 0.46 24.24
CA VAL A 96 -40.01 -0.71 24.84
C VAL A 96 -39.37 -1.53 23.72
N VAL A 97 -38.06 -1.75 23.83
CA VAL A 97 -37.29 -2.57 22.90
C VAL A 97 -37.20 -3.97 23.46
N ARG A 98 -37.31 -5.03 22.65
CA ARG A 98 -37.07 -6.41 23.12
C ARG A 98 -35.55 -6.73 22.93
N ARG A 101 -32.62 -9.00 20.05
CA ARG A 101 -32.02 -10.26 19.60
C ARG A 101 -31.60 -10.09 18.15
N GLU A 102 -30.64 -10.93 17.73
CA GLU A 102 -30.04 -10.78 16.40
C GLU A 102 -30.08 -12.07 15.61
N MET A 103 -29.48 -12.04 14.42
CA MET A 103 -29.44 -13.19 13.53
C MET A 103 -28.00 -13.46 13.11
N GLU A 104 -27.79 -14.61 12.48
CA GLU A 104 -26.54 -14.88 11.78
C GLU A 104 -26.88 -15.55 10.46
N ASN A 105 -25.87 -15.65 9.59
CA ASN A 105 -26.13 -16.23 8.27
C ASN A 105 -26.65 -17.65 8.36
N HIS A 106 -26.20 -18.44 9.34
CA HIS A 106 -26.57 -19.86 9.33
C HIS A 106 -27.80 -20.16 10.20
N PHE A 107 -28.74 -19.22 10.24
CA PHE A 107 -30.11 -19.51 10.67
C PHE A 107 -30.83 -20.22 9.51
N GLU A 108 -30.49 -21.50 9.32
CA GLU A 108 -30.85 -22.20 8.08
C GLU A 108 -32.37 -22.31 7.91
N CYS A 109 -33.08 -22.64 8.97
CA CYS A 109 -34.53 -22.80 8.86
C CYS A 109 -35.21 -21.45 8.69
N LEU A 110 -34.77 -20.45 9.45
CA LEU A 110 -35.40 -19.13 9.41
C LEU A 110 -35.29 -18.52 8.02
N TRP A 111 -34.15 -18.69 7.32
CA TRP A 111 -34.05 -18.13 5.98
C TRP A 111 -34.88 -18.92 4.97
N ASP A 112 -35.02 -20.24 5.16
CA ASP A 112 -35.97 -21.01 4.37
C ASP A 112 -37.36 -20.38 4.48
N LEU A 113 -37.75 -19.97 5.69
CA LEU A 113 -39.06 -19.35 5.87
C LEU A 113 -39.13 -17.97 5.21
N PHE A 114 -38.22 -17.07 5.58
CA PHE A 114 -38.45 -15.67 5.23
C PHE A 114 -38.13 -15.33 3.78
N ARG A 115 -37.54 -16.26 3.02
CA ARG A 115 -37.44 -16.04 1.58
C ARG A 115 -38.80 -16.10 0.90
N SER A 116 -39.83 -16.61 1.58
CA SER A 116 -41.18 -16.73 1.04
C SER A 116 -42.14 -15.69 1.59
N ILE A 117 -41.72 -14.87 2.54
CA ILE A 117 -42.60 -13.88 3.17
C ILE A 117 -42.37 -12.53 2.47
N PRO A 118 -43.38 -11.93 1.86
CA PRO A 118 -43.16 -10.64 1.19
C PRO A 118 -42.74 -9.56 2.17
N SER A 119 -41.77 -8.75 1.76
CA SER A 119 -41.42 -7.54 2.49
C SER A 119 -42.61 -6.57 2.50
N LEU A 120 -42.74 -5.84 3.61
CA LEU A 120 -43.66 -4.72 3.70
C LEU A 120 -42.96 -3.39 3.43
N GLU A 121 -41.69 -3.42 3.08
CA GLU A 121 -40.91 -2.21 2.85
C GLU A 121 -40.37 -2.09 1.43
N ILE A 122 -40.21 -3.20 0.72
CA ILE A 122 -39.70 -3.19 -0.65
C ILE A 122 -40.66 -3.98 -1.51
N ASP A 123 -41.03 -3.42 -2.65
CA ASP A 123 -41.94 -4.12 -3.56
C ASP A 123 -41.21 -5.30 -4.19
N ASN A 124 -41.98 -6.35 -4.47
CA ASN A 124 -41.47 -7.55 -5.15
C ASN A 124 -40.15 -8.03 -4.56
N ALA A 125 -40.12 -8.15 -3.23
CA ALA A 125 -38.94 -8.61 -2.50
C ALA A 125 -39.39 -9.33 -1.25
N SER A 126 -38.58 -10.31 -0.81
CA SER A 126 -38.89 -11.02 0.42
C SER A 126 -38.29 -10.33 1.64
N VAL A 127 -38.72 -10.76 2.82
CA VAL A 127 -38.07 -10.34 4.06
C VAL A 127 -36.57 -10.67 3.99
N LEU A 128 -36.24 -11.85 3.47
CA LEU A 128 -34.84 -12.22 3.33
C LEU A 128 -34.10 -11.22 2.44
N ASP A 129 -34.70 -10.85 1.30
CA ASP A 129 -34.03 -9.90 0.40
C ASP A 129 -33.75 -8.58 1.11
N GLU A 130 -34.79 -8.02 1.74
CA GLU A 130 -34.66 -6.74 2.43
C GLU A 130 -33.55 -6.81 3.48
N PHE A 131 -33.54 -7.90 4.25
CA PHE A 131 -32.55 -8.12 5.31
C PHE A 131 -31.15 -8.30 4.71
N TYR A 132 -31.05 -9.11 3.66
CA TYR A 132 -29.78 -9.39 3.02
C TYR A 132 -29.14 -8.11 2.47
N TRP A 133 -29.93 -7.32 1.75
CA TRP A 133 -29.42 -6.08 1.18
C TRP A 133 -29.05 -5.08 2.25
N LEU A 134 -29.88 -4.98 3.28
CA LEU A 134 -29.61 -4.01 4.34
C LEU A 134 -28.30 -4.33 5.05
N ASN A 135 -28.06 -5.60 5.37
CA ASN A 135 -26.85 -5.93 6.09
C ASN A 135 -25.61 -5.94 5.20
N LYS A 136 -25.76 -5.89 3.87
CA LYS A 136 -24.61 -5.61 3.02
C LYS A 136 -24.37 -4.11 2.89
N GLU A 137 -25.46 -3.32 2.89
CA GLU A 137 -25.34 -1.87 2.80
C GLU A 137 -24.72 -1.27 4.07
N ASP A 138 -25.01 -1.88 5.21
CA ASP A 138 -24.69 -1.31 6.52
C ASP A 138 -24.29 -2.49 7.40
N PRO A 139 -23.12 -3.09 7.16
CA PRO A 139 -22.75 -4.31 7.88
C PRO A 139 -22.47 -4.04 9.34
N ASN A 140 -22.89 -4.97 10.19
CA ASN A 140 -22.78 -4.76 11.63
C ASN A 140 -21.36 -5.04 12.13
N TYR A 141 -20.84 -4.14 12.96
CA TYR A 141 -19.63 -4.40 13.71
C TYR A 141 -19.57 -3.40 14.84
N SER A 142 -18.85 -3.75 15.90
CA SER A 142 -18.70 -2.87 17.05
C SER A 142 -17.32 -2.22 17.00
N ARG A 143 -17.28 -0.92 17.29
CA ARG A 143 -16.04 -0.18 17.45
C ARG A 143 -15.68 0.02 18.93
N CYS A 144 -16.46 -0.57 19.84
CA CYS A 144 -16.19 -0.51 21.26
C CYS A 144 -17.10 -1.51 21.94
N ARG A 145 -16.53 -2.61 22.41
CA ARG A 145 -17.29 -3.73 22.94
C ARG A 145 -17.38 -3.74 24.46
N VAL A 146 -16.36 -3.25 25.17
CA VAL A 146 -16.32 -3.32 26.63
C VAL A 146 -15.74 -2.02 27.17
N ILE A 147 -16.42 -1.44 28.17
CA ILE A 147 -15.94 -0.23 28.83
C ILE A 147 -15.84 -0.47 30.33
N GLU A 148 -15.10 0.41 30.99
CA GLU A 148 -14.87 0.33 32.43
C GLU A 148 -14.50 1.72 32.91
N LYS A 149 -14.48 1.89 34.24
CA LYS A 149 -13.99 3.15 34.83
C LYS A 149 -14.72 4.35 34.24
N GLN A 150 -16.05 4.24 34.20
CA GLN A 150 -16.94 5.33 33.81
C GLN A 150 -16.61 5.85 32.40
N GLY A 151 -16.57 4.93 31.44
CA GLY A 151 -16.56 5.30 30.04
C GLY A 151 -15.29 4.99 29.27
N GLN A 152 -14.30 4.34 29.88
CA GLN A 152 -13.04 4.03 29.22
C GLN A 152 -13.11 2.67 28.55
N ARG A 153 -12.57 2.58 27.34
CA ARG A 153 -12.52 1.28 26.67
C ARG A 153 -11.57 0.35 27.40
N LEU A 154 -12.00 -0.91 27.57
CA LEU A 154 -11.12 -1.95 28.10
C LEU A 154 -9.86 -2.06 27.24
N VAL A 155 -8.69 -2.06 27.90
CA VAL A 155 -7.43 -1.99 27.18
C VAL A 155 -7.23 -3.21 26.28
N THR A 156 -7.63 -4.39 26.76
CA THR A 156 -7.47 -5.62 26.00
C THR A 156 -8.70 -5.97 25.17
N ASP A 157 -9.61 -5.02 24.95
CA ASP A 157 -10.79 -5.29 24.14
C ASP A 157 -10.38 -5.82 22.78
N GLY A 158 -11.01 -6.91 22.35
CA GLY A 158 -10.66 -7.59 21.12
C GLY A 158 -9.92 -8.89 21.33
N ASP A 159 -9.21 -9.03 22.45
CA ASP A 159 -8.52 -10.27 22.74
C ASP A 159 -9.34 -11.13 23.70
N PHE A 160 -9.17 -12.44 23.57
CA PHE A 160 -9.89 -13.39 24.40
C PHE A 160 -9.26 -13.59 25.78
N THR A 161 -7.97 -13.26 25.90
CA THR A 161 -7.17 -13.49 27.11
C THR A 161 -7.49 -14.83 27.79
N LEU A 162 -7.53 -15.88 26.97
CA LEU A 162 -7.71 -17.24 27.45
C LEU A 162 -6.35 -17.88 27.73
N THR A 163 -6.21 -18.51 28.90
CA THR A 163 -5.01 -19.30 29.16
C THR A 163 -5.15 -20.70 28.56
N LYS A 164 -4.03 -21.43 28.54
CA LYS A 164 -4.06 -22.80 28.04
C LYS A 164 -5.04 -23.66 28.83
N THR A 165 -5.08 -23.48 30.15
CA THR A 165 -6.02 -24.23 30.97
C THR A 165 -7.46 -23.91 30.60
N ALA A 166 -7.77 -22.63 30.41
CA ALA A 166 -9.12 -22.24 29.99
C ALA A 166 -9.47 -22.84 28.65
N ILE A 167 -8.54 -22.81 27.68
CA ILE A 167 -8.80 -23.40 26.37
C ILE A 167 -9.07 -24.89 26.52
N LYS A 168 -8.29 -25.58 27.35
CA LYS A 168 -8.49 -27.01 27.53
C LYS A 168 -9.86 -27.33 28.10
N GLU A 169 -10.36 -26.49 29.02
CA GLU A 169 -11.70 -26.70 29.57
C GLU A 169 -12.77 -26.50 28.51
N ILE A 170 -12.60 -25.50 27.64
CA ILE A 170 -13.54 -25.32 26.54
C ILE A 170 -13.59 -26.60 25.71
N LEU A 171 -12.43 -27.10 25.31
CA LEU A 171 -12.40 -28.28 24.46
C LEU A 171 -12.90 -29.51 25.21
N ASP A 172 -12.54 -29.66 26.48
CA ASP A 172 -13.00 -30.80 27.26
C ASP A 172 -14.52 -30.82 27.36
N LEU A 173 -15.14 -29.65 27.53
CA LEU A 173 -16.61 -29.61 27.57
C LEU A 173 -17.19 -30.11 26.24
N CYS A 174 -16.66 -29.63 25.12
CA CYS A 174 -17.17 -30.06 23.82
C CYS A 174 -16.99 -31.55 23.63
N LEU A 175 -15.90 -32.12 24.16
CA LEU A 175 -15.65 -33.55 24.04
C LEU A 175 -16.46 -34.37 25.04
N THR A 176 -17.26 -33.74 25.89
CA THR A 176 -18.15 -34.45 26.79
C THR A 176 -19.44 -34.74 26.04
N ASN A 177 -19.96 -35.96 26.21
CA ASN A 177 -21.24 -36.29 25.62
C ASN A 177 -22.35 -35.46 26.26
N GLU A 178 -23.31 -35.03 25.44
CA GLU A 178 -24.44 -34.29 25.99
C GLU A 178 -25.16 -35.08 27.07
N GLU A 179 -25.21 -36.41 26.92
CA GLU A 179 -25.89 -37.29 27.88
C GLU A 179 -25.20 -37.31 29.24
N ASP A 180 -23.97 -36.81 29.35
CA ASP A 180 -23.26 -36.75 30.62
C ASP A 180 -23.34 -35.38 31.27
N LEU A 181 -24.14 -34.46 30.71
CA LEU A 181 -24.23 -33.10 31.23
C LEU A 181 -25.58 -32.82 31.89
N ASP A 182 -26.35 -33.87 32.19
CA ASP A 182 -27.61 -33.69 32.89
C ASP A 182 -27.39 -32.86 34.16
N ASP A 183 -28.06 -31.71 34.24
CA ASP A 183 -28.13 -30.88 35.44
C ASP A 183 -26.77 -30.29 35.84
N VAL A 184 -25.81 -30.32 34.94
CA VAL A 184 -24.48 -29.76 35.20
C VAL A 184 -24.50 -28.26 34.96
N LYS A 185 -23.91 -27.50 35.88
CA LYS A 185 -23.82 -26.06 35.77
C LYS A 185 -22.55 -25.66 35.05
N ILE A 186 -22.57 -24.44 34.49
CA ILE A 186 -21.37 -23.91 33.86
C ILE A 186 -20.21 -23.87 34.85
N THR A 187 -20.49 -23.57 36.13
CA THR A 187 -19.43 -23.54 37.14
C THR A 187 -18.90 -24.93 37.49
N ASP A 188 -19.57 -26.00 37.08
CA ASP A 188 -19.06 -27.35 37.30
C ASP A 188 -17.96 -27.75 36.32
N VAL A 189 -17.83 -27.06 35.18
CA VAL A 189 -16.93 -27.48 34.11
C VAL A 189 -15.87 -26.44 33.78
N PHE A 190 -15.90 -25.27 34.40
CA PHE A 190 -14.88 -24.24 34.17
C PHE A 190 -14.31 -23.77 35.50
N SER A 191 -13.06 -23.31 35.46
CA SER A 191 -12.37 -22.85 36.66
C SER A 191 -11.96 -21.38 36.54
N ASP A 192 -11.07 -20.92 37.42
CA ASP A 192 -10.84 -19.49 37.59
C ASP A 192 -10.32 -18.84 36.32
N ASP A 193 -9.38 -19.48 35.63
CA ASP A 193 -8.79 -18.88 34.44
C ASP A 193 -9.88 -18.49 33.43
N PHE A 194 -10.80 -19.41 33.16
CA PHE A 194 -11.83 -19.15 32.18
C PHE A 194 -12.71 -17.96 32.59
N PHE A 195 -13.13 -17.93 33.86
CA PHE A 195 -14.04 -16.89 34.31
C PHE A 195 -13.37 -15.52 34.39
N ASN A 196 -12.05 -15.49 34.43
CA ASN A 196 -11.29 -14.23 34.36
C ASN A 196 -10.97 -13.81 32.94
N SER A 197 -11.38 -14.58 31.93
CA SER A 197 -11.03 -14.27 30.54
C SER A 197 -11.96 -13.24 29.92
N ASN A 198 -11.42 -12.49 28.96
CA ASN A 198 -12.27 -11.63 28.14
C ASN A 198 -13.30 -12.44 27.37
N PHE A 199 -12.94 -13.65 26.97
CA PHE A 199 -13.86 -14.53 26.26
C PHE A 199 -15.17 -14.66 27.04
N TRP A 200 -15.07 -14.95 28.34
CA TRP A 200 -16.26 -15.10 29.17
C TRP A 200 -17.03 -13.79 29.29
N ILE A 201 -16.34 -12.65 29.34
CA ILE A 201 -17.04 -11.36 29.30
C ILE A 201 -17.92 -11.29 28.05
N TYR A 202 -17.29 -11.47 26.88
CA TYR A 202 -18.04 -11.37 25.62
C TYR A 202 -19.18 -12.35 25.59
N TRP A 203 -18.89 -13.59 25.99
CA TRP A 203 -19.81 -14.71 25.85
C TRP A 203 -21.02 -14.56 26.75
N LYS A 204 -20.79 -14.37 28.05
CA LYS A 204 -21.90 -14.35 29.00
C LYS A 204 -22.84 -13.18 28.72
N THR A 205 -22.30 -12.05 28.27
CA THR A 205 -23.16 -10.88 28.07
C THR A 205 -23.89 -10.93 26.73
N MET A 206 -23.23 -11.40 25.68
CA MET A 206 -23.93 -11.41 24.39
C MET A 206 -25.02 -12.47 24.37
N PHE A 207 -24.89 -13.52 25.17
CA PHE A 207 -25.88 -14.61 25.20
C PHE A 207 -26.72 -14.66 26.47
N ALA A 208 -26.34 -13.88 27.49
CA ALA A 208 -27.02 -13.84 28.78
C ALA A 208 -26.91 -15.19 29.51
N PHE A 209 -25.71 -15.75 29.55
CA PHE A 209 -25.44 -16.92 30.38
C PHE A 209 -25.10 -16.47 31.79
N GLU A 210 -25.71 -17.09 32.77
CA GLU A 210 -25.30 -16.93 34.15
C GLU A 210 -24.42 -18.11 34.55
N PRO A 211 -23.59 -17.94 35.59
CA PRO A 211 -22.67 -19.02 35.97
C PRO A 211 -23.35 -20.31 36.38
N TRP A 212 -24.58 -20.25 36.89
CA TRP A 212 -25.30 -21.44 37.31
C TRP A 212 -26.12 -22.06 36.19
N HIS A 213 -26.05 -21.53 34.97
CA HIS A 213 -26.87 -22.03 33.88
C HIS A 213 -26.31 -23.36 33.34
N SER A 214 -27.04 -23.89 32.36
CA SER A 214 -26.82 -25.24 31.84
C SER A 214 -25.51 -25.33 31.06
N ALA A 215 -24.58 -26.17 31.54
CA ALA A 215 -23.38 -26.46 30.77
C ALA A 215 -23.72 -27.17 29.46
N MET A 216 -24.82 -27.92 29.45
CA MET A 216 -25.25 -28.59 28.21
C MET A 216 -25.55 -27.58 27.13
N GLU A 217 -26.28 -26.51 27.48
CA GLU A 217 -26.60 -25.47 26.51
C GLU A 217 -25.36 -24.67 26.14
N MET A 218 -24.49 -24.36 27.11
CA MET A 218 -23.25 -23.68 26.76
C MET A 218 -22.44 -24.50 25.77
N ARG A 219 -22.38 -25.82 25.97
CA ARG A 219 -21.71 -26.69 25.00
C ARG A 219 -22.38 -26.59 23.63
N ARG A 220 -23.72 -26.63 23.59
CA ARG A 220 -24.39 -26.50 22.31
C ARG A 220 -24.01 -25.19 21.62
N TYR A 221 -23.93 -24.10 22.38
CA TYR A 221 -23.56 -22.80 21.81
C TYR A 221 -22.13 -22.81 21.26
N LEU A 222 -21.19 -23.39 22.01
CA LEU A 222 -19.81 -23.43 21.54
C LEU A 222 -19.70 -24.17 20.22
N MET A 223 -20.41 -25.29 20.08
CA MET A 223 -20.37 -26.04 18.83
C MET A 223 -21.21 -25.38 17.74
N ARG A 224 -22.34 -24.79 18.14
CA ARG A 224 -23.30 -24.24 17.17
C ARG A 224 -22.72 -23.05 16.42
N PHE A 225 -21.97 -22.20 17.11
CA PHE A 225 -21.48 -20.96 16.50
C PHE A 225 -19.97 -20.94 16.31
N VAL A 226 -19.33 -22.12 16.25
CA VAL A 226 -17.88 -22.20 16.14
C VAL A 226 -17.38 -21.48 14.89
N HIS A 227 -18.18 -21.46 13.83
CA HIS A 227 -17.76 -20.77 12.60
C HIS A 227 -17.64 -19.26 12.77
N HIS A 228 -18.19 -18.68 13.86
CA HIS A 228 -18.16 -17.24 14.04
C HIS A 228 -17.23 -16.80 15.16
N ILE A 229 -16.35 -17.70 15.62
CA ILE A 229 -15.45 -17.34 16.73
C ILE A 229 -14.66 -16.08 16.41
N SER A 230 -14.26 -15.89 15.14
CA SER A 230 -13.49 -14.70 14.79
C SER A 230 -14.30 -13.42 14.92
N GLY A 231 -15.63 -13.52 14.99
CA GLY A 231 -16.49 -12.37 15.15
C GLY A 231 -17.08 -12.19 16.52
N LEU A 232 -16.58 -12.92 17.53
CA LEU A 232 -17.15 -12.84 18.86
C LEU A 232 -16.87 -11.49 19.52
N ALA A 233 -15.65 -10.99 19.41
CA ALA A 233 -15.29 -9.76 20.13
C ALA A 233 -15.89 -8.51 19.48
N ASP A 234 -16.08 -8.51 18.16
CA ASP A 234 -16.49 -7.30 17.44
C ASP A 234 -17.88 -7.43 16.82
N PHE A 235 -18.60 -8.52 17.09
CA PHE A 235 -19.98 -8.67 16.61
C PHE A 235 -20.07 -8.64 15.10
N SER A 236 -18.96 -8.89 14.38
CA SER A 236 -18.98 -8.79 12.92
C SER A 236 -19.79 -9.91 12.26
N ALA A 237 -20.20 -10.94 13.00
CA ALA A 237 -21.04 -11.98 12.44
C ALA A 237 -22.53 -11.75 12.70
N LEU A 238 -22.88 -10.73 13.48
CA LEU A 238 -24.29 -10.47 13.80
C LEU A 238 -24.97 -9.71 12.67
N LYS A 239 -26.27 -9.98 12.50
CA LYS A 239 -27.08 -9.28 11.52
C LYS A 239 -28.41 -8.92 12.15
N PHE A 240 -28.95 -7.75 11.78
CA PHE A 240 -30.12 -7.18 12.43
C PHE A 240 -31.18 -6.78 11.40
N THR A 241 -32.44 -6.87 11.81
CA THR A 241 -33.51 -6.38 10.96
C THR A 241 -33.50 -4.85 10.94
N LYS A 242 -34.26 -4.27 9.98
CA LYS A 242 -34.34 -2.82 9.87
C LYS A 242 -34.98 -2.19 11.12
N TYR A 243 -36.11 -2.75 11.56
CA TYR A 243 -36.86 -2.25 12.71
C TYR A 243 -36.89 -3.32 13.81
N ASN A 244 -37.65 -3.04 14.86
CA ASN A 244 -37.87 -4.04 15.91
C ASN A 244 -38.48 -5.31 15.31
N GLN A 245 -38.41 -6.40 16.07
CA GLN A 245 -38.82 -7.70 15.53
C GLN A 245 -40.29 -7.73 15.15
N TYR A 246 -41.14 -7.06 15.92
CA TYR A 246 -42.56 -7.05 15.57
C TYR A 246 -42.78 -6.46 14.19
N GLU A 247 -42.18 -5.30 13.91
CA GLU A 247 -42.37 -4.63 12.64
C GLU A 247 -41.70 -5.35 11.47
N SER A 248 -40.49 -5.89 11.67
CA SER A 248 -39.74 -6.48 10.58
C SER A 248 -39.95 -7.98 10.37
N LEU A 249 -40.41 -8.72 11.37
CA LEU A 249 -40.62 -10.16 11.22
C LEU A 249 -42.06 -10.59 11.45
N VAL A 250 -42.66 -10.18 12.56
CA VAL A 250 -44.03 -10.63 12.88
C VAL A 250 -45.03 -10.02 11.89
N LEU A 251 -45.00 -8.69 11.73
CA LEU A 251 -45.97 -8.06 10.84
C LEU A 251 -45.94 -8.63 9.43
N PRO A 252 -44.77 -8.81 8.78
CA PRO A 252 -44.77 -9.49 7.48
C PRO A 252 -45.38 -10.88 7.52
N MET A 253 -45.09 -11.68 8.55
CA MET A 253 -45.70 -13.00 8.61
C MET A 253 -47.21 -12.89 8.75
N VAL A 254 -47.68 -11.98 9.61
CA VAL A 254 -49.12 -11.83 9.82
C VAL A 254 -49.80 -11.49 8.50
N GLU A 255 -49.25 -10.54 7.74
CA GLU A 255 -49.86 -10.16 6.48
C GLU A 255 -49.88 -11.34 5.52
N TYR A 256 -48.82 -12.14 5.52
CA TYR A 256 -48.81 -13.35 4.68
C TYR A 256 -49.93 -14.30 5.09
N LEU A 257 -50.03 -14.60 6.38
CA LEU A 257 -51.05 -15.52 6.87
C LEU A 257 -52.46 -14.97 6.61
N LYS A 258 -52.67 -13.66 6.82
CA LYS A 258 -53.98 -13.08 6.57
C LYS A 258 -54.33 -13.14 5.09
N SER A 259 -53.36 -12.88 4.22
CA SER A 259 -53.62 -12.95 2.79
C SER A 259 -54.02 -14.35 2.34
N HIS A 260 -53.74 -15.38 3.15
CA HIS A 260 -54.12 -16.75 2.82
C HIS A 260 -55.30 -17.23 3.67
N GLY A 261 -56.01 -16.30 4.32
CA GLY A 261 -57.22 -16.63 5.05
C GLY A 261 -57.03 -17.26 6.40
N VAL A 262 -55.83 -17.18 6.99
CA VAL A 262 -55.60 -17.80 8.28
C VAL A 262 -56.39 -17.07 9.36
N GLN A 263 -56.88 -17.81 10.34
CA GLN A 263 -57.79 -17.30 11.34
C GLN A 263 -57.02 -16.97 12.62
N PHE A 264 -57.18 -15.74 13.11
CA PHE A 264 -56.56 -15.29 14.35
C PHE A 264 -57.64 -15.17 15.43
N GLU A 265 -57.45 -15.88 16.54
CA GLU A 265 -58.38 -15.93 17.65
C GLU A 265 -57.77 -15.24 18.87
N TYR A 266 -58.35 -14.13 19.28
CA TYR A 266 -57.87 -13.37 20.43
C TYR A 266 -58.76 -13.60 21.64
N ASP A 267 -58.23 -13.22 22.81
CA ASP A 267 -58.91 -13.39 24.09
C ASP A 267 -59.26 -14.86 24.36
N VAL A 268 -58.41 -15.77 23.92
CA VAL A 268 -58.59 -17.20 24.11
C VAL A 268 -57.45 -17.71 24.98
N LYS A 269 -57.78 -18.16 26.18
CA LYS A 269 -56.79 -18.68 27.12
C LYS A 269 -56.92 -20.21 27.13
N VAL A 270 -55.87 -20.90 26.69
CA VAL A 270 -55.86 -22.35 26.69
C VAL A 270 -55.48 -22.81 28.10
N GLU A 271 -56.42 -23.47 28.79
CA GLU A 271 -56.14 -23.94 30.14
C GLU A 271 -55.58 -25.35 30.18
N ASP A 272 -55.98 -26.19 29.22
CA ASP A 272 -55.52 -27.57 29.17
C ASP A 272 -55.85 -28.13 27.79
N ILE A 273 -55.22 -29.25 27.50
CA ILE A 273 -55.54 -30.06 26.34
C ILE A 273 -55.67 -31.49 26.83
N LYS A 274 -56.85 -32.07 26.68
CA LYS A 274 -57.01 -33.46 27.07
C LYS A 274 -56.37 -34.35 26.02
N ILE A 275 -55.38 -35.12 26.43
CA ILE A 275 -54.62 -35.98 25.51
C ILE A 275 -54.78 -37.43 25.97
N ASP A 276 -55.14 -38.32 25.05
CA ASP A 276 -55.13 -39.75 25.32
C ASP A 276 -53.72 -40.27 25.13
N VAL A 277 -53.11 -40.76 26.21
CA VAL A 277 -51.78 -41.37 26.13
C VAL A 277 -51.95 -42.86 26.36
N THR A 278 -52.11 -43.62 25.27
CA THR A 278 -52.35 -45.05 25.37
C THR A 278 -51.04 -45.82 25.20
N THR A 279 -51.14 -47.15 25.26
CA THR A 279 -49.97 -47.98 25.00
C THR A 279 -49.49 -47.89 23.56
N SER A 280 -50.31 -47.36 22.65
CA SER A 280 -49.92 -47.33 21.24
C SER A 280 -49.92 -45.95 20.61
N GLN A 281 -50.57 -44.94 21.19
CA GLN A 281 -50.72 -43.66 20.54
C GLN A 281 -50.82 -42.54 21.56
N LYS A 282 -50.48 -41.33 21.12
CA LYS A 282 -50.82 -40.11 21.84
C LYS A 282 -51.69 -39.27 20.92
N ILE A 283 -52.92 -38.97 21.36
CA ILE A 283 -53.88 -38.26 20.53
C ILE A 283 -54.50 -37.15 21.35
N ALA A 284 -54.36 -35.90 20.88
CA ALA A 284 -55.06 -34.79 21.50
C ALA A 284 -56.54 -34.84 21.17
N ARG A 285 -57.38 -34.75 22.21
CA ARG A 285 -58.82 -34.96 22.09
C ARG A 285 -59.63 -33.69 22.20
N GLU A 286 -59.25 -32.78 23.08
CA GLU A 286 -60.02 -31.55 23.26
C GLU A 286 -59.22 -30.41 23.86
N ILE A 287 -59.41 -29.22 23.31
CA ILE A 287 -58.73 -28.03 23.82
C ILE A 287 -59.70 -27.33 24.76
N LEU A 288 -59.32 -27.24 26.05
CA LEU A 288 -60.12 -26.57 27.06
C LEU A 288 -59.69 -25.11 27.14
N ILE A 289 -60.62 -24.19 26.85
CA ILE A 289 -60.29 -22.79 26.71
C ILE A 289 -61.25 -21.94 27.52
N ASP A 290 -60.84 -20.69 27.72
CA ASP A 290 -61.70 -19.64 28.25
C ASP A 290 -61.73 -18.55 27.17
N ARG A 291 -62.83 -18.49 26.43
CA ARG A 291 -62.98 -17.53 25.33
C ARG A 291 -63.75 -16.33 25.85
N ASN A 292 -63.03 -15.28 26.25
CA ASN A 292 -63.63 -14.05 26.77
C ASN A 292 -64.52 -14.34 27.98
N GLY A 293 -63.90 -14.88 29.02
CA GLY A 293 -64.60 -15.24 30.23
C GLY A 293 -65.47 -16.48 30.13
N ASN A 294 -65.85 -16.89 28.92
CA ASN A 294 -66.69 -18.05 28.72
C ASN A 294 -65.84 -19.31 28.59
N ALA A 295 -66.20 -20.35 29.36
CA ALA A 295 -65.50 -21.62 29.28
C ALA A 295 -66.05 -22.45 28.13
N GLU A 296 -65.19 -22.80 27.18
CA GLU A 296 -65.63 -23.54 26.01
C GLU A 296 -64.63 -24.66 25.72
N SER A 297 -64.93 -25.42 24.68
CA SER A 297 -64.08 -26.52 24.36
C SER A 297 -64.08 -26.84 22.88
N ILE A 298 -62.89 -27.11 22.38
CA ILE A 298 -62.65 -27.41 20.97
C ILE A 298 -62.35 -28.90 20.90
N LYS A 299 -63.25 -29.67 20.31
CA LYS A 299 -63.07 -31.11 20.20
C LYS A 299 -62.28 -31.42 18.94
N LEU A 300 -61.31 -32.32 19.06
CA LEU A 300 -60.37 -32.61 17.99
C LEU A 300 -60.52 -34.05 17.54
N THR A 301 -60.33 -34.27 16.25
CA THR A 301 -60.10 -35.60 15.72
C THR A 301 -58.61 -35.80 15.47
N ILE A 302 -58.26 -37.00 15.00
CA ILE A 302 -56.88 -37.28 14.63
C ILE A 302 -56.43 -36.37 13.51
N ASN A 303 -57.36 -35.81 12.75
CA ASN A 303 -57.01 -34.93 11.64
C ASN A 303 -56.92 -33.47 12.06
N ASP A 304 -57.04 -33.18 13.33
CA ASP A 304 -56.92 -31.81 13.85
C ASP A 304 -55.60 -31.74 14.60
N LEU A 305 -54.62 -31.02 14.02
CA LEU A 305 -53.29 -30.92 14.58
C LEU A 305 -53.23 -29.81 15.64
N VAL A 306 -52.48 -30.05 16.70
CA VAL A 306 -52.31 -29.09 17.81
C VAL A 306 -50.83 -28.81 17.97
N PHE A 307 -50.45 -27.53 17.89
CA PHE A 307 -49.08 -27.08 18.04
C PHE A 307 -49.00 -26.24 19.31
N VAL A 308 -48.32 -26.75 20.33
CA VAL A 308 -48.22 -26.09 21.63
C VAL A 308 -46.85 -25.43 21.75
N THR A 309 -46.83 -24.12 21.99
CA THR A 309 -45.59 -23.46 22.39
C THR A 309 -45.52 -23.55 23.92
N ASN A 310 -44.80 -24.56 24.42
CA ASN A 310 -44.79 -24.85 25.86
C ASN A 310 -43.80 -23.93 26.57
N GLY A 311 -44.29 -23.21 27.59
CA GLY A 311 -43.45 -22.32 28.35
C GLY A 311 -43.26 -20.98 27.66
N SER A 312 -42.78 -19.99 28.43
CA SER A 312 -42.56 -18.67 27.87
C SER A 312 -41.59 -17.88 28.73
N ILE A 313 -40.66 -17.18 28.09
CA ILE A 313 -39.74 -16.34 28.85
C ILE A 313 -40.31 -14.96 29.14
N THR A 314 -41.35 -14.54 28.43
CA THR A 314 -41.94 -13.21 28.64
C THR A 314 -43.19 -13.26 29.51
N GLU A 315 -43.67 -14.46 29.84
CA GLU A 315 -44.86 -14.58 30.67
C GLU A 315 -44.71 -13.83 31.98
N SER A 316 -45.80 -13.19 32.42
CA SER A 316 -45.86 -12.54 33.72
C SER A 316 -44.98 -11.32 33.81
N SER A 317 -44.56 -10.78 32.67
CA SER A 317 -43.80 -9.54 32.66
C SER A 317 -44.60 -8.40 33.27
N THR A 318 -43.94 -7.57 34.08
CA THR A 318 -44.53 -6.34 34.60
C THR A 318 -43.73 -5.13 34.14
N TYR A 319 -44.37 -3.96 34.19
CA TYR A 319 -43.79 -2.76 33.61
C TYR A 319 -43.84 -1.63 34.63
N GLY A 320 -42.75 -0.86 34.67
CA GLY A 320 -42.71 0.39 35.43
C GLY A 320 -42.80 1.58 34.50
N ASP A 321 -42.29 2.71 34.99
CA ASP A 321 -42.17 3.90 34.15
C ASP A 321 -41.00 4.73 34.67
N ASN A 322 -40.89 5.96 34.18
CA ASN A 322 -39.71 6.75 34.53
C ASN A 322 -39.56 6.92 36.03
N ASP A 323 -40.67 6.89 36.77
CA ASP A 323 -40.63 7.14 38.21
C ASP A 323 -41.01 5.93 39.07
N THR A 324 -41.30 4.77 38.45
CA THR A 324 -41.82 3.62 39.17
C THR A 324 -41.09 2.35 38.72
N PRO A 325 -40.57 1.56 39.66
CA PRO A 325 -39.99 0.26 39.27
C PRO A 325 -41.06 -0.66 38.71
N ALA A 326 -40.62 -1.59 37.87
CA ALA A 326 -41.49 -2.70 37.47
C ALA A 326 -41.67 -3.63 38.66
N PRO A 327 -42.90 -3.88 39.12
CA PRO A 327 -43.08 -4.64 40.37
C PRO A 327 -42.63 -6.09 40.20
N PRO A 328 -41.69 -6.55 41.02
CA PRO A 328 -41.28 -7.97 40.93
C PRO A 328 -42.46 -8.91 41.12
N THR A 329 -42.37 -10.07 40.48
CA THR A 329 -43.45 -11.04 40.56
C THR A 329 -42.90 -12.45 40.41
N ASP A 330 -43.62 -13.41 41.02
CA ASP A 330 -43.36 -14.83 40.85
C ASP A 330 -44.57 -15.53 40.23
N GLU A 331 -45.52 -14.75 39.71
CA GLU A 331 -46.75 -15.31 39.18
C GLU A 331 -46.49 -16.32 38.07
N LEU A 332 -47.21 -17.43 38.14
CA LEU A 332 -47.28 -18.40 37.05
C LEU A 332 -48.45 -18.01 36.16
N GLY A 333 -48.17 -17.69 34.90
CA GLY A 333 -49.19 -17.31 33.96
C GLY A 333 -49.78 -18.50 33.23
N GLY A 334 -50.51 -18.19 32.14
CA GLY A 334 -51.20 -19.23 31.41
C GLY A 334 -50.27 -20.18 30.68
N SER A 335 -49.14 -19.66 30.19
CA SER A 335 -48.20 -20.52 29.47
C SER A 335 -47.61 -21.58 30.39
N TRP A 336 -47.15 -21.17 31.58
CA TRP A 336 -46.56 -22.15 32.47
C TRP A 336 -47.60 -23.06 33.10
N THR A 337 -48.79 -22.53 33.39
CA THR A 337 -49.87 -23.39 33.89
C THR A 337 -50.24 -24.45 32.85
N LEU A 338 -50.31 -24.07 31.57
CA LEU A 338 -50.67 -25.03 30.53
C LEU A 338 -49.64 -26.13 30.39
N TRP A 339 -48.35 -25.78 30.40
CA TRP A 339 -47.32 -26.82 30.30
C TRP A 339 -47.38 -27.74 31.51
N LYS A 340 -47.61 -27.18 32.70
CA LYS A 340 -47.78 -28.02 33.87
C LYS A 340 -48.95 -28.99 33.69
N ASN A 341 -50.04 -28.51 33.09
CA ASN A 341 -51.22 -29.35 32.90
C ASN A 341 -50.97 -30.43 31.84
N LEU A 342 -50.13 -30.14 30.84
CA LEU A 342 -49.76 -31.17 29.89
C LEU A 342 -48.79 -32.16 30.51
N ALA A 343 -47.81 -31.68 31.28
CA ALA A 343 -46.85 -32.59 31.88
C ALA A 343 -47.49 -33.57 32.85
N ARG A 344 -48.65 -33.22 33.42
CA ARG A 344 -49.39 -34.10 34.31
C ARG A 344 -49.94 -35.31 33.56
N GLN A 345 -49.94 -35.28 32.22
CA GLN A 345 -50.52 -36.35 31.43
C GLN A 345 -49.46 -37.28 30.85
N SER A 346 -48.20 -36.88 30.85
CA SER A 346 -47.15 -37.81 30.45
C SER A 346 -45.80 -37.18 30.74
N PRO A 347 -44.84 -37.92 31.31
CA PRO A 347 -43.49 -37.37 31.46
C PRO A 347 -42.83 -37.11 30.11
N GLU A 348 -43.35 -37.70 29.03
CA GLU A 348 -42.87 -37.39 27.69
C GLU A 348 -43.22 -35.97 27.25
N PHE A 349 -44.04 -35.25 28.03
CA PHE A 349 -44.39 -33.89 27.69
C PHE A 349 -43.53 -32.88 28.41
N GLY A 350 -42.51 -33.33 29.13
CA GLY A 350 -41.50 -32.45 29.69
C GLY A 350 -41.71 -32.16 31.16
N ASN A 351 -40.83 -31.31 31.70
CA ASN A 351 -40.73 -31.04 33.13
C ASN A 351 -40.63 -29.53 33.32
N PRO A 352 -41.75 -28.81 33.24
CA PRO A 352 -41.65 -27.33 33.28
C PRO A 352 -41.01 -26.80 34.54
N ASP A 353 -41.14 -27.50 35.67
CA ASP A 353 -40.65 -26.97 36.94
C ASP A 353 -39.14 -26.76 36.93
N LYS A 354 -38.42 -27.54 36.09
CA LYS A 354 -36.98 -27.33 35.97
C LYS A 354 -36.67 -25.94 35.47
N PHE A 355 -37.59 -25.35 34.71
CA PHE A 355 -37.35 -24.09 34.04
C PHE A 355 -38.02 -22.90 34.70
N CYS A 356 -39.15 -23.08 35.39
CA CYS A 356 -39.88 -21.94 35.96
C CYS A 356 -39.89 -21.90 37.48
N GLN A 357 -39.22 -22.85 38.14
CA GLN A 357 -39.15 -22.86 39.59
C GLN A 357 -37.70 -22.73 40.05
N ASN A 358 -37.52 -22.19 41.24
CA ASN A 358 -36.20 -22.12 41.86
C ASN A 358 -35.22 -21.30 41.02
N ILE A 359 -35.73 -20.25 40.37
CA ILE A 359 -34.85 -19.36 39.60
C ILE A 359 -34.12 -18.46 40.60
N PRO A 360 -32.79 -18.49 40.63
CA PRO A 360 -32.06 -17.70 41.64
C PRO A 360 -32.41 -16.22 41.56
N LYS A 361 -32.44 -15.57 42.74
CA LYS A 361 -32.83 -14.17 42.79
C LYS A 361 -31.75 -13.24 42.23
N LYS A 362 -30.53 -13.73 42.03
CA LYS A 362 -29.52 -12.94 41.34
C LYS A 362 -29.74 -12.90 39.83
N SER A 363 -30.61 -13.78 39.29
CA SER A 363 -30.79 -13.88 37.84
C SER A 363 -31.22 -12.55 37.23
N TRP A 364 -30.84 -12.38 35.97
CA TRP A 364 -31.41 -11.32 35.14
C TRP A 364 -32.93 -11.37 35.21
N PHE A 365 -33.55 -10.25 35.58
CA PHE A 365 -34.99 -10.02 35.52
C PHE A 365 -35.35 -8.74 34.78
N VAL A 366 -34.56 -7.68 34.92
CA VAL A 366 -34.97 -6.35 34.50
C VAL A 366 -34.21 -5.95 33.23
N SER A 367 -34.95 -5.43 32.27
CA SER A 367 -34.41 -4.70 31.14
C SER A 367 -35.11 -3.35 31.08
N ALA A 368 -34.47 -2.38 30.46
CA ALA A 368 -35.06 -1.06 30.37
C ALA A 368 -34.80 -0.47 29.00
N THR A 369 -35.76 0.32 28.52
CA THR A 369 -35.61 1.06 27.28
C THR A 369 -35.59 2.54 27.63
N SER A 370 -34.47 3.20 27.35
CA SER A 370 -34.27 4.61 27.69
C SER A 370 -34.30 5.42 26.40
N THR A 371 -35.30 6.28 26.27
CA THR A 371 -35.50 7.09 25.07
C THR A 371 -35.17 8.55 25.36
N THR A 372 -34.40 9.17 24.48
CA THR A 372 -34.03 10.57 24.68
C THR A 372 -33.83 11.26 23.34
N ASN A 373 -34.05 12.56 23.33
CA ASN A 373 -33.61 13.41 22.23
C ASN A 373 -32.49 14.36 22.68
N ASN A 374 -31.96 14.17 23.88
CA ASN A 374 -31.01 15.08 24.48
C ASN A 374 -29.62 14.93 23.88
N LYS A 375 -29.05 16.06 23.44
CA LYS A 375 -27.76 16.05 22.73
C LYS A 375 -26.60 15.65 23.64
N GLU A 376 -26.66 16.02 24.92
CA GLU A 376 -25.56 15.66 25.82
C GLU A 376 -25.43 14.14 25.93
N ILE A 377 -26.57 13.47 26.16
CA ILE A 377 -26.55 12.01 26.22
C ILE A 377 -26.11 11.43 24.88
N ILE A 378 -26.73 11.88 23.79
CA ILE A 378 -26.43 11.31 22.47
C ILE A 378 -24.97 11.55 22.12
N ASP A 379 -24.45 12.74 22.44
CA ASP A 379 -23.04 13.02 22.18
C ASP A 379 -22.12 12.15 23.03
N THR A 380 -22.52 11.87 24.27
CA THR A 380 -21.71 10.99 25.11
C THR A 380 -21.65 9.59 24.53
N ILE A 381 -22.79 9.10 24.05
CA ILE A 381 -22.81 7.81 23.37
C ILE A 381 -21.90 7.83 22.15
N GLU A 382 -22.03 8.86 21.31
CA GLU A 382 -21.16 8.94 20.13
C GLU A 382 -19.69 8.91 20.51
N SER A 383 -19.32 9.57 21.60
CA SER A 383 -17.92 9.60 22.01
C SER A 383 -17.41 8.21 22.38
N ILE A 384 -18.28 7.31 22.80
CA ILE A 384 -17.88 5.94 23.16
C ILE A 384 -17.97 5.00 21.98
N CYS A 385 -19.09 5.01 21.25
CA CYS A 385 -19.27 4.04 20.18
C CYS A 385 -18.69 4.48 18.86
N LYS A 386 -18.31 5.76 18.72
CA LYS A 386 -17.62 6.34 17.57
C LYS A 386 -18.53 6.59 16.36
N ARG A 387 -19.85 6.42 16.51
CA ARG A 387 -20.80 6.66 15.44
C ARG A 387 -21.91 7.58 15.90
N ASP A 388 -22.49 8.32 14.96
CA ASP A 388 -23.62 9.18 15.23
C ASP A 388 -24.88 8.35 15.49
N PRO A 389 -25.43 8.37 16.70
CA PRO A 389 -26.62 7.53 16.95
C PRO A 389 -27.81 7.90 16.09
N LEU A 390 -27.89 9.14 15.60
CA LEU A 390 -29.02 9.59 14.82
C LEU A 390 -28.84 9.40 13.31
N ALA A 391 -27.74 8.79 12.88
CA ALA A 391 -27.47 8.72 11.45
C ALA A 391 -28.34 7.70 10.72
N GLY A 392 -28.98 6.77 11.44
CA GLY A 392 -29.79 5.76 10.80
C GLY A 392 -29.04 4.50 10.41
N LYS A 393 -27.76 4.41 10.74
CA LYS A 393 -27.00 3.19 10.51
C LYS A 393 -26.66 2.56 11.85
N THR A 394 -25.79 1.55 11.80
CA THR A 394 -25.29 0.90 13.01
C THR A 394 -24.81 1.95 14.01
N VAL A 395 -25.08 1.71 15.29
CA VAL A 395 -24.64 2.65 16.33
C VAL A 395 -23.62 1.98 17.23
N THR A 396 -24.06 1.10 18.13
CA THR A 396 -23.11 0.35 18.93
C THR A 396 -22.75 -1.00 18.31
N GLY A 397 -23.48 -1.45 17.29
CA GLY A 397 -23.17 -2.72 16.65
C GLY A 397 -23.41 -3.92 17.55
N GLY A 398 -24.31 -3.80 18.50
CA GLY A 398 -24.49 -4.77 19.57
C GLY A 398 -24.17 -4.17 20.92
N ILE A 399 -24.36 -4.98 21.96
CA ILE A 399 -24.24 -4.45 23.31
C ILE A 399 -22.83 -3.92 23.56
N ILE A 400 -22.76 -2.88 24.38
CA ILE A 400 -21.53 -2.49 25.07
C ILE A 400 -21.66 -2.98 26.50
N THR A 401 -20.65 -3.68 26.99
CA THR A 401 -20.66 -4.21 28.35
C THR A 401 -19.85 -3.31 29.27
N ILE A 402 -20.43 -2.98 30.43
CA ILE A 402 -19.73 -2.25 31.47
C ILE A 402 -19.11 -3.29 32.40
N ASN A 403 -17.82 -3.56 32.17
CA ASN A 403 -17.18 -4.70 32.81
C ASN A 403 -17.14 -4.58 34.32
N ASP A 404 -16.96 -3.36 34.84
CA ASP A 404 -16.81 -3.17 36.27
C ASP A 404 -18.09 -2.70 36.94
N SER A 405 -19.24 -2.85 36.29
CA SER A 405 -20.51 -2.48 36.91
C SER A 405 -20.96 -3.57 37.87
N ALA A 406 -21.42 -3.15 39.05
CA ALA A 406 -21.91 -4.11 40.04
C ALA A 406 -23.05 -4.95 39.47
N TRP A 407 -23.95 -4.32 38.71
CA TRP A 407 -25.07 -5.01 38.10
C TRP A 407 -24.66 -5.92 36.95
N GLN A 408 -23.43 -5.81 36.48
CA GLN A 408 -23.02 -6.44 35.22
C GLN A 408 -24.00 -6.07 34.10
N MET A 409 -24.06 -4.76 33.87
CA MET A 409 -24.95 -4.12 32.92
C MET A 409 -24.31 -4.04 31.55
N SER A 410 -25.12 -4.29 30.52
CA SER A 410 -24.76 -3.98 29.14
C SER A 410 -25.89 -3.19 28.51
N PHE A 411 -25.58 -2.51 27.40
CA PHE A 411 -26.59 -1.71 26.69
C PHE A 411 -26.27 -1.69 25.21
N THR A 412 -27.31 -1.52 24.40
CA THR A 412 -27.13 -1.44 22.96
C THR A 412 -28.03 -0.38 22.37
N ILE A 413 -27.58 0.17 21.24
CA ILE A 413 -28.37 1.06 20.43
C ILE A 413 -28.32 0.51 19.01
N ASN A 414 -29.46 0.03 18.53
CA ASN A 414 -29.56 -0.47 17.17
C ASN A 414 -29.66 0.70 16.20
N ARG A 415 -29.76 0.39 14.90
CA ARG A 415 -30.06 1.43 13.91
C ARG A 415 -31.32 2.18 14.34
N GLN A 416 -31.27 3.51 14.28
CA GLN A 416 -32.35 4.37 14.76
C GLN A 416 -33.05 5.03 13.58
N GLN A 417 -34.37 5.22 13.70
CA GLN A 417 -35.14 4.74 14.84
C GLN A 417 -35.66 3.32 14.60
N GLN A 418 -35.85 2.56 15.68
CA GLN A 418 -36.28 1.17 15.64
C GLN A 418 -37.79 1.01 15.56
N PHE A 419 -38.53 2.11 15.63
CA PHE A 419 -39.97 2.15 15.44
C PHE A 419 -40.25 3.16 14.33
N LYS A 420 -41.04 2.75 13.34
CA LYS A 420 -41.12 3.59 12.14
C LYS A 420 -41.84 4.91 12.40
N ASP A 421 -42.65 5.00 13.45
CA ASP A 421 -43.34 6.26 13.76
C ASP A 421 -42.65 7.03 14.90
N GLN A 422 -41.39 6.73 15.17
CA GLN A 422 -40.72 7.49 16.23
C GLN A 422 -40.10 8.76 15.66
N PRO A 423 -40.11 9.86 16.41
CA PRO A 423 -39.48 11.10 15.92
C PRO A 423 -38.02 10.86 15.55
N GLU A 424 -37.59 11.52 14.48
CA GLU A 424 -36.25 11.36 13.93
C GLU A 424 -35.15 11.96 14.77
N ASN A 425 -35.47 12.72 15.82
CA ASN A 425 -34.42 13.25 16.71
C ASN A 425 -34.28 12.44 17.99
N GLU A 426 -34.91 11.26 18.07
CA GLU A 426 -34.90 10.44 19.27
C GLU A 426 -34.07 9.18 19.06
N ILE A 427 -33.46 8.71 20.15
CA ILE A 427 -32.90 7.36 20.18
C ILE A 427 -33.53 6.59 21.33
N SER A 428 -33.58 5.27 21.18
CA SER A 428 -33.98 4.39 22.27
C SER A 428 -32.83 3.42 22.52
N THR A 429 -32.37 3.38 23.77
CA THR A 429 -31.28 2.52 24.21
C THR A 429 -31.86 1.38 25.04
N TRP A 430 -31.42 0.16 24.75
CA TRP A 430 -31.83 -1.01 25.52
C TRP A 430 -30.74 -1.38 26.54
N ILE A 431 -31.13 -1.56 27.80
CA ILE A 431 -30.23 -1.80 28.91
C ILE A 431 -30.66 -3.07 29.63
N TYR A 432 -29.68 -3.89 30.03
CA TYR A 432 -30.03 -5.03 30.89
C TYR A 432 -28.92 -5.31 31.88
N ALA A 433 -29.29 -6.01 32.96
CA ALA A 433 -28.37 -6.30 34.06
C ALA A 433 -28.39 -7.79 34.32
N LEU A 434 -27.21 -8.42 34.31
CA LEU A 434 -27.16 -9.85 34.60
C LEU A 434 -27.35 -10.16 36.09
N TYR A 435 -27.02 -9.23 36.99
CA TYR A 435 -27.14 -9.45 38.43
C TYR A 435 -28.26 -8.58 38.99
N SER A 436 -29.27 -9.19 39.61
CA SER A 436 -30.45 -8.46 40.05
C SER A 436 -30.50 -8.16 41.54
N ASP A 437 -29.57 -8.69 42.35
CA ASP A 437 -29.67 -8.59 43.81
C ASP A 437 -28.44 -7.91 44.42
N VAL A 438 -27.82 -6.99 43.69
CA VAL A 438 -26.59 -6.31 44.13
C VAL A 438 -26.78 -4.80 43.95
N ASN A 439 -26.37 -4.03 44.95
CA ASN A 439 -26.46 -2.59 44.85
C ASN A 439 -25.65 -2.07 43.67
N GLY A 440 -26.19 -1.08 42.97
CA GLY A 440 -25.47 -0.41 41.92
C GLY A 440 -24.34 0.45 42.45
N ASP A 441 -23.50 0.93 41.53
CA ASP A 441 -22.33 1.72 41.89
C ASP A 441 -22.66 3.18 42.15
N TYR A 442 -23.68 3.71 41.47
CA TYR A 442 -24.13 5.08 41.64
C TYR A 442 -25.48 5.14 42.35
N ILE A 443 -26.46 4.39 41.85
CA ILE A 443 -27.71 4.16 42.58
C ILE A 443 -27.50 2.90 43.42
N LYS A 444 -27.35 3.08 44.74
CA LYS A 444 -26.88 2.00 45.59
C LYS A 444 -28.01 1.05 45.97
N LYS A 445 -28.68 0.48 44.97
CA LYS A 445 -29.81 -0.40 45.15
C LYS A 445 -29.78 -1.48 44.09
N PRO A 446 -30.33 -2.65 44.37
CA PRO A 446 -30.51 -3.65 43.30
C PRO A 446 -31.39 -3.09 42.20
N ILE A 447 -31.16 -3.57 40.97
CA ILE A 447 -31.92 -3.03 39.84
C ILE A 447 -33.42 -3.28 40.02
N THR A 448 -33.79 -4.34 40.73
CA THR A 448 -35.21 -4.64 40.88
C THR A 448 -35.94 -3.60 41.73
N GLU A 449 -35.19 -2.77 42.46
CA GLU A 449 -35.79 -1.73 43.28
C GLU A 449 -35.78 -0.36 42.59
N CYS A 450 -35.39 -0.30 41.32
CA CYS A 450 -35.09 0.96 40.66
C CYS A 450 -36.19 1.34 39.69
N SER A 451 -36.55 2.63 39.72
CA SER A 451 -37.40 3.20 38.69
C SER A 451 -36.64 3.26 37.36
N GLY A 452 -37.38 3.62 36.31
CA GLY A 452 -36.73 3.87 35.03
C GLY A 452 -35.64 4.91 35.13
N ASN A 453 -35.92 6.04 35.80
CA ASN A 453 -34.89 7.07 35.84
C ASN A 453 -33.70 6.63 36.68
N GLU A 454 -33.89 5.76 37.68
CA GLU A 454 -32.75 5.32 38.46
C GLU A 454 -31.84 4.38 37.65
N ILE A 455 -32.45 3.49 36.87
CA ILE A 455 -31.65 2.66 35.96
C ILE A 455 -30.87 3.54 35.00
N CYS A 456 -31.54 4.53 34.41
CA CYS A 456 -30.86 5.48 33.51
C CYS A 456 -29.72 6.20 34.22
N GLN A 457 -29.91 6.59 35.49
CA GLN A 457 -28.84 7.28 36.19
C GLN A 457 -27.64 6.37 36.37
N GLU A 458 -27.86 5.13 36.78
CA GLU A 458 -26.75 4.18 36.91
C GLU A 458 -26.04 4.03 35.58
N TRP A 459 -26.80 3.92 34.49
CA TRP A 459 -26.22 3.79 33.16
C TRP A 459 -25.40 5.02 32.78
N LEU A 460 -25.97 6.22 33.01
CA LEU A 460 -25.27 7.46 32.66
C LEU A 460 -23.98 7.61 33.46
N TYR A 461 -23.99 7.18 34.73
CA TYR A 461 -22.76 7.21 35.51
C TYR A 461 -21.66 6.42 34.82
N HIS A 462 -21.99 5.21 34.36
CA HIS A 462 -21.00 4.35 33.73
C HIS A 462 -20.61 4.83 32.34
N LEU A 463 -21.39 5.72 31.72
CA LEU A 463 -20.92 6.37 30.50
C LEU A 463 -19.91 7.48 30.75
N GLY A 464 -19.70 7.87 32.01
CA GLY A 464 -18.83 9.00 32.30
C GLY A 464 -19.52 10.34 32.32
N VAL A 465 -20.85 10.38 32.34
CA VAL A 465 -21.54 11.65 32.43
C VAL A 465 -21.19 12.30 33.76
N SER A 466 -20.99 13.62 33.73
CA SER A 466 -20.63 14.34 34.95
C SER A 466 -21.72 14.15 35.98
N THR A 467 -21.32 13.79 37.20
CA THR A 467 -22.30 13.37 38.21
C THR A 467 -23.27 14.47 38.60
N ASP A 468 -22.92 15.75 38.39
CA ASP A 468 -23.84 16.84 38.70
C ASP A 468 -24.91 17.02 37.64
N LYS A 469 -24.83 16.28 36.53
CA LYS A 469 -25.84 16.34 35.48
C LYS A 469 -26.70 15.09 35.40
N ILE A 470 -26.26 13.99 36.04
CA ILE A 470 -26.90 12.68 35.82
C ILE A 470 -28.38 12.72 36.20
N GLU A 471 -28.69 13.30 37.37
CA GLU A 471 -30.07 13.24 37.85
C GLU A 471 -31.03 13.93 36.88
N ASP A 472 -30.68 15.16 36.45
CA ASP A 472 -31.59 15.89 35.57
C ASP A 472 -31.64 15.27 34.18
N LEU A 473 -30.53 14.74 33.69
CA LEU A 473 -30.57 14.12 32.36
C LEU A 473 -31.42 12.86 32.37
N ALA A 474 -31.44 12.13 33.49
CA ALA A 474 -32.24 10.93 33.57
C ALA A 474 -33.70 11.25 33.84
N LYS A 475 -33.98 12.16 34.79
CA LYS A 475 -35.36 12.42 35.18
C LYS A 475 -36.10 13.29 34.16
N HIS A 476 -35.45 14.32 33.62
CA HIS A 476 -36.16 15.30 32.80
C HIS A 476 -35.80 15.27 31.32
N ALA A 477 -34.66 14.67 30.94
CA ALA A 477 -34.27 14.64 29.54
C ALA A 477 -34.46 13.28 28.90
N SER A 478 -34.84 12.26 29.67
CA SER A 478 -35.01 10.90 29.17
C SER A 478 -36.32 10.34 29.70
N ASN A 479 -36.82 9.32 29.00
CA ASN A 479 -37.98 8.55 29.46
C ASN A 479 -37.58 7.08 29.40
N THR A 480 -37.50 6.44 30.56
CA THR A 480 -37.00 5.07 30.65
C THR A 480 -38.06 4.15 31.22
N ILE A 481 -38.38 3.09 30.47
CA ILE A 481 -39.40 2.12 30.87
C ILE A 481 -38.70 0.84 31.28
N PRO A 482 -38.76 0.44 32.55
CA PRO A 482 -38.21 -0.85 32.95
C PRO A 482 -39.24 -1.96 32.82
N VAL A 483 -38.75 -3.18 32.64
CA VAL A 483 -39.63 -4.34 32.55
C VAL A 483 -39.03 -5.44 33.43
N TYR A 484 -39.87 -6.07 34.24
CA TYR A 484 -39.46 -7.17 35.09
C TYR A 484 -40.00 -8.45 34.47
N MET A 485 -39.10 -9.39 34.18
CA MET A 485 -39.44 -10.64 33.49
C MET A 485 -39.01 -11.80 34.36
N PRO A 486 -39.90 -12.40 35.15
CA PRO A 486 -39.45 -13.47 36.05
C PRO A 486 -38.76 -14.63 35.33
N TYR A 487 -39.11 -14.89 34.07
CA TYR A 487 -38.64 -16.07 33.37
C TYR A 487 -37.67 -15.77 32.24
N ILE A 488 -37.07 -14.57 32.22
CA ILE A 488 -36.27 -14.23 31.05
C ILE A 488 -35.05 -15.16 30.91
N THR A 489 -34.55 -15.71 32.02
CA THR A 489 -33.42 -16.64 31.97
C THR A 489 -33.85 -18.11 31.90
N SER A 490 -35.14 -18.38 31.71
CA SER A 490 -35.67 -19.74 31.89
C SER A 490 -35.14 -20.72 30.84
N TYR A 491 -34.84 -20.26 29.62
CA TYR A 491 -34.36 -21.17 28.59
C TYR A 491 -33.09 -21.90 29.02
N PHE A 492 -32.25 -21.25 29.81
CA PHE A 492 -30.90 -21.71 30.13
C PHE A 492 -30.80 -22.47 31.45
N MET A 493 -31.90 -22.68 32.17
CA MET A 493 -31.82 -23.36 33.47
C MET A 493 -31.24 -24.76 33.30
N THR A 494 -30.47 -25.20 34.31
CA THR A 494 -29.89 -26.54 34.26
C THR A 494 -30.98 -27.56 33.99
N ARG A 495 -30.70 -28.48 33.07
CA ARG A 495 -31.72 -29.42 32.62
C ARG A 495 -31.09 -30.78 32.36
N ALA A 496 -31.97 -31.78 32.26
CA ALA A 496 -31.62 -33.14 31.95
C ALA A 496 -32.34 -33.56 30.67
N ILE A 497 -31.72 -34.48 29.92
CA ILE A 497 -32.44 -35.09 28.80
C ILE A 497 -33.79 -35.58 29.29
N GLY A 498 -34.85 -35.21 28.58
CA GLY A 498 -36.20 -35.55 28.97
C GLY A 498 -36.99 -34.41 29.58
N ASP A 499 -36.33 -33.35 30.04
CA ASP A 499 -37.05 -32.22 30.60
C ASP A 499 -37.80 -31.43 29.54
N ARG A 500 -37.37 -31.52 28.28
CA ARG A 500 -38.03 -30.87 27.17
C ARG A 500 -38.71 -31.92 26.31
N PRO A 501 -39.97 -31.71 25.91
CA PRO A 501 -40.63 -32.68 25.04
C PRO A 501 -40.01 -32.66 23.65
N LEU A 502 -39.94 -33.84 23.03
CA LEU A 502 -39.64 -33.88 21.61
C LEU A 502 -40.66 -33.03 20.86
N VAL A 503 -40.23 -32.46 19.73
CA VAL A 503 -41.15 -31.69 18.89
C VAL A 503 -42.38 -32.52 18.56
N VAL A 504 -42.19 -33.77 18.15
CA VAL A 504 -43.29 -34.72 18.04
C VAL A 504 -43.00 -35.90 18.95
N PRO A 505 -43.65 -35.96 20.11
CA PRO A 505 -43.39 -37.07 21.04
C PRO A 505 -43.69 -38.42 20.40
N HIS A 506 -43.04 -39.45 20.94
CA HIS A 506 -43.16 -40.81 20.43
C HIS A 506 -44.63 -41.21 20.37
N GLN A 507 -45.06 -41.67 19.19
CA GLN A 507 -46.42 -42.15 18.90
C GLN A 507 -47.45 -41.03 18.86
N SER A 508 -47.03 -39.75 18.95
CA SER A 508 -48.00 -38.67 18.81
C SER A 508 -48.58 -38.62 17.41
N GLN A 509 -49.91 -38.60 17.33
CA GLN A 509 -50.60 -38.58 16.05
C GLN A 509 -50.94 -37.16 15.59
N ASN A 510 -51.25 -36.26 16.52
CA ASN A 510 -51.72 -34.94 16.12
C ASN A 510 -51.26 -33.84 17.09
N LEU A 511 -50.22 -34.09 17.87
CA LEU A 511 -49.76 -33.15 18.89
C LEU A 511 -48.28 -32.90 18.71
N ALA A 512 -47.88 -31.62 18.68
CA ALA A 512 -46.49 -31.24 18.58
C ALA A 512 -46.20 -30.14 19.58
N PHE A 513 -44.93 -30.06 19.97
CA PHE A 513 -44.41 -28.99 20.82
C PHE A 513 -43.38 -28.17 20.03
N ILE A 514 -43.51 -26.84 20.07
CA ILE A 514 -42.64 -25.98 19.28
C ILE A 514 -42.13 -24.87 20.20
N GLY A 515 -41.11 -24.17 19.74
CA GLY A 515 -40.53 -23.11 20.56
C GLY A 515 -39.30 -23.57 21.31
N ASN A 516 -38.79 -22.65 22.14
CA ASN A 516 -37.49 -22.80 22.76
C ASN A 516 -37.49 -23.62 24.05
N PHE A 517 -38.60 -24.29 24.39
CA PHE A 517 -38.59 -25.32 25.42
C PHE A 517 -38.92 -26.70 24.86
N ALA A 518 -38.93 -26.85 23.54
CA ALA A 518 -39.03 -28.16 22.91
C ALA A 518 -37.63 -28.67 22.58
N GLU A 519 -37.54 -29.96 22.28
CA GLU A 519 -36.27 -30.67 22.16
C GLU A 519 -36.01 -31.07 20.71
N THR A 520 -34.82 -30.72 20.21
CA THR A 520 -34.31 -31.17 18.92
C THR A 520 -32.79 -31.18 19.00
N GLU A 521 -32.14 -31.92 18.11
CA GLU A 521 -30.70 -32.13 18.22
C GLU A 521 -29.92 -30.86 17.93
N ARG A 522 -28.81 -30.75 18.64
CA ARG A 522 -27.77 -29.71 18.55
C ARG A 522 -28.09 -28.22 18.44
N ASP A 523 -29.31 -27.83 18.10
CA ASP A 523 -29.53 -26.39 17.95
C ASP A 523 -29.67 -25.72 19.31
N THR A 524 -29.52 -24.39 19.30
CA THR A 524 -29.40 -23.58 20.50
C THR A 524 -30.67 -22.80 20.76
N VAL A 525 -31.12 -22.79 22.02
CA VAL A 525 -32.32 -22.04 22.39
C VAL A 525 -31.94 -20.60 22.71
N PHE A 526 -32.95 -19.79 23.02
CA PHE A 526 -32.82 -18.35 23.03
C PHE A 526 -32.46 -17.82 21.64
N THR A 527 -32.88 -18.49 20.57
CA THR A 527 -32.69 -17.96 19.22
C THR A 527 -33.99 -18.06 18.43
N THR A 528 -34.16 -17.11 17.50
CA THR A 528 -35.32 -17.18 16.61
C THR A 528 -35.21 -18.36 15.67
N GLU A 529 -33.99 -18.78 15.34
CA GLU A 529 -33.82 -19.97 14.50
C GLU A 529 -34.45 -21.20 15.17
N TYR A 530 -34.27 -21.35 16.48
CA TYR A 530 -34.84 -22.51 17.16
C TYR A 530 -36.36 -22.51 17.07
N SER A 531 -36.97 -21.33 17.17
CA SER A 531 -38.41 -21.21 16.98
C SER A 531 -38.83 -21.69 15.60
N VAL A 532 -38.12 -21.25 14.55
CA VAL A 532 -38.52 -21.65 13.19
C VAL A 532 -38.21 -23.13 12.97
N ARG A 533 -37.09 -23.61 13.49
CA ARG A 533 -36.73 -25.01 13.28
C ARG A 533 -37.78 -25.94 13.88
N THR A 534 -38.14 -25.73 15.14
CA THR A 534 -39.13 -26.59 15.78
C THR A 534 -40.46 -26.52 15.04
N ALA A 535 -40.87 -25.32 14.62
CA ALA A 535 -42.10 -25.18 13.83
C ALA A 535 -42.03 -26.02 12.56
N MET A 536 -40.93 -25.90 11.82
CA MET A 536 -40.78 -26.64 10.57
C MET A 536 -40.77 -28.13 10.82
N GLU A 537 -40.01 -28.57 11.84
CA GLU A 537 -39.96 -30.00 12.13
C GLU A 537 -41.32 -30.52 12.58
N ALA A 538 -42.08 -29.72 13.34
CA ALA A 538 -43.40 -30.17 13.76
C ALA A 538 -44.33 -30.33 12.56
N VAL A 539 -44.39 -29.32 11.69
CA VAL A 539 -45.31 -29.38 10.55
C VAL A 539 -44.91 -30.53 9.61
N TYR A 540 -43.61 -30.66 9.33
CA TYR A 540 -43.15 -31.70 8.41
C TYR A 540 -43.45 -33.10 8.95
N GLN A 541 -43.25 -33.30 10.25
CA GLN A 541 -43.47 -34.61 10.85
C GLN A 541 -44.95 -34.96 10.93
N LEU A 542 -45.79 -34.02 11.39
CA LEU A 542 -47.21 -34.32 11.54
C LEU A 542 -47.89 -34.52 10.19
N LEU A 543 -47.45 -33.80 9.16
CA LEU A 543 -48.04 -33.93 7.83
C LEU A 543 -47.26 -34.88 6.92
N ASN A 544 -46.15 -35.44 7.38
CA ASN A 544 -45.30 -36.31 6.58
C ASN A 544 -44.93 -35.66 5.24
N ILE A 545 -44.34 -34.49 5.34
CA ILE A 545 -43.98 -33.72 4.16
C ILE A 545 -42.69 -34.29 3.58
N ASP A 546 -42.67 -34.48 2.26
CA ASP A 546 -41.62 -35.23 1.58
C ASP A 546 -40.55 -34.25 1.04
N ARG A 547 -39.83 -33.64 1.99
CA ARG A 547 -38.74 -32.73 1.69
C ARG A 547 -37.83 -32.68 2.91
N GLY A 548 -36.53 -32.52 2.70
CA GLY A 548 -35.61 -32.50 3.82
C GLY A 548 -35.70 -31.23 4.64
N ILE A 549 -35.42 -31.36 5.93
CA ILE A 549 -35.20 -30.23 6.84
C ILE A 549 -33.70 -29.96 6.89
N PRO A 550 -33.24 -28.71 6.74
CA PRO A 550 -31.81 -28.46 6.82
C PRO A 550 -31.30 -28.77 8.22
N GLU A 551 -30.22 -29.55 8.28
CA GLU A 551 -29.61 -29.84 9.58
C GLU A 551 -29.04 -28.57 10.18
N VAL A 552 -28.83 -28.58 11.50
CA VAL A 552 -28.02 -27.52 12.10
C VAL A 552 -26.69 -27.49 11.37
N ILE A 553 -26.22 -26.28 11.05
CA ILE A 553 -25.07 -26.16 10.14
C ILE A 553 -23.92 -27.03 10.63
N ASN A 554 -23.23 -27.68 9.69
CA ASN A 554 -22.24 -28.70 10.03
C ASN A 554 -20.90 -28.13 10.48
N SER A 555 -20.83 -26.90 10.99
CA SER A 555 -19.53 -26.28 11.21
C SER A 555 -18.67 -27.01 12.26
N PRO A 556 -19.21 -27.59 13.34
CA PRO A 556 -18.32 -28.28 14.30
C PRO A 556 -17.73 -29.58 13.76
N PHE A 557 -18.18 -30.07 12.61
CA PHE A 557 -17.59 -31.24 11.98
C PHE A 557 -16.66 -30.88 10.83
N ASP A 558 -16.53 -29.60 10.52
CA ASP A 558 -15.76 -29.13 9.38
C ASP A 558 -14.33 -28.85 9.82
N LEU A 559 -13.38 -29.63 9.31
CA LEU A 559 -11.98 -29.51 9.71
C LEU A 559 -11.42 -28.12 9.49
N ARG A 560 -11.86 -27.43 8.43
CA ARG A 560 -11.39 -26.08 8.18
C ARG A 560 -11.85 -25.14 9.29
N VAL A 561 -13.10 -25.28 9.70
CA VAL A 561 -13.65 -24.43 10.76
C VAL A 561 -12.95 -24.71 12.08
N LEU A 562 -12.65 -25.99 12.35
CA LEU A 562 -11.98 -26.35 13.59
C LEU A 562 -10.57 -25.80 13.64
N MET A 563 -9.86 -25.81 12.50
CA MET A 563 -8.54 -25.19 12.45
C MET A 563 -8.64 -23.71 12.78
N ASP A 564 -9.59 -23.00 12.15
CA ASP A 564 -9.78 -21.59 12.48
C ASP A 564 -10.04 -21.41 13.97
N ALA A 565 -10.84 -22.28 14.57
CA ALA A 565 -11.19 -22.12 15.97
C ALA A 565 -9.96 -22.24 16.86
N ILE A 566 -9.09 -23.23 16.60
CA ILE A 566 -7.86 -23.34 17.38
C ILE A 566 -7.04 -22.06 17.25
N TYR A 567 -6.91 -21.54 16.04
CA TYR A 567 -6.12 -20.33 15.82
C TYR A 567 -6.73 -19.14 16.54
N GLU A 568 -8.06 -19.01 16.48
CA GLU A 568 -8.71 -17.87 17.11
C GLU A 568 -8.69 -17.99 18.64
N LEU A 569 -8.97 -19.18 19.17
CA LEU A 569 -9.00 -19.34 20.62
C LEU A 569 -7.65 -19.03 21.25
N ASN A 570 -6.57 -19.36 20.54
CA ASN A 570 -5.21 -19.11 21.03
C ASN A 570 -4.72 -17.72 20.66
N ASP A 571 -5.63 -16.75 20.55
CA ASP A 571 -5.35 -15.36 20.18
C ASP A 571 -4.32 -15.28 19.05
N HIS A 572 -4.57 -16.04 17.99
CA HIS A 572 -3.84 -15.91 16.72
C HIS A 572 -2.39 -16.37 16.83
N GLN A 573 -2.18 -17.52 17.46
CA GLN A 573 -0.86 -18.13 17.53
C GLN A 573 -0.85 -19.42 16.72
N ASP A 574 0.25 -19.65 15.99
CA ASP A 574 0.39 -20.89 15.26
C ASP A 574 0.75 -22.03 16.20
N LEU A 575 0.86 -23.24 15.65
CA LEU A 575 1.06 -24.43 16.48
C LEU A 575 2.41 -24.43 17.17
N ARG A 576 3.43 -23.82 16.57
CA ARG A 576 4.72 -23.75 17.22
C ARG A 576 4.67 -22.85 18.44
N GLU A 577 4.02 -21.69 18.31
CA GLU A 577 3.89 -20.77 19.44
C GLU A 577 2.99 -21.33 20.53
N ILE A 578 1.95 -22.07 20.15
CA ILE A 578 1.06 -22.68 21.13
C ILE A 578 1.82 -23.66 22.00
N THR A 579 2.77 -24.41 21.41
CA THR A 579 3.47 -25.48 22.08
C THR A 579 4.83 -25.06 22.61
N LYS A 580 5.17 -23.77 22.52
CA LYS A 580 6.55 -23.35 22.77
C LYS A 580 7.00 -23.62 24.20
N ASP A 581 6.08 -23.57 25.15
CA ASP A 581 6.44 -23.73 26.56
C ASP A 581 5.91 -25.02 27.14
N SER A 582 6.29 -26.14 26.53
CA SER A 582 5.88 -27.46 27.01
C SER A 582 6.68 -28.51 26.25
N LYS A 583 7.17 -29.51 26.97
CA LYS A 583 7.98 -30.54 26.33
C LYS A 583 7.13 -31.64 25.72
N MET A 584 6.12 -32.13 26.46
CA MET A 584 5.30 -33.22 25.93
C MET A 584 4.67 -32.82 24.59
N GLN A 585 4.18 -31.60 24.48
CA GLN A 585 3.55 -31.17 23.23
C GLN A 585 4.58 -30.73 22.19
N LYS A 586 5.60 -29.96 22.59
CA LYS A 586 6.56 -29.51 21.60
C LYS A 586 7.29 -30.66 20.92
N LEU A 587 7.21 -31.83 21.50
CA LEU A 587 7.83 -32.96 20.88
C LEU A 587 6.83 -33.68 20.01
N ALA A 588 5.64 -33.97 20.53
CA ALA A 588 4.60 -34.55 19.68
C ALA A 588 4.39 -33.73 18.42
N LEU A 589 4.50 -32.40 18.52
CA LEU A 589 4.36 -31.54 17.35
C LEU A 589 5.52 -31.74 16.38
N ALA A 590 6.73 -31.92 16.89
CA ALA A 590 7.88 -32.15 16.01
C ALA A 590 7.69 -33.43 15.20
N GLY A 591 7.22 -34.50 15.84
CA GLY A 591 7.01 -35.75 15.12
C GLY A 591 5.80 -35.70 14.21
N PHE A 592 4.79 -34.91 14.57
CA PHE A 592 3.63 -34.72 13.69
C PHE A 592 4.04 -33.93 12.45
N LEU A 593 4.82 -32.86 12.62
CA LEU A 593 5.25 -32.07 11.48
C LEU A 593 6.16 -32.88 10.56
N LYS A 594 6.93 -33.81 11.11
CA LYS A 594 7.81 -34.63 10.28
C LYS A 594 7.02 -35.63 9.45
N LYS A 595 5.85 -36.07 9.93
CA LYS A 595 5.04 -37.03 9.20
C LYS A 595 4.10 -36.38 8.20
N ILE A 596 3.81 -35.08 8.35
CA ILE A 596 2.91 -34.38 7.44
C ILE A 596 3.67 -33.45 6.50
N LYS A 597 4.99 -33.39 6.60
CA LYS A 597 5.76 -32.45 5.79
C LYS A 597 5.51 -32.67 4.30
N GLY A 598 5.25 -31.58 3.58
CA GLY A 598 5.04 -31.65 2.15
C GLY A 598 3.73 -32.27 1.72
N THR A 599 2.80 -32.52 2.64
CA THR A 599 1.52 -33.12 2.31
C THR A 599 0.42 -32.07 2.31
N TYR A 600 -0.77 -32.51 1.91
CA TYR A 600 -1.93 -31.64 1.89
C TYR A 600 -2.32 -31.18 3.30
N ILE A 601 -2.08 -32.00 4.32
CA ILE A 601 -2.40 -31.59 5.69
C ILE A 601 -1.59 -30.36 6.08
N GLU A 602 -0.30 -30.33 5.70
CA GLU A 602 0.52 -29.17 6.01
C GLU A 602 0.03 -27.93 5.26
N SER A 603 -0.35 -28.09 4.00
CA SER A 603 -0.89 -26.95 3.25
C SER A 603 -2.16 -26.42 3.90
N LEU A 604 -3.02 -27.32 4.36
CA LEU A 604 -4.26 -26.89 5.02
C LEU A 604 -3.96 -26.12 6.28
N LEU A 605 -3.02 -26.62 7.09
CA LEU A 605 -2.66 -25.92 8.33
C LEU A 605 -2.07 -24.56 8.04
N LYS A 606 -1.25 -24.46 6.99
CA LYS A 606 -0.70 -23.16 6.61
C LYS A 606 -1.80 -22.23 6.12
N GLU A 607 -2.75 -22.75 5.34
CA GLU A 607 -3.85 -21.94 4.87
C GLU A 607 -4.62 -21.34 6.03
N HIS A 608 -4.77 -22.07 7.12
CA HIS A 608 -5.53 -21.60 8.28
C HIS A 608 -4.62 -21.09 9.39
N LYS A 609 -3.40 -20.71 9.04
CA LYS A 609 -2.47 -19.95 9.88
C LYS A 609 -1.98 -20.72 11.09
N LEU A 610 -2.21 -22.04 11.14
CA LEU A 610 -1.70 -22.86 12.22
C LEU A 610 -0.26 -23.29 11.97
N LEU A 611 0.27 -23.03 10.78
CA LEU A 611 1.67 -23.27 10.48
C LEU A 611 2.22 -22.14 9.64
N SER B 19 -4.41 -3.18 -6.75
CA SER B 19 -3.23 -2.58 -7.37
C SER B 19 -3.62 -1.59 -8.46
N HIS B 20 -3.97 -0.37 -8.04
CA HIS B 20 -4.35 0.68 -8.98
C HIS B 20 -3.23 1.68 -9.22
N MET B 21 -2.02 1.37 -8.76
CA MET B 21 -0.83 2.17 -9.03
C MET B 21 0.38 1.27 -8.84
N TYR B 22 1.53 1.74 -9.28
CA TYR B 22 2.78 1.03 -9.02
C TYR B 22 3.90 2.05 -8.86
N TYR B 23 4.91 1.67 -8.09
CA TYR B 23 6.08 2.51 -7.84
C TYR B 23 7.19 2.19 -8.82
N SER B 24 7.97 3.22 -9.15
CA SER B 24 9.06 3.10 -10.11
C SER B 24 10.17 4.06 -9.72
N TYR B 25 11.28 3.99 -10.45
CA TYR B 25 12.32 5.00 -10.35
C TYR B 25 13.14 4.98 -11.63
N GLY B 26 13.89 6.05 -11.85
CA GLY B 26 14.68 6.20 -13.06
C GLY B 26 13.97 6.99 -14.15
N ASN B 27 14.72 7.24 -15.23
CA ASN B 27 14.32 8.23 -16.23
C ASN B 27 13.22 7.74 -17.17
N TYR B 28 13.13 6.43 -17.42
CA TYR B 28 12.09 5.89 -18.29
C TYR B 28 10.71 6.32 -17.80
N GLU B 29 10.38 5.99 -16.54
CA GLU B 29 9.08 6.37 -16.00
C GLU B 29 9.00 7.86 -15.72
N ALA B 30 10.12 8.49 -15.36
CA ALA B 30 10.09 9.93 -15.13
C ALA B 30 9.64 10.68 -16.38
N PHE B 31 10.25 10.36 -17.54
CA PHE B 31 10.02 11.13 -18.75
C PHE B 31 8.80 10.66 -19.55
N ALA B 32 8.35 9.44 -19.33
CA ALA B 32 7.21 8.91 -20.08
C ALA B 32 5.93 9.67 -19.71
N ARG B 33 5.04 9.80 -20.68
CA ARG B 33 3.72 10.38 -20.48
C ARG B 33 2.67 9.29 -20.44
N PRO B 34 1.67 9.38 -19.56
CA PRO B 34 0.60 8.38 -19.55
C PRO B 34 -0.44 8.65 -20.62
N LYS B 35 -0.97 7.56 -21.17
CA LYS B 35 -2.14 7.64 -22.02
C LYS B 35 -3.29 8.30 -21.27
N LYS B 36 -4.20 8.90 -22.01
CA LYS B 36 -5.40 9.48 -21.41
C LYS B 36 -6.20 8.38 -20.70
N PRO B 37 -6.49 8.51 -19.41
CA PRO B 37 -7.15 7.42 -18.70
C PRO B 37 -8.58 7.19 -19.18
N GLU B 38 -9.05 5.96 -18.97
CA GLU B 38 -10.32 5.52 -19.56
C GLU B 38 -11.50 6.27 -18.95
N ASN B 39 -12.34 6.83 -19.82
CA ASN B 39 -13.62 7.45 -19.47
C ASN B 39 -13.47 8.73 -18.64
N VAL B 40 -12.28 9.34 -18.65
CA VAL B 40 -12.09 10.54 -17.83
C VAL B 40 -12.99 11.68 -18.31
N GLU B 41 -13.43 11.64 -19.57
CA GLU B 41 -14.26 12.71 -20.11
C GLU B 41 -15.62 12.78 -19.43
N ASN B 42 -16.06 11.70 -18.78
CA ASN B 42 -17.33 11.67 -18.06
C ASN B 42 -17.14 11.75 -16.55
N LYS B 43 -16.01 12.24 -16.09
CA LYS B 43 -15.71 12.30 -14.67
C LYS B 43 -15.51 13.75 -14.24
N SER B 44 -15.68 13.99 -12.94
CA SER B 44 -15.52 15.29 -12.32
C SER B 44 -14.71 15.11 -11.03
N ALA B 45 -14.25 16.23 -10.47
CA ALA B 45 -13.47 16.20 -9.25
C ALA B 45 -13.86 17.35 -8.34
N TYR B 46 -13.96 17.04 -7.04
CA TYR B 46 -14.16 18.06 -6.02
C TYR B 46 -13.00 17.98 -5.05
N LEU B 47 -12.29 19.09 -4.90
CA LEU B 47 -11.15 19.18 -3.99
C LEU B 47 -11.53 20.12 -2.86
N ILE B 48 -11.43 19.63 -1.63
CA ILE B 48 -11.91 20.38 -0.47
C ILE B 48 -10.74 21.20 0.07
N GLY B 49 -10.84 22.53 -0.05
CA GLY B 49 -9.80 23.43 0.41
C GLY B 49 -8.81 23.80 -0.70
N SER B 50 -8.00 24.81 -0.40
CA SER B 50 -7.02 25.35 -1.35
C SER B 50 -5.58 25.08 -0.94
N GLY B 51 -5.37 24.15 -0.02
CA GLY B 51 -4.02 23.82 0.41
C GLY B 51 -3.20 23.23 -0.72
N LEU B 52 -1.91 23.02 -0.43
CA LEU B 52 -0.97 22.57 -1.45
C LEU B 52 -1.38 21.22 -2.03
N ALA B 53 -1.79 20.29 -1.16
CA ALA B 53 -2.18 18.97 -1.65
C ALA B 53 -3.34 19.07 -2.62
N SER B 54 -4.37 19.86 -2.28
CA SER B 54 -5.51 20.04 -3.17
C SER B 54 -5.06 20.61 -4.50
N LEU B 55 -4.28 21.69 -4.48
CA LEU B 55 -3.84 22.31 -5.72
C LEU B 55 -3.00 21.35 -6.53
N ALA B 56 -2.12 20.58 -5.88
CA ALA B 56 -1.31 19.61 -6.62
C ALA B 56 -2.19 18.55 -7.25
N ALA B 57 -3.20 18.06 -6.53
CA ALA B 57 -4.10 17.07 -7.12
C ALA B 57 -4.81 17.64 -8.35
N ALA B 58 -5.25 18.90 -8.27
CA ALA B 58 -5.88 19.53 -9.43
C ALA B 58 -4.92 19.59 -10.61
N CYS B 59 -3.65 19.92 -10.34
CA CYS B 59 -2.64 19.95 -11.40
C CYS B 59 -2.47 18.58 -12.05
N PHE B 60 -2.38 17.51 -11.25
CA PHE B 60 -2.24 16.17 -11.85
C PHE B 60 -3.50 15.78 -12.62
N LEU B 61 -4.67 16.19 -12.13
CA LEU B 61 -5.92 15.92 -12.85
C LEU B 61 -5.90 16.54 -14.25
N ILE B 62 -5.42 17.79 -14.34
CA ILE B 62 -5.27 18.44 -15.65
C ILE B 62 -4.20 17.74 -16.47
N ARG B 63 -2.99 17.60 -15.93
CA ARG B 63 -1.84 17.24 -16.76
C ARG B 63 -1.85 15.78 -17.15
N ASP B 64 -2.12 14.90 -16.20
CA ASP B 64 -2.03 13.46 -16.40
C ASP B 64 -3.40 12.80 -16.53
N GLY B 65 -4.38 13.25 -15.76
CA GLY B 65 -5.73 12.75 -15.95
C GLY B 65 -6.37 13.25 -17.24
N GLN B 66 -5.90 14.40 -17.75
CA GLN B 66 -6.52 15.07 -18.88
C GLN B 66 -8.01 15.30 -18.64
N MET B 67 -8.37 15.53 -17.37
CA MET B 67 -9.71 15.97 -17.03
C MET B 67 -9.89 17.42 -17.44
N GLU B 68 -11.08 17.76 -17.94
CA GLU B 68 -11.37 19.12 -18.33
C GLU B 68 -11.44 20.03 -17.11
N GLY B 69 -10.81 21.21 -17.21
CA GLY B 69 -10.77 22.11 -16.08
C GLY B 69 -12.14 22.52 -15.57
N SER B 70 -13.14 22.56 -16.46
CA SER B 70 -14.48 22.94 -16.02
C SER B 70 -15.11 21.88 -15.12
N LYS B 71 -14.57 20.67 -15.11
CA LYS B 71 -15.07 19.60 -14.26
C LYS B 71 -14.30 19.49 -12.95
N ILE B 72 -13.34 20.37 -12.71
CA ILE B 72 -12.51 20.35 -11.51
C ILE B 72 -12.92 21.53 -10.62
N HIS B 73 -13.43 21.23 -9.43
CA HIS B 73 -14.01 22.25 -8.55
C HIS B 73 -13.19 22.31 -7.27
N ILE B 74 -12.49 23.42 -7.07
CA ILE B 74 -11.73 23.63 -5.83
C ILE B 74 -12.63 24.42 -4.89
N LEU B 75 -13.00 23.82 -3.77
CA LEU B 75 -13.96 24.39 -2.84
C LEU B 75 -13.21 25.06 -1.70
N GLU B 76 -13.24 26.40 -1.67
CA GLU B 76 -12.50 27.21 -0.73
C GLU B 76 -13.48 27.88 0.23
N GLU B 77 -13.18 27.79 1.53
CA GLU B 77 -14.06 28.38 2.52
C GLU B 77 -13.98 29.90 2.52
N LEU B 78 -12.77 30.44 2.33
CA LEU B 78 -12.59 31.89 2.37
C LEU B 78 -13.27 32.56 1.18
N PRO B 79 -13.56 33.84 1.30
CA PRO B 79 -14.03 34.61 0.14
C PRO B 79 -12.89 34.92 -0.81
N LYS B 80 -13.25 35.32 -2.03
CA LYS B 80 -12.27 35.72 -3.03
C LYS B 80 -11.73 37.11 -2.73
N PRO B 91 -6.79 42.23 9.18
CA PRO B 91 -5.74 43.16 8.74
C PRO B 91 -4.46 42.93 9.55
N LEU B 92 -3.50 42.23 8.98
CA LEU B 92 -2.27 41.96 9.71
C LEU B 92 -1.46 43.24 9.79
N LYS B 93 -0.72 43.40 10.86
CA LYS B 93 0.04 44.62 11.10
C LYS B 93 1.53 44.53 10.85
N GLY B 94 1.96 43.58 10.04
CA GLY B 94 3.37 43.35 9.76
C GLY B 94 3.52 42.09 8.94
N TYR B 95 4.73 41.93 8.39
CA TYR B 95 5.02 40.76 7.58
C TYR B 95 5.00 39.50 8.43
N VAL B 96 4.57 38.38 7.82
CA VAL B 96 4.51 37.10 8.50
C VAL B 96 5.18 36.07 7.61
N VAL B 97 6.27 35.48 8.11
CA VAL B 97 6.98 34.39 7.44
C VAL B 97 6.34 33.07 7.84
N ARG B 98 6.26 32.14 6.89
CA ARG B 98 5.60 30.86 7.09
C ARG B 98 6.50 29.74 6.57
N GLY B 99 6.04 28.50 6.76
CA GLY B 99 6.79 27.34 6.34
C GLY B 99 6.50 26.94 4.91
N GLY B 100 6.90 25.72 4.58
CA GLY B 100 6.70 25.19 3.24
C GLY B 100 7.70 25.65 2.20
N ARG B 101 8.80 26.28 2.62
CA ARG B 101 9.85 26.72 1.70
C ARG B 101 11.03 25.76 1.64
N GLU B 102 11.07 24.76 2.53
CA GLU B 102 12.25 23.92 2.73
C GLU B 102 12.12 22.64 1.91
N MET B 103 13.06 22.42 1.00
CA MET B 103 13.05 21.29 0.11
C MET B 103 14.41 20.60 0.10
N GLU B 104 14.47 19.45 -0.56
CA GLU B 104 15.72 18.76 -0.84
C GLU B 104 15.64 18.22 -2.26
N ASN B 105 16.78 17.81 -2.79
CA ASN B 105 16.79 17.35 -4.17
C ASN B 105 15.87 16.14 -4.36
N HIS B 106 15.74 15.27 -3.36
CA HIS B 106 14.96 14.04 -3.59
C HIS B 106 13.50 14.16 -3.18
N PHE B 107 12.91 15.36 -3.29
CA PHE B 107 11.47 15.51 -3.32
C PHE B 107 10.97 15.05 -4.69
N GLU B 108 10.91 13.73 -4.89
CA GLU B 108 10.74 13.18 -6.25
C GLU B 108 9.41 13.55 -6.87
N CYS B 109 8.32 13.48 -6.09
CA CYS B 109 7.01 13.81 -6.66
C CYS B 109 6.87 15.31 -6.90
N LEU B 110 7.36 16.12 -5.96
CA LEU B 110 7.23 17.57 -6.10
C LEU B 110 7.93 18.06 -7.36
N TRP B 111 9.11 17.53 -7.67
CA TRP B 111 9.79 18.00 -8.88
C TRP B 111 9.12 17.46 -10.15
N ASP B 112 8.50 16.28 -10.09
CA ASP B 112 7.68 15.82 -11.21
C ASP B 112 6.58 16.83 -11.52
N LEU B 113 5.95 17.39 -10.48
CA LEU B 113 4.88 18.36 -10.68
C LEU B 113 5.43 19.71 -11.16
N PHE B 114 6.40 20.28 -10.46
CA PHE B 114 6.74 21.67 -10.72
C PHE B 114 7.63 21.87 -11.96
N ARG B 115 8.12 20.79 -12.57
CA ARG B 115 8.70 20.94 -13.91
C ARG B 115 7.64 21.30 -14.94
N SER B 116 6.36 21.14 -14.61
CA SER B 116 5.28 21.43 -15.54
C SER B 116 4.58 22.76 -15.27
N ILE B 117 4.96 23.46 -14.20
CA ILE B 117 4.29 24.69 -13.78
C ILE B 117 5.14 25.86 -14.26
N PRO B 118 4.63 26.72 -15.14
CA PRO B 118 5.43 27.88 -15.59
C PRO B 118 5.83 28.79 -14.44
N SER B 119 7.09 29.21 -14.45
CA SER B 119 7.53 30.26 -13.54
C SER B 119 6.75 31.55 -13.80
N LEU B 120 6.52 32.30 -12.73
CA LEU B 120 5.92 33.62 -12.83
C LEU B 120 6.97 34.73 -12.88
N GLU B 121 8.25 34.37 -12.87
CA GLU B 121 9.35 35.33 -12.84
C GLU B 121 10.29 35.22 -14.02
N ILE B 122 10.41 34.04 -14.63
CA ILE B 122 11.31 33.80 -15.75
C ILE B 122 10.51 33.29 -16.92
N ASP B 123 10.69 33.90 -18.08
CA ASP B 123 9.94 33.48 -19.25
C ASP B 123 10.48 32.16 -19.79
N ASN B 124 9.57 31.34 -20.31
CA ASN B 124 9.93 30.05 -20.90
C ASN B 124 10.73 29.19 -19.91
N ALA B 125 10.34 29.25 -18.65
CA ALA B 125 10.99 28.47 -17.61
C ALA B 125 9.91 27.95 -16.67
N SER B 126 10.17 26.79 -16.09
CA SER B 126 9.29 26.20 -15.09
C SER B 126 9.70 26.64 -13.70
N VAL B 127 8.81 26.42 -12.73
CA VAL B 127 9.17 26.62 -11.32
C VAL B 127 10.42 25.83 -10.96
N LEU B 128 10.50 24.57 -11.40
CA LEU B 128 11.71 23.79 -11.15
C LEU B 128 12.96 24.50 -11.69
N ASP B 129 12.88 24.97 -12.94
CA ASP B 129 14.04 25.64 -13.53
C ASP B 129 14.48 26.80 -12.65
N GLU B 130 13.54 27.67 -12.29
CA GLU B 130 13.85 28.85 -11.50
C GLU B 130 14.50 28.48 -10.18
N PHE B 131 13.94 27.47 -9.50
CA PHE B 131 14.48 26.97 -8.23
C PHE B 131 15.86 26.36 -8.41
N TYR B 132 16.01 25.53 -9.44
CA TYR B 132 17.26 24.84 -9.73
C TYR B 132 18.40 25.82 -9.95
N TRP B 133 18.18 26.79 -10.84
CA TRP B 133 19.22 27.78 -11.13
C TRP B 133 19.55 28.61 -9.90
N LEU B 134 18.52 29.01 -9.15
CA LEU B 134 18.75 29.81 -7.95
C LEU B 134 19.61 29.06 -6.95
N ASN B 135 19.31 27.79 -6.72
CA ASN B 135 20.05 27.10 -5.66
C ASN B 135 21.44 26.65 -6.12
N LYS B 136 21.71 26.67 -7.42
CA LYS B 136 23.08 26.53 -7.88
C LYS B 136 23.86 27.85 -7.73
N GLU B 137 23.21 28.98 -7.99
CA GLU B 137 23.91 30.26 -7.92
C GLU B 137 24.23 30.64 -6.49
N ASP B 138 23.37 30.25 -5.55
CA ASP B 138 23.47 30.64 -4.15
C ASP B 138 23.20 29.40 -3.28
N PRO B 139 24.14 28.45 -3.25
CA PRO B 139 23.90 27.20 -2.53
C PRO B 139 23.78 27.43 -1.04
N ASN B 140 22.81 26.75 -0.41
CA ASN B 140 22.52 26.98 1.00
C ASN B 140 23.48 26.21 1.89
N TYR B 141 23.99 26.89 2.92
CA TYR B 141 24.69 26.20 3.99
C TYR B 141 24.88 27.18 5.14
N SER B 142 25.11 26.62 6.33
CA SER B 142 25.23 27.41 7.55
C SER B 142 26.67 27.42 8.03
N ARG B 143 27.13 28.61 8.43
CA ARG B 143 28.43 28.79 9.05
C ARG B 143 28.32 28.93 10.57
N CYS B 144 27.11 28.81 11.11
CA CYS B 144 26.90 28.87 12.56
C CYS B 144 25.50 28.31 12.82
N ARG B 145 25.44 27.11 13.37
CA ARG B 145 24.17 26.41 13.50
C ARG B 145 23.59 26.49 14.91
N VAL B 146 24.43 26.60 15.94
CA VAL B 146 24.00 26.56 17.33
C VAL B 146 24.79 27.61 18.10
N ILE B 147 24.09 28.42 18.90
CA ILE B 147 24.75 29.39 19.77
C ILE B 147 24.26 29.17 21.19
N GLU B 148 24.98 29.76 22.14
CA GLU B 148 24.61 29.68 23.53
C GLU B 148 25.33 30.81 24.26
N LYS B 149 25.01 30.96 25.54
CA LYS B 149 25.68 31.96 26.37
C LYS B 149 25.61 33.33 25.72
N GLN B 150 24.41 33.70 25.26
CA GLN B 150 24.12 35.01 24.72
C GLN B 150 25.03 35.36 23.54
N GLY B 151 25.04 34.46 22.54
CA GLY B 151 25.57 34.77 21.23
C GLY B 151 26.85 34.07 20.84
N GLN B 152 27.34 33.12 21.64
CA GLN B 152 28.58 32.42 21.32
C GLN B 152 28.30 31.11 20.61
N ARG B 153 29.13 30.79 19.62
CA ARG B 153 28.93 29.54 18.88
C ARG B 153 29.27 28.35 19.76
N LEU B 154 28.40 27.33 19.76
CA LEU B 154 28.72 26.08 20.41
C LEU B 154 30.08 25.57 19.93
N VAL B 155 30.96 25.21 20.88
CA VAL B 155 32.33 24.88 20.51
C VAL B 155 32.39 23.60 19.67
N THR B 156 31.44 22.68 19.88
CA THR B 156 31.38 21.43 19.14
C THR B 156 30.43 21.48 17.96
N ASP B 157 29.99 22.69 17.57
CA ASP B 157 29.12 22.84 16.41
C ASP B 157 29.74 22.18 15.19
N GLY B 158 28.94 21.38 14.48
CA GLY B 158 29.41 20.60 13.36
C GLY B 158 29.58 19.13 13.66
N ASP B 159 29.78 18.76 14.92
CA ASP B 159 29.88 17.35 15.31
C ASP B 159 28.57 16.89 15.91
N PHE B 160 28.31 15.58 15.78
CA PHE B 160 27.08 14.98 16.30
C PHE B 160 27.18 14.65 17.79
N THR B 161 28.42 14.40 18.27
CA THR B 161 28.69 14.02 19.67
C THR B 161 27.72 12.94 20.14
N LEU B 162 27.60 11.88 19.34
CA LEU B 162 26.81 10.70 19.67
C LEU B 162 27.72 9.64 20.28
N THR B 163 27.31 9.09 21.42
CA THR B 163 28.03 7.95 21.97
C THR B 163 27.65 6.68 21.21
N LYS B 164 28.45 5.62 21.41
CA LYS B 164 28.13 4.35 20.76
C LYS B 164 26.76 3.86 21.17
N THR B 165 26.39 4.08 22.43
CA THR B 165 25.06 3.68 22.90
C THR B 165 23.97 4.45 22.16
N ALA B 166 24.16 5.76 21.98
CA ALA B 166 23.19 6.54 21.22
C ALA B 166 23.10 6.05 19.78
N ILE B 167 24.24 5.75 19.17
CA ILE B 167 24.21 5.27 17.79
C ILE B 167 23.50 3.94 17.72
N LYS B 168 23.74 3.07 18.70
CA LYS B 168 23.06 1.77 18.71
C LYS B 168 21.56 1.94 18.81
N GLU B 169 21.09 2.91 19.59
CA GLU B 169 19.66 3.17 19.70
C GLU B 169 19.09 3.69 18.38
N ILE B 170 19.85 4.52 17.65
CA ILE B 170 19.40 4.96 16.34
C ILE B 170 19.21 3.75 15.41
N LEU B 171 20.23 2.89 15.33
CA LEU B 171 20.13 1.72 14.46
C LEU B 171 19.00 0.80 14.90
N ASP B 172 18.90 0.54 16.21
CA ASP B 172 17.87 -0.35 16.72
C ASP B 172 16.47 0.15 16.38
N LEU B 173 16.27 1.47 16.43
CA LEU B 173 14.98 2.01 16.02
C LEU B 173 14.71 1.70 14.54
N CYS B 174 15.71 1.93 13.70
CA CYS B 174 15.53 1.67 12.26
C CYS B 174 15.27 0.19 12.00
N LEU B 175 15.90 -0.68 12.79
CA LEU B 175 15.74 -2.13 12.67
C LEU B 175 14.44 -2.63 13.30
N THR B 176 13.64 -1.74 13.88
CA THR B 176 12.34 -2.10 14.41
C THR B 176 11.30 -1.96 13.31
N ASN B 177 10.43 -2.96 13.19
CA ASN B 177 9.34 -2.89 12.23
C ASN B 177 8.40 -1.75 12.61
N GLU B 178 7.95 -1.00 11.60
CA GLU B 178 7.02 0.10 11.85
C GLU B 178 5.78 -0.39 12.58
N GLU B 179 5.30 -1.59 12.26
CA GLU B 179 4.10 -2.12 12.93
C GLU B 179 4.31 -2.34 14.41
N ASP B 180 5.55 -2.40 14.88
CA ASP B 180 5.84 -2.55 16.30
C ASP B 180 6.00 -1.22 17.03
N LEU B 181 5.73 -0.09 16.35
CA LEU B 181 5.94 1.23 16.94
C LEU B 181 4.63 1.97 17.19
N ASP B 182 3.50 1.28 17.16
CA ASP B 182 2.21 1.89 17.48
C ASP B 182 2.27 2.63 18.81
N ASP B 183 1.97 3.93 18.78
CA ASP B 183 1.84 4.78 19.96
C ASP B 183 3.12 4.91 20.77
N VAL B 184 4.25 4.52 20.20
CA VAL B 184 5.53 4.61 20.90
C VAL B 184 6.09 6.03 20.74
N LYS B 185 6.53 6.61 21.86
CA LYS B 185 7.12 7.95 21.89
C LYS B 185 8.62 7.90 21.64
N ILE B 186 9.17 9.05 21.23
CA ILE B 186 10.60 9.15 21.02
C ILE B 186 11.36 8.84 22.31
N THR B 187 10.83 9.29 23.46
CA THR B 187 11.47 9.00 24.74
C THR B 187 11.41 7.52 25.13
N ASP B 188 10.56 6.73 24.46
CA ASP B 188 10.50 5.29 24.72
C ASP B 188 11.65 4.52 24.09
N VAL B 189 12.34 5.09 23.11
CA VAL B 189 13.35 4.35 22.36
C VAL B 189 14.73 4.98 22.44
N PHE B 190 14.87 6.14 23.07
CA PHE B 190 16.17 6.78 23.24
C PHE B 190 16.39 7.07 24.71
N SER B 191 17.65 6.99 25.14
CA SER B 191 18.02 7.23 26.53
C SER B 191 18.86 8.52 26.61
N ASP B 192 19.51 8.71 27.76
CA ASP B 192 20.10 10.00 28.08
C ASP B 192 21.18 10.41 27.09
N ASP B 193 22.05 9.48 26.70
CA ASP B 193 23.14 9.83 25.78
C ASP B 193 22.60 10.52 24.53
N PHE B 194 21.59 9.92 23.89
CA PHE B 194 21.04 10.49 22.67
C PHE B 194 20.54 11.91 22.91
N PHE B 195 19.73 12.11 23.93
CA PHE B 195 19.12 13.42 24.18
C PHE B 195 20.15 14.47 24.59
N ASN B 196 21.37 14.06 24.94
CA ASN B 196 22.45 15.01 25.23
C ASN B 196 23.36 15.23 24.03
N SER B 197 23.07 14.61 22.90
CA SER B 197 23.90 14.72 21.71
C SER B 197 23.61 16.01 20.96
N ASN B 198 24.64 16.53 20.29
CA ASN B 198 24.44 17.59 19.31
C ASN B 198 23.48 17.14 18.21
N PHE B 199 23.55 15.86 17.82
CA PHE B 199 22.63 15.33 16.82
C PHE B 199 21.19 15.67 17.17
N TRP B 200 20.80 15.43 18.43
CA TRP B 200 19.42 15.71 18.84
C TRP B 200 19.13 17.20 18.77
N ILE B 201 20.12 18.05 19.05
CA ILE B 201 19.93 19.49 18.90
C ILE B 201 19.55 19.82 17.45
N TYR B 202 20.37 19.36 16.51
CA TYR B 202 20.11 19.69 15.11
C TYR B 202 18.79 19.11 14.64
N TRP B 203 18.55 17.86 15.01
CA TRP B 203 17.40 17.10 14.53
C TRP B 203 16.09 17.69 15.04
N LYS B 204 15.98 17.87 16.36
CA LYS B 204 14.71 18.28 16.93
C LYS B 204 14.31 19.66 16.45
N THR B 205 15.29 20.56 16.29
CA THR B 205 14.98 21.93 15.92
C THR B 205 14.74 22.08 14.42
N MET B 206 15.51 21.37 13.59
CA MET B 206 15.30 21.53 12.16
C MET B 206 13.99 20.89 11.73
N PHE B 207 13.53 19.87 12.44
CA PHE B 207 12.30 19.18 12.07
C PHE B 207 11.14 19.45 13.01
N ALA B 208 11.40 20.08 14.16
CA ALA B 208 10.38 20.37 15.16
C ALA B 208 9.83 19.09 15.81
N PHE B 209 10.74 18.19 16.20
CA PHE B 209 10.34 17.02 16.98
C PHE B 209 10.33 17.38 18.46
N GLU B 210 9.28 16.99 19.15
CA GLU B 210 9.22 17.04 20.59
C GLU B 210 9.48 15.65 21.17
N PRO B 211 10.01 15.58 22.40
CA PRO B 211 10.36 14.27 22.97
C PRO B 211 9.20 13.30 23.04
N TRP B 212 7.97 13.78 23.13
CA TRP B 212 6.80 12.90 23.23
C TRP B 212 6.22 12.53 21.87
N HIS B 213 6.86 12.93 20.78
CA HIS B 213 6.31 12.71 19.46
C HIS B 213 6.53 11.27 18.99
N SER B 214 6.00 10.99 17.81
CA SER B 214 5.91 9.62 17.30
C SER B 214 7.30 9.07 16.95
N ALA B 215 7.69 7.97 17.61
CA ALA B 215 8.94 7.32 17.23
C ALA B 215 8.84 6.70 15.83
N MET B 216 7.64 6.32 15.42
CA MET B 216 7.41 5.81 14.07
C MET B 216 7.80 6.87 13.02
N GLU B 217 7.39 8.13 13.25
CA GLU B 217 7.74 9.18 12.32
C GLU B 217 9.23 9.51 12.39
N MET B 218 9.80 9.56 13.60
CA MET B 218 11.23 9.77 13.70
C MET B 218 12.00 8.71 12.93
N ARG B 219 11.56 7.44 13.03
CA ARG B 219 12.19 6.38 12.26
C ARG B 219 12.07 6.65 10.76
N ARG B 220 10.88 7.04 10.30
CA ARG B 220 10.73 7.35 8.88
C ARG B 220 11.70 8.43 8.45
N TYR B 221 11.86 9.47 9.29
CA TYR B 221 12.79 10.57 8.98
C TYR B 221 14.23 10.08 8.90
N LEU B 222 14.64 9.25 9.84
CA LEU B 222 16.00 8.73 9.82
C LEU B 222 16.29 8.02 8.52
N MET B 223 15.35 7.17 8.06
CA MET B 223 15.55 6.44 6.82
C MET B 223 15.33 7.31 5.60
N ARG B 224 14.39 8.26 5.67
CA ARG B 224 14.03 9.04 4.50
C ARG B 224 15.17 9.94 4.05
N PHE B 225 15.88 10.54 5.00
CA PHE B 225 16.89 11.55 4.69
C PHE B 225 18.30 11.06 4.99
N VAL B 226 18.51 9.74 5.03
CA VAL B 226 19.83 9.20 5.38
C VAL B 226 20.90 9.67 4.39
N HIS B 227 20.53 9.89 3.12
CA HIS B 227 21.50 10.36 2.13
C HIS B 227 22.00 11.77 2.44
N HIS B 228 21.36 12.48 3.35
CA HIS B 228 21.76 13.85 3.66
C HIS B 228 22.39 13.99 5.06
N ILE B 229 22.75 12.87 5.70
CA ILE B 229 23.36 12.95 7.03
C ILE B 229 24.57 13.88 7.04
N SER B 230 25.36 13.85 5.97
CA SER B 230 26.54 14.71 5.88
C SER B 230 26.18 16.19 5.82
N GLY B 231 24.92 16.52 5.54
CA GLY B 231 24.47 17.89 5.53
C GLY B 231 23.57 18.29 6.67
N LEU B 232 23.41 17.44 7.68
CA LEU B 232 22.47 17.72 8.76
C LEU B 232 22.94 18.89 9.62
N ALA B 233 24.23 18.93 9.97
CA ALA B 233 24.74 19.96 10.86
C ALA B 233 24.92 21.32 10.20
N ASP B 234 25.13 21.37 8.89
CA ASP B 234 25.40 22.62 8.20
C ASP B 234 24.34 22.98 7.15
N PHE B 235 23.22 22.26 7.13
CA PHE B 235 22.10 22.55 6.23
C PHE B 235 22.52 22.56 4.77
N SER B 236 23.64 21.93 4.41
CA SER B 236 24.13 21.99 3.03
C SER B 236 23.29 21.15 2.06
N ALA B 237 22.32 20.38 2.57
CA ALA B 237 21.39 19.67 1.70
C ALA B 237 20.07 20.41 1.52
N LEU B 238 19.86 21.51 2.24
CA LEU B 238 18.61 22.25 2.14
C LEU B 238 18.60 23.13 0.90
N LYS B 239 17.41 23.27 0.32
CA LYS B 239 17.20 24.16 -0.81
C LYS B 239 15.93 24.96 -0.54
N PHE B 240 15.93 26.24 -0.93
CA PHE B 240 14.84 27.15 -0.60
C PHE B 240 14.27 27.81 -1.85
N THR B 241 12.97 28.08 -1.83
CA THR B 241 12.39 28.89 -2.88
C THR B 241 12.90 30.33 -2.79
N LYS B 242 12.64 31.09 -3.85
CA LYS B 242 13.08 32.48 -3.90
C LYS B 242 12.34 33.34 -2.88
N TYR B 243 11.01 33.23 -2.84
CA TYR B 243 10.19 33.97 -1.88
C TYR B 243 9.41 33.01 -1.00
N ASN B 244 8.44 33.52 -0.26
CA ASN B 244 7.55 32.68 0.52
C ASN B 244 6.85 31.65 -0.35
N GLN B 245 6.37 30.56 0.29
CA GLN B 245 5.76 29.46 -0.45
C GLN B 245 4.56 29.93 -1.26
N TYR B 246 3.80 30.88 -0.72
CA TYR B 246 2.65 31.40 -1.47
C TYR B 246 3.10 32.01 -2.78
N GLU B 247 4.12 32.88 -2.75
CA GLU B 247 4.55 33.53 -3.98
C GLU B 247 5.25 32.56 -4.92
N SER B 248 6.01 31.61 -4.38
CA SER B 248 6.91 30.80 -5.19
C SER B 248 6.31 29.46 -5.63
N LEU B 249 5.36 28.91 -4.88
CA LEU B 249 4.76 27.63 -5.22
C LEU B 249 3.27 27.69 -5.48
N VAL B 250 2.50 28.37 -4.62
CA VAL B 250 1.05 28.33 -4.72
C VAL B 250 0.57 29.19 -5.89
N LEU B 251 1.00 30.45 -5.95
CA LEU B 251 0.55 31.31 -7.03
C LEU B 251 0.92 30.76 -8.41
N PRO B 252 2.10 30.20 -8.65
CA PRO B 252 2.34 29.57 -9.95
C PRO B 252 1.35 28.45 -10.25
N MET B 253 1.02 27.62 -9.24
CA MET B 253 0.03 26.56 -9.47
C MET B 253 -1.33 27.15 -9.78
N VAL B 254 -1.74 28.18 -9.03
CA VAL B 254 -3.05 28.78 -9.26
C VAL B 254 -3.14 29.33 -10.68
N GLU B 255 -2.09 30.01 -11.15
CA GLU B 255 -2.13 30.53 -12.52
C GLU B 255 -2.21 29.39 -13.53
N TYR B 256 -1.48 28.30 -13.29
CA TYR B 256 -1.58 27.13 -14.15
C TYR B 256 -3.01 26.61 -14.20
N LEU B 257 -3.65 26.47 -13.05
CA LEU B 257 -5.00 25.93 -13.00
C LEU B 257 -6.01 26.87 -13.66
N LYS B 258 -5.86 28.18 -13.43
CA LYS B 258 -6.78 29.13 -14.05
C LYS B 258 -6.62 29.17 -15.56
N SER B 259 -5.39 29.03 -16.06
CA SER B 259 -5.18 28.97 -17.50
C SER B 259 -5.78 27.71 -18.13
N HIS B 260 -6.10 26.69 -17.33
CA HIS B 260 -6.76 25.50 -17.84
C HIS B 260 -8.24 25.44 -17.48
N GLY B 261 -8.80 26.55 -16.99
CA GLY B 261 -10.24 26.63 -16.77
C GLY B 261 -10.74 25.97 -15.51
N VAL B 262 -9.86 25.68 -14.56
CA VAL B 262 -10.29 25.04 -13.31
C VAL B 262 -11.22 25.97 -12.55
N GLN B 263 -12.22 25.39 -11.90
CA GLN B 263 -13.25 26.16 -11.20
C GLN B 263 -12.84 26.39 -9.76
N PHE B 264 -12.66 27.65 -9.38
CA PHE B 264 -12.40 28.04 -8.00
C PHE B 264 -13.69 28.60 -7.41
N GLU B 265 -14.25 27.91 -6.43
CA GLU B 265 -15.51 28.30 -5.79
C GLU B 265 -15.23 28.67 -4.33
N TYR B 266 -15.56 29.91 -3.96
CA TYR B 266 -15.27 30.45 -2.65
C TYR B 266 -16.53 30.54 -1.81
N ASP B 267 -16.33 30.86 -0.53
CA ASP B 267 -17.43 30.92 0.44
C ASP B 267 -18.11 29.57 0.61
N VAL B 268 -17.36 28.49 0.42
CA VAL B 268 -17.88 27.13 0.55
C VAL B 268 -17.20 26.47 1.75
N LYS B 269 -18.01 26.07 2.74
CA LYS B 269 -17.51 25.31 3.87
C LYS B 269 -18.12 23.92 3.82
N VAL B 270 -17.28 22.89 3.78
CA VAL B 270 -17.73 21.51 3.71
C VAL B 270 -17.89 20.99 5.13
N GLU B 271 -19.12 20.69 5.52
CA GLU B 271 -19.36 20.20 6.87
C GLU B 271 -19.31 18.68 6.96
N ASP B 272 -19.68 17.98 5.89
CA ASP B 272 -19.68 16.52 5.90
C ASP B 272 -19.75 16.04 4.47
N ILE B 273 -19.42 14.76 4.29
CA ILE B 273 -19.60 14.04 3.02
C ILE B 273 -20.29 12.73 3.35
N LYS B 274 -21.46 12.51 2.77
CA LYS B 274 -22.21 11.28 3.03
C LYS B 274 -21.58 10.16 2.22
N ILE B 275 -21.11 9.13 2.90
CA ILE B 275 -20.38 8.03 2.28
C ILE B 275 -21.11 6.73 2.56
N ASP B 276 -21.35 5.95 1.50
CA ASP B 276 -21.86 4.59 1.64
C ASP B 276 -20.67 3.66 1.82
N VAL B 277 -20.58 3.03 2.99
CA VAL B 277 -19.54 2.04 3.28
C VAL B 277 -20.20 0.67 3.39
N THR B 278 -20.23 -0.08 2.29
CA THR B 278 -20.90 -1.37 2.24
C THR B 278 -19.88 -2.49 2.42
N THR B 279 -20.34 -3.74 2.29
CA THR B 279 -19.43 -4.87 2.33
C THR B 279 -18.52 -4.93 1.11
N SER B 280 -18.81 -4.17 0.05
CA SER B 280 -18.04 -4.30 -1.19
C SER B 280 -17.48 -2.99 -1.73
N GLN B 281 -17.97 -1.83 -1.28
CA GLN B 281 -17.53 -0.57 -1.84
C GLN B 281 -17.62 0.55 -0.82
N LYS B 282 -16.84 1.60 -1.06
CA LYS B 282 -17.02 2.88 -0.40
C LYS B 282 -17.26 3.91 -1.50
N ILE B 283 -18.38 4.62 -1.41
CA ILE B 283 -18.80 5.55 -2.45
C ILE B 283 -19.30 6.82 -1.80
N ALA B 284 -18.66 7.94 -2.15
CA ALA B 284 -19.15 9.23 -1.68
C ALA B 284 -20.41 9.59 -2.45
N ARG B 285 -21.46 9.95 -1.71
CA ARG B 285 -22.77 10.21 -2.30
C ARG B 285 -23.15 11.68 -2.31
N GLU B 286 -22.70 12.48 -1.35
CA GLU B 286 -23.23 13.82 -1.21
C GLU B 286 -22.25 14.66 -0.39
N ILE B 287 -21.94 15.85 -0.87
CA ILE B 287 -21.13 16.81 -0.13
C ILE B 287 -22.08 17.83 0.49
N LEU B 288 -22.14 17.87 1.81
CA LEU B 288 -22.96 18.83 2.53
C LEU B 288 -22.12 20.06 2.83
N ILE B 289 -22.55 21.21 2.32
CA ILE B 289 -21.77 22.44 2.39
C ILE B 289 -22.67 23.58 2.85
N ASP B 290 -22.00 24.67 3.24
CA ASP B 290 -22.60 25.99 3.41
C ASP B 290 -21.97 26.88 2.34
N ARG B 291 -22.78 27.32 1.37
CA ARG B 291 -22.29 28.12 0.25
C ARG B 291 -22.71 29.57 0.48
N ASN B 292 -21.77 30.39 0.93
CA ASN B 292 -22.01 31.81 1.21
C ASN B 292 -22.90 32.00 2.44
N GLY B 293 -23.72 31.01 2.76
CA GLY B 293 -24.55 31.09 3.94
C GLY B 293 -25.79 30.22 3.84
N ASN B 294 -25.96 29.57 2.69
CA ASN B 294 -27.10 28.70 2.43
C ASN B 294 -26.66 27.25 2.51
N ALA B 295 -27.39 26.44 3.27
CA ALA B 295 -27.14 25.00 3.28
C ALA B 295 -27.43 24.40 1.93
N GLU B 296 -26.44 23.74 1.33
CA GLU B 296 -26.60 23.13 0.02
C GLU B 296 -26.02 21.73 0.04
N SER B 297 -26.26 21.00 -1.03
CA SER B 297 -25.79 19.63 -1.15
C SER B 297 -25.36 19.39 -2.59
N ILE B 298 -24.14 18.91 -2.77
CA ILE B 298 -23.62 18.54 -4.08
C ILE B 298 -23.79 17.04 -4.22
N LYS B 299 -24.68 16.60 -5.11
CA LYS B 299 -24.92 15.18 -5.32
C LYS B 299 -23.83 14.58 -6.20
N LEU B 300 -23.30 13.44 -5.79
CA LEU B 300 -22.18 12.80 -6.47
C LEU B 300 -22.61 11.47 -7.08
N THR B 301 -22.07 11.15 -8.24
CA THR B 301 -22.10 9.79 -8.75
C THR B 301 -20.75 9.14 -8.53
N ILE B 302 -20.68 7.85 -8.83
CA ILE B 302 -19.41 7.13 -8.78
C ILE B 302 -18.35 7.80 -9.65
N ASN B 303 -18.76 8.58 -10.64
CA ASN B 303 -17.82 9.23 -11.54
C ASN B 303 -17.44 10.64 -11.08
N ASP B 304 -17.93 11.08 -9.91
CA ASP B 304 -17.54 12.35 -9.33
C ASP B 304 -16.59 12.05 -8.18
N LEU B 305 -15.33 12.47 -8.34
CA LEU B 305 -14.29 12.17 -7.37
C LEU B 305 -14.21 13.26 -6.32
N VAL B 306 -13.87 12.87 -5.09
CA VAL B 306 -13.74 13.81 -3.98
C VAL B 306 -12.40 13.59 -3.30
N PHE B 307 -11.64 14.66 -3.14
CA PHE B 307 -10.31 14.65 -2.56
C PHE B 307 -10.35 15.46 -1.26
N VAL B 308 -10.17 14.77 -0.14
CA VAL B 308 -10.28 15.37 1.19
C VAL B 308 -8.88 15.55 1.76
N THR B 309 -8.52 16.79 2.10
CA THR B 309 -7.31 17.03 2.88
C THR B 309 -7.72 16.98 4.35
N ASN B 310 -7.56 15.83 4.98
CA ASN B 310 -8.10 15.62 6.32
C ASN B 310 -7.16 16.21 7.36
N GLY B 311 -7.71 17.06 8.22
CA GLY B 311 -6.94 17.70 9.26
C GLY B 311 -6.09 18.85 8.75
N SER B 312 -5.57 19.65 9.70
CA SER B 312 -4.82 20.83 9.32
C SER B 312 -3.92 21.26 10.48
N ILE B 313 -2.67 21.63 10.17
CA ILE B 313 -1.80 22.18 11.21
C ILE B 313 -1.93 23.69 11.37
N THR B 314 -2.60 24.38 10.44
CA THR B 314 -2.72 25.83 10.49
C THR B 314 -4.10 26.31 10.92
N GLU B 315 -5.08 25.41 11.00
CA GLU B 315 -6.43 25.79 11.36
C GLU B 315 -6.47 26.44 12.74
N SER B 316 -7.36 27.41 12.90
CA SER B 316 -7.60 28.09 14.18
C SER B 316 -6.42 28.95 14.63
N SER B 317 -5.48 29.26 13.75
CA SER B 317 -4.41 30.17 14.14
C SER B 317 -4.95 31.53 14.53
N THR B 318 -4.27 32.17 15.48
CA THR B 318 -4.57 33.54 15.89
C THR B 318 -3.29 34.36 15.79
N TYR B 319 -3.47 35.68 15.73
CA TYR B 319 -2.38 36.61 15.47
C TYR B 319 -2.37 37.67 16.55
N GLY B 320 -1.16 38.09 16.93
CA GLY B 320 -0.99 39.22 17.83
C GLY B 320 -0.38 40.37 17.06
N ASP B 321 0.29 41.29 17.75
CA ASP B 321 1.08 42.32 17.07
C ASP B 321 2.24 42.70 17.99
N ASN B 322 2.90 43.82 17.68
CA ASN B 322 4.08 44.19 18.46
C ASN B 322 3.76 44.32 19.93
N ASP B 323 2.51 44.64 20.28
CA ASP B 323 2.16 44.93 21.68
C ASP B 323 1.15 43.95 22.26
N THR B 324 0.78 42.89 21.53
CA THR B 324 -0.33 42.04 21.96
C THR B 324 0.03 40.58 21.69
N PRO B 325 -0.09 39.69 22.68
CA PRO B 325 0.12 38.27 22.39
C PRO B 325 -0.92 37.74 21.43
N ALA B 326 -0.53 36.73 20.66
CA ALA B 326 -1.51 35.96 19.90
C ALA B 326 -2.36 35.18 20.88
N PRO B 327 -3.67 35.38 20.91
CA PRO B 327 -4.49 34.75 21.96
C PRO B 327 -4.53 33.25 21.79
N PRO B 328 -4.11 32.50 22.80
CA PRO B 328 -4.20 31.04 22.72
C PRO B 328 -5.64 30.57 22.54
N THR B 329 -5.77 29.40 21.93
CA THR B 329 -7.07 28.85 21.58
C THR B 329 -6.97 27.33 21.48
N ASP B 330 -8.11 26.68 21.66
CA ASP B 330 -8.25 25.24 21.42
C ASP B 330 -9.42 24.97 20.49
N GLU B 331 -9.83 25.97 19.71
CA GLU B 331 -11.00 25.83 18.86
C GLU B 331 -10.74 24.83 17.73
N LEU B 332 -11.72 23.97 17.48
CA LEU B 332 -11.71 23.11 16.30
C LEU B 332 -12.43 23.83 15.16
N GLY B 333 -11.77 23.93 14.01
CA GLY B 333 -12.33 24.57 12.85
C GLY B 333 -12.96 23.57 11.91
N GLY B 334 -13.15 24.02 10.66
CA GLY B 334 -13.84 23.18 9.69
C GLY B 334 -13.08 21.91 9.34
N SER B 335 -11.75 21.98 9.28
CA SER B 335 -10.98 20.84 8.81
C SER B 335 -11.02 19.69 9.80
N TRP B 336 -10.80 19.98 11.08
CA TRP B 336 -10.86 18.92 12.09
C TRP B 336 -12.28 18.42 12.29
N THR B 337 -13.27 19.31 12.19
CA THR B 337 -14.67 18.89 12.27
C THR B 337 -15.03 17.96 11.11
N LEU B 338 -14.58 18.29 9.90
CA LEU B 338 -14.86 17.41 8.76
C LEU B 338 -14.25 16.03 8.95
N TRP B 339 -12.98 15.95 9.38
CA TRP B 339 -12.37 14.64 9.53
C TRP B 339 -13.11 13.84 10.60
N LYS B 340 -13.49 14.49 11.70
CA LYS B 340 -14.31 13.79 12.70
C LYS B 340 -15.61 13.27 12.09
N ASN B 341 -16.28 14.10 11.28
CA ASN B 341 -17.54 13.67 10.66
C ASN B 341 -17.33 12.52 9.68
N LEU B 342 -16.13 12.39 9.11
CA LEU B 342 -15.85 11.26 8.23
C LEU B 342 -15.46 10.02 9.04
N ALA B 343 -14.63 10.21 10.06
CA ALA B 343 -14.17 9.10 10.87
C ALA B 343 -15.33 8.36 11.53
N ARG B 344 -16.45 9.05 11.80
CA ARG B 344 -17.57 8.35 12.41
C ARG B 344 -18.38 7.55 11.39
N GLN B 345 -17.95 7.52 10.12
CA GLN B 345 -18.55 6.67 9.11
C GLN B 345 -17.73 5.43 8.80
N SER B 346 -16.46 5.39 9.19
CA SER B 346 -15.68 4.17 9.08
C SER B 346 -14.34 4.36 9.77
N PRO B 347 -13.86 3.37 10.54
CA PRO B 347 -12.51 3.46 11.10
C PRO B 347 -11.43 3.48 10.04
N GLU B 348 -11.73 3.03 8.82
CA GLU B 348 -10.74 3.17 7.75
C GLU B 348 -10.53 4.62 7.32
N PHE B 349 -11.31 5.57 7.84
CA PHE B 349 -11.11 6.97 7.53
C PHE B 349 -10.25 7.67 8.58
N GLY B 350 -9.65 6.92 9.50
CA GLY B 350 -8.67 7.46 10.41
C GLY B 350 -9.28 7.87 11.74
N ASN B 351 -8.40 8.36 12.62
CA ASN B 351 -8.76 8.74 13.99
C ASN B 351 -8.21 10.13 14.27
N PRO B 352 -8.96 11.19 13.92
CA PRO B 352 -8.45 12.56 14.12
C PRO B 352 -8.05 12.84 15.54
N ASP B 353 -8.74 12.24 16.52
CA ASP B 353 -8.50 12.64 17.90
C ASP B 353 -7.09 12.32 18.37
N LYS B 354 -6.40 11.38 17.73
CA LYS B 354 -5.01 11.12 18.08
C LYS B 354 -4.13 12.32 17.77
N PHE B 355 -4.56 13.18 16.86
CA PHE B 355 -3.72 14.29 16.40
C PHE B 355 -4.16 15.65 16.90
N CYS B 356 -5.46 15.84 17.17
CA CYS B 356 -5.96 17.17 17.52
C CYS B 356 -6.43 17.29 18.97
N GLN B 357 -6.43 16.20 19.74
CA GLN B 357 -6.79 16.25 21.15
C GLN B 357 -5.59 15.90 22.00
N ASN B 358 -5.59 16.40 23.24
CA ASN B 358 -4.55 16.05 24.21
C ASN B 358 -3.17 16.49 23.75
N ILE B 359 -3.10 17.63 23.05
CA ILE B 359 -1.80 18.16 22.66
C ILE B 359 -1.16 18.76 23.91
N PRO B 360 0.03 18.33 24.32
CA PRO B 360 0.62 18.83 25.57
C PRO B 360 0.80 20.34 25.54
N LYS B 361 0.58 20.98 26.69
CA LYS B 361 0.68 22.43 26.75
C LYS B 361 2.12 22.92 26.60
N LYS B 362 3.10 22.04 26.72
CA LYS B 362 4.48 22.41 26.45
C LYS B 362 4.75 22.52 24.94
N SER B 363 3.91 21.93 24.09
CA SER B 363 4.20 21.88 22.65
C SER B 363 4.44 23.26 22.05
N TRP B 364 5.21 23.26 20.97
CA TRP B 364 5.29 24.41 20.08
C TRP B 364 3.88 24.88 19.70
N PHE B 365 3.61 26.15 19.97
CA PHE B 365 2.41 26.86 19.49
C PHE B 365 2.76 28.15 18.77
N VAL B 366 3.78 28.88 19.22
CA VAL B 366 4.00 30.25 18.83
C VAL B 366 5.18 30.35 17.88
N SER B 367 4.99 31.07 16.78
CA SER B 367 6.07 31.56 15.93
C SER B 367 5.93 33.06 15.79
N ALA B 368 7.03 33.72 15.44
CA ALA B 368 6.99 35.17 15.31
C ALA B 368 7.88 35.61 14.15
N THR B 369 7.43 36.66 13.45
CA THR B 369 8.21 37.28 12.39
C THR B 369 8.58 38.68 12.84
N SER B 370 9.88 38.94 12.98
CA SER B 370 10.37 40.22 13.47
C SER B 370 11.04 40.95 12.32
N THR B 371 10.50 42.11 11.94
CA THR B 371 10.98 42.89 10.81
C THR B 371 11.69 44.14 11.32
N THR B 372 12.87 44.42 10.77
CA THR B 372 13.60 45.60 11.19
C THR B 372 14.47 46.13 10.06
N ASN B 373 14.72 47.43 10.10
CA ASN B 373 15.79 48.05 9.32
C ASN B 373 16.93 48.55 10.21
N ASN B 374 16.89 48.19 11.49
CA ASN B 374 17.88 48.65 12.45
C ASN B 374 19.22 48.00 12.14
N LYS B 375 20.25 48.83 11.93
CA LYS B 375 21.56 48.31 11.52
C LYS B 375 22.26 47.57 12.67
N GLU B 376 22.03 47.96 13.92
CA GLU B 376 22.64 47.24 15.04
C GLU B 376 22.14 45.79 15.09
N ILE B 377 20.84 45.58 14.91
CA ILE B 377 20.32 44.21 14.87
C ILE B 377 20.89 43.46 13.68
N ILE B 378 20.86 44.07 12.51
CA ILE B 378 21.33 43.41 11.30
C ILE B 378 22.82 43.09 11.40
N ASP B 379 23.61 44.02 11.94
CA ASP B 379 25.05 43.81 12.12
C ASP B 379 25.34 42.71 13.13
N THR B 380 24.52 42.62 14.18
CA THR B 380 24.69 41.55 15.15
C THR B 380 24.46 40.20 14.50
N ILE B 381 23.40 40.10 13.70
CA ILE B 381 23.17 38.85 12.96
C ILE B 381 24.36 38.53 12.07
N GLU B 382 24.82 39.51 11.29
CA GLU B 382 25.98 39.28 10.42
C GLU B 382 27.17 38.81 11.25
N SER B 383 27.33 39.35 12.46
CA SER B 383 28.41 38.95 13.34
C SER B 383 28.36 37.45 13.67
N ILE B 384 27.16 36.88 13.75
CA ILE B 384 27.00 35.48 14.13
C ILE B 384 27.02 34.57 12.91
N CYS B 385 26.28 34.92 11.87
CA CYS B 385 26.16 34.06 10.70
C CYS B 385 27.25 34.29 9.66
N LYS B 386 27.98 35.41 9.74
CA LYS B 386 29.09 35.74 8.85
C LYS B 386 28.64 36.13 7.44
N ARG B 387 27.37 36.45 7.23
CA ARG B 387 26.90 36.90 5.93
C ARG B 387 26.08 38.18 6.10
N ASP B 388 26.17 39.06 5.11
CA ASP B 388 25.42 40.31 5.05
C ASP B 388 23.93 40.02 4.89
N PRO B 389 23.11 40.28 5.91
CA PRO B 389 21.69 39.93 5.78
C PRO B 389 21.00 40.65 4.63
N LEU B 390 21.53 41.81 4.20
CA LEU B 390 20.86 42.62 3.18
C LEU B 390 21.43 42.40 1.78
N ALA B 391 22.40 41.50 1.61
CA ALA B 391 23.00 41.30 0.29
C ALA B 391 22.06 40.62 -0.70
N GLY B 392 21.01 39.95 -0.23
CA GLY B 392 20.08 39.27 -1.10
C GLY B 392 20.40 37.81 -1.35
N LYS B 393 21.45 37.28 -0.71
CA LYS B 393 21.78 35.86 -0.79
C LYS B 393 21.47 35.19 0.55
N THR B 394 21.85 33.93 0.66
CA THR B 394 21.75 33.20 1.91
C THR B 394 22.26 34.04 3.07
N VAL B 395 21.59 33.93 4.22
CA VAL B 395 22.01 34.68 5.40
C VAL B 395 22.40 33.70 6.50
N THR B 396 21.42 33.18 7.24
CA THR B 396 21.73 32.16 8.23
C THR B 396 21.83 30.76 7.64
N GLY B 397 21.32 30.55 6.43
CA GLY B 397 21.37 29.23 5.81
C GLY B 397 20.42 28.24 6.47
N GLY B 398 19.36 28.73 7.09
CA GLY B 398 18.50 27.93 7.94
C GLY B 398 18.63 28.37 9.38
N ILE B 399 17.88 27.67 10.25
CA ILE B 399 17.74 28.15 11.62
C ILE B 399 19.06 28.11 12.37
N ILE B 400 19.25 29.11 13.24
CA ILE B 400 20.24 29.06 14.31
C ILE B 400 19.49 28.71 15.59
N THR B 401 19.96 27.70 16.32
CA THR B 401 19.31 27.27 17.55
C THR B 401 20.05 27.86 18.76
N ILE B 402 19.28 28.40 19.71
CA ILE B 402 19.85 28.88 20.96
C ILE B 402 19.77 27.72 21.94
N ASN B 403 20.90 27.02 22.12
CA ASN B 403 20.89 25.73 22.80
C ASN B 403 20.45 25.84 24.25
N ASP B 404 20.82 26.92 24.94
CA ASP B 404 20.52 27.07 26.35
C ASP B 404 19.34 28.02 26.62
N SER B 405 18.50 28.26 25.62
CA SER B 405 17.29 29.05 25.83
C SER B 405 16.24 28.20 26.54
N ALA B 406 15.58 28.80 27.54
CA ALA B 406 14.51 28.09 28.24
C ALA B 406 13.38 27.71 27.30
N TRP B 407 13.08 28.56 26.31
CA TRP B 407 12.03 28.28 25.34
C TRP B 407 12.45 27.28 24.28
N GLN B 408 13.73 26.91 24.24
CA GLN B 408 14.29 26.15 23.13
C GLN B 408 13.92 26.81 21.80
N MET B 409 14.34 28.06 21.69
CA MET B 409 14.03 28.93 20.56
C MET B 409 15.05 28.79 19.45
N SER B 410 14.59 28.89 18.20
CA SER B 410 15.45 28.92 17.02
C SER B 410 14.98 30.06 16.14
N PHE B 411 15.84 30.54 15.23
CA PHE B 411 15.46 31.63 14.35
C PHE B 411 16.22 31.52 13.04
N THR B 412 15.61 32.03 11.97
CA THR B 412 16.28 32.01 10.68
C THR B 412 16.05 33.33 9.94
N ILE B 413 17.05 33.74 9.17
CA ILE B 413 16.93 34.82 8.21
C ILE B 413 17.17 34.21 6.83
N ASN B 414 16.13 34.16 6.01
CA ASN B 414 16.23 33.64 4.65
C ASN B 414 16.87 34.69 3.74
N ARG B 415 17.14 34.31 2.50
CA ARG B 415 17.49 35.33 1.49
C ARG B 415 16.49 36.46 1.60
N GLN B 416 16.99 37.70 1.66
CA GLN B 416 16.13 38.87 1.82
C GLN B 416 16.10 39.67 0.52
N GLN B 417 14.95 40.27 0.22
CA GLN B 417 13.74 40.14 1.04
C GLN B 417 12.88 38.95 0.57
N GLN B 418 12.07 38.41 1.48
CA GLN B 418 11.19 37.29 1.19
C GLN B 418 9.83 37.72 0.64
N PHE B 419 9.59 39.03 0.56
CA PHE B 419 8.34 39.60 0.05
C PHE B 419 8.67 40.62 -1.01
N LYS B 420 7.94 40.56 -2.14
CA LYS B 420 8.27 41.36 -3.32
C LYS B 420 8.23 42.86 -3.03
N ASP B 421 7.29 43.30 -2.18
CA ASP B 421 7.07 44.72 -1.94
C ASP B 421 7.69 45.20 -0.63
N GLN B 422 8.72 44.51 -0.16
CA GLN B 422 9.33 44.94 1.10
C GLN B 422 10.54 45.84 0.84
N PRO B 423 10.71 46.89 1.63
CA PRO B 423 11.86 47.78 1.45
C PRO B 423 13.17 47.02 1.46
N GLU B 424 14.11 47.45 0.62
CA GLU B 424 15.37 46.76 0.44
C GLU B 424 16.30 46.87 1.64
N ASN B 425 16.00 47.73 2.61
CA ASN B 425 16.85 47.88 3.78
C ASN B 425 16.30 47.13 5.00
N GLU B 426 15.33 46.24 4.80
CA GLU B 426 14.68 45.53 5.88
C GLU B 426 15.00 44.05 5.83
N ILE B 427 15.07 43.43 7.00
CA ILE B 427 15.06 41.98 7.12
C ILE B 427 13.85 41.56 7.94
N SER B 428 13.38 40.35 7.68
CA SER B 428 12.34 39.71 8.48
C SER B 428 12.89 38.40 9.01
N THR B 429 13.02 38.31 10.34
CA THR B 429 13.52 37.12 11.00
C THR B 429 12.36 36.26 11.45
N TRP B 430 12.44 34.95 11.22
CA TRP B 430 11.44 34.01 11.70
C TRP B 430 11.93 33.34 12.97
N ILE B 431 11.09 33.35 14.00
CA ILE B 431 11.44 32.84 15.33
C ILE B 431 10.40 31.81 15.75
N TYR B 432 10.85 30.69 16.33
CA TYR B 432 9.90 29.79 16.98
C TYR B 432 10.50 29.17 18.23
N ALA B 433 9.61 28.71 19.12
CA ALA B 433 10.00 28.12 20.40
C ALA B 433 9.37 26.74 20.53
N LEU B 434 10.20 25.74 20.82
CA LEU B 434 9.70 24.38 20.99
C LEU B 434 8.96 24.19 22.31
N TYR B 435 9.25 25.00 23.33
CA TYR B 435 8.62 24.87 24.64
C TYR B 435 7.77 26.10 24.93
N SER B 436 6.47 25.90 25.17
CA SER B 436 5.51 26.99 25.28
C SER B 436 5.06 27.32 26.70
N ASP B 437 5.44 26.53 27.71
CA ASP B 437 4.94 26.75 29.07
C ASP B 437 6.07 27.00 30.06
N VAL B 438 7.16 27.60 29.59
CA VAL B 438 8.38 27.80 30.38
C VAL B 438 8.73 29.28 30.33
N ASN B 439 9.05 29.85 31.50
CA ASN B 439 9.48 31.24 31.55
C ASN B 439 10.75 31.46 30.75
N GLY B 440 10.80 32.56 30.01
CA GLY B 440 12.00 32.91 29.29
C GLY B 440 13.14 33.26 30.23
N ASP B 441 14.33 33.40 29.63
CA ASP B 441 15.52 33.72 30.41
C ASP B 441 15.62 35.22 30.69
N TYR B 442 15.09 36.05 29.79
CA TYR B 442 15.08 37.49 29.96
C TYR B 442 13.69 38.03 30.21
N ILE B 443 12.72 37.69 29.35
CA ILE B 443 11.31 37.94 29.59
C ILE B 443 10.79 36.72 30.36
N LYS B 444 10.54 36.89 31.65
CA LYS B 444 10.30 35.74 32.52
C LYS B 444 8.82 35.33 32.49
N LYS B 445 8.36 34.98 31.29
CA LYS B 445 7.00 34.54 31.03
C LYS B 445 7.03 33.44 29.99
N PRO B 446 6.04 32.56 29.97
CA PRO B 446 5.90 31.64 28.84
C PRO B 446 5.64 32.41 27.54
N ILE B 447 6.09 31.83 26.43
CA ILE B 447 5.97 32.55 25.17
C ILE B 447 4.51 32.83 24.82
N THR B 448 3.57 31.97 25.28
CA THR B 448 2.17 32.21 24.94
C THR B 448 1.62 33.47 25.61
N GLU B 449 2.29 34.00 26.63
CA GLU B 449 1.89 35.22 27.28
C GLU B 449 2.60 36.46 26.73
N CYS B 450 3.42 36.31 25.69
CA CYS B 450 4.29 37.39 25.22
C CYS B 450 3.75 38.09 23.98
N SER B 451 3.85 39.41 23.97
CA SER B 451 3.62 40.20 22.77
C SER B 451 4.76 40.01 21.78
N GLY B 452 4.55 40.51 20.56
CA GLY B 452 5.63 40.52 19.59
C GLY B 452 6.90 41.14 20.13
N ASN B 453 6.80 42.32 20.74
CA ASN B 453 8.03 42.97 21.21
C ASN B 453 8.68 42.14 22.32
N GLU B 454 7.90 41.44 23.13
CA GLU B 454 8.49 40.62 24.18
C GLU B 454 9.22 39.42 23.61
N ILE B 455 8.63 38.75 22.61
CA ILE B 455 9.35 37.68 21.93
C ILE B 455 10.64 38.21 21.32
N CYS B 456 10.58 39.38 20.68
CA CYS B 456 11.78 39.97 20.10
C CYS B 456 12.83 40.26 21.18
N GLN B 457 12.40 40.75 22.35
CA GLN B 457 13.34 41.04 23.43
C GLN B 457 14.08 39.77 23.89
N GLU B 458 13.35 38.67 24.07
CA GLU B 458 14.00 37.43 24.48
C GLU B 458 14.99 36.97 23.42
N TRP B 459 14.60 37.10 22.14
CA TRP B 459 15.50 36.73 21.05
C TRP B 459 16.76 37.61 21.06
N LEU B 460 16.58 38.93 21.19
CA LEU B 460 17.75 39.81 21.18
C LEU B 460 18.68 39.53 22.37
N TYR B 461 18.11 39.16 23.53
CA TYR B 461 18.92 38.77 24.67
C TYR B 461 19.89 37.64 24.29
N HIS B 462 19.37 36.58 23.68
CA HIS B 462 20.19 35.43 23.32
C HIS B 462 21.13 35.72 22.15
N LEU B 463 20.88 36.77 21.37
CA LEU B 463 21.84 37.21 20.37
C LEU B 463 23.06 37.89 21.00
N GLY B 464 22.94 38.32 22.26
CA GLY B 464 24.02 39.02 22.94
C GLY B 464 23.92 40.52 22.89
N VAL B 465 22.76 41.08 22.51
CA VAL B 465 22.59 42.52 22.52
C VAL B 465 22.48 43.01 23.96
N SER B 466 23.09 44.15 24.24
CA SER B 466 23.08 44.66 25.61
C SER B 466 21.66 44.76 26.16
N THR B 467 21.46 44.28 27.38
CA THR B 467 20.13 44.35 27.97
C THR B 467 19.63 45.78 28.09
N ASP B 468 20.53 46.77 28.10
CA ASP B 468 20.09 48.16 28.16
C ASP B 468 19.49 48.63 26.84
N LYS B 469 19.74 47.93 25.74
CA LYS B 469 19.24 48.32 24.43
C LYS B 469 18.00 47.52 23.98
N ILE B 470 17.79 46.35 24.57
CA ILE B 470 16.83 45.37 24.05
C ILE B 470 15.43 45.95 23.96
N GLU B 471 14.96 46.56 25.06
CA GLU B 471 13.57 46.97 25.12
C GLU B 471 13.23 47.93 23.99
N ASP B 472 14.04 48.98 23.79
CA ASP B 472 13.69 49.94 22.76
C ASP B 472 13.89 49.38 21.37
N LEU B 473 14.90 48.52 21.18
CA LEU B 473 15.10 47.91 19.88
C LEU B 473 13.89 47.07 19.47
N ALA B 474 13.30 46.37 20.44
CA ALA B 474 12.12 45.56 20.13
C ALA B 474 10.87 46.42 19.97
N LYS B 475 10.71 47.42 20.85
CA LYS B 475 9.45 48.17 20.86
C LYS B 475 9.41 49.20 19.75
N HIS B 476 10.55 49.84 19.45
CA HIS B 476 10.55 51.03 18.60
C HIS B 476 11.40 50.90 17.35
N ALA B 477 12.32 49.94 17.28
CA ALA B 477 13.15 49.73 16.09
C ALA B 477 12.74 48.49 15.30
N SER B 478 11.72 47.77 15.75
CA SER B 478 11.30 46.52 15.14
C SER B 478 9.79 46.39 15.21
N ASN B 479 9.24 45.53 14.35
CA ASN B 479 7.83 45.18 14.38
C ASN B 479 7.75 43.66 14.29
N THR B 480 7.22 43.03 15.34
CA THR B 480 7.22 41.57 15.45
C THR B 480 5.78 41.09 15.57
N ILE B 481 5.38 40.18 14.68
CA ILE B 481 4.02 39.67 14.63
C ILE B 481 4.06 38.22 15.13
N PRO B 482 3.44 37.90 16.28
CA PRO B 482 3.37 36.52 16.74
C PRO B 482 2.13 35.82 16.22
N VAL B 483 2.24 34.50 16.07
CA VAL B 483 1.11 33.67 15.66
C VAL B 483 1.02 32.48 16.61
N TYR B 484 -0.20 32.18 17.03
CA TYR B 484 -0.48 31.01 17.88
C TYR B 484 -1.20 29.97 17.04
N MET B 485 -0.62 28.79 16.93
CA MET B 485 -1.16 27.71 16.10
C MET B 485 -1.39 26.49 16.97
N PRO B 486 -2.62 26.20 17.38
CA PRO B 486 -2.84 25.09 18.31
C PRO B 486 -2.37 23.74 17.76
N TYR B 487 -2.41 23.55 16.45
CA TYR B 487 -2.17 22.26 15.82
C TYR B 487 -0.83 22.18 15.09
N ILE B 488 0.08 23.12 15.34
CA ILE B 488 1.28 23.16 14.51
C ILE B 488 2.13 21.90 14.68
N THR B 489 2.08 21.25 15.85
CA THR B 489 2.81 20.01 16.09
C THR B 489 1.98 18.75 15.78
N SER B 490 0.77 18.89 15.24
CA SER B 490 -0.15 17.75 15.17
C SER B 490 0.30 16.64 14.22
N TYR B 491 1.12 16.95 13.21
CA TYR B 491 1.55 15.90 12.27
C TYR B 491 2.28 14.78 12.99
N PHE B 492 2.98 15.11 14.08
CA PHE B 492 3.96 14.24 14.72
C PHE B 492 3.43 13.53 15.97
N MET B 493 2.15 13.71 16.32
CA MET B 493 1.62 13.09 17.52
C MET B 493 1.72 11.57 17.43
N THR B 494 1.95 10.92 18.57
CA THR B 494 2.06 9.46 18.57
C THR B 494 0.82 8.86 17.90
N ARG B 495 1.06 7.87 17.04
CA ARG B 495 -0.02 7.30 16.26
C ARG B 495 0.18 5.80 16.13
N ALA B 496 -0.91 5.14 15.75
CA ALA B 496 -0.91 3.71 15.44
C ALA B 496 -1.28 3.54 13.98
N ILE B 497 -0.75 2.48 13.36
CA ILE B 497 -1.20 2.13 12.02
C ILE B 497 -2.73 2.07 12.01
N GLY B 498 -3.34 2.70 11.02
CA GLY B 498 -4.79 2.83 10.97
C GLY B 498 -5.32 4.18 11.43
N ASP B 499 -4.53 4.94 12.18
CA ASP B 499 -4.96 6.27 12.61
C ASP B 499 -5.06 7.25 11.44
N ARG B 500 -4.29 7.03 10.37
CA ARG B 500 -4.34 7.81 9.15
C ARG B 500 -5.01 7.00 8.05
N PRO B 501 -5.98 7.58 7.35
CA PRO B 501 -6.60 6.85 6.24
C PRO B 501 -5.61 6.62 5.11
N LEU B 502 -5.75 5.50 4.42
CA LEU B 502 -5.04 5.33 3.16
C LEU B 502 -5.45 6.43 2.19
N VAL B 503 -4.53 6.81 1.30
CA VAL B 503 -4.85 7.79 0.28
C VAL B 503 -6.13 7.40 -0.46
N VAL B 504 -6.23 6.14 -0.84
CA VAL B 504 -7.47 5.59 -1.37
C VAL B 504 -7.85 4.38 -0.51
N PRO B 505 -8.81 4.54 0.39
CA PRO B 505 -9.17 3.43 1.29
C PRO B 505 -9.64 2.21 0.51
N HIS B 506 -9.46 1.05 1.13
CA HIS B 506 -9.86 -0.22 0.53
C HIS B 506 -11.28 -0.13 -0.03
N GLN B 507 -11.44 -0.51 -1.31
CA GLN B 507 -12.72 -0.53 -2.00
C GLN B 507 -13.31 0.85 -2.26
N SER B 508 -12.55 1.92 -2.01
CA SER B 508 -13.06 3.25 -2.32
C SER B 508 -13.16 3.45 -3.83
N GLN B 509 -14.32 3.92 -4.27
CA GLN B 509 -14.57 4.13 -5.69
C GLN B 509 -14.29 5.56 -6.14
N ASN B 510 -14.61 6.54 -5.30
CA ASN B 510 -14.49 7.93 -5.73
C ASN B 510 -14.04 8.85 -4.61
N LEU B 511 -13.41 8.34 -3.56
CA LEU B 511 -13.02 9.13 -2.40
C LEU B 511 -11.55 8.90 -2.11
N ALA B 512 -10.81 9.99 -1.93
CA ALA B 512 -9.40 9.91 -1.61
C ALA B 512 -9.08 10.88 -0.49
N PHE B 513 -8.05 10.54 0.29
CA PHE B 513 -7.53 11.42 1.35
C PHE B 513 -6.11 11.82 0.99
N ILE B 514 -5.82 13.12 1.07
CA ILE B 514 -4.52 13.63 0.68
C ILE B 514 -4.02 14.58 1.77
N GLY B 515 -2.75 14.95 1.66
CA GLY B 515 -2.12 15.80 2.66
C GLY B 515 -1.37 14.99 3.69
N ASN B 516 -0.87 15.72 4.70
CA ASN B 516 0.06 15.15 5.66
C ASN B 516 -0.61 14.41 6.84
N PHE B 517 -1.92 14.16 6.77
CA PHE B 517 -2.56 13.22 7.67
C PHE B 517 -3.09 11.99 6.94
N ALA B 518 -2.72 11.82 5.67
CA ALA B 518 -3.02 10.58 4.96
C ALA B 518 -1.86 9.61 5.07
N GLU B 519 -2.09 8.35 4.68
CA GLU B 519 -1.14 7.26 4.89
C GLU B 519 -0.57 6.79 3.55
N THR B 520 0.76 6.79 3.43
CA THR B 520 1.45 6.11 2.33
C THR B 520 2.78 5.60 2.87
N GLU B 521 3.36 4.62 2.19
CA GLU B 521 4.56 3.97 2.71
C GLU B 521 5.75 4.92 2.75
N ARG B 522 6.56 4.69 3.79
CA ARG B 522 7.85 5.34 4.08
C ARG B 522 8.09 6.84 3.98
N ASP B 523 7.23 7.61 3.33
CA ASP B 523 7.53 9.04 3.23
C ASP B 523 7.19 9.77 4.53
N THR B 524 7.73 10.98 4.65
CA THR B 524 7.78 11.72 5.91
C THR B 524 6.80 12.90 5.85
N VAL B 525 6.02 13.09 6.92
CA VAL B 525 5.05 14.18 6.95
C VAL B 525 5.72 15.45 7.49
N PHE B 526 4.96 16.55 7.51
CA PHE B 526 5.52 17.88 7.64
C PHE B 526 6.42 18.23 6.46
N THR B 527 6.15 17.69 5.26
CA THR B 527 6.91 18.05 4.08
C THR B 527 5.97 18.35 2.92
N THR B 528 6.38 19.30 2.08
CA THR B 528 5.61 19.58 0.87
C THR B 528 5.64 18.40 -0.09
N GLU B 529 6.70 17.59 -0.04
CA GLU B 529 6.74 16.39 -0.88
C GLU B 529 5.59 15.45 -0.53
N TYR B 530 5.31 15.29 0.77
CA TYR B 530 4.23 14.39 1.18
C TYR B 530 2.88 14.86 0.63
N SER B 531 2.67 16.18 0.60
CA SER B 531 1.46 16.74 0.02
C SER B 531 1.35 16.39 -1.47
N VAL B 532 2.44 16.56 -2.22
CA VAL B 532 2.38 16.28 -3.65
C VAL B 532 2.28 14.78 -3.89
N ARG B 533 3.02 13.98 -3.11
CA ARG B 533 2.96 12.53 -3.27
C ARG B 533 1.54 12.02 -3.10
N THR B 534 0.89 12.38 -1.98
CA THR B 534 -0.47 11.88 -1.75
C THR B 534 -1.42 12.35 -2.83
N ALA B 535 -1.31 13.60 -3.26
CA ALA B 535 -2.09 14.10 -4.39
C ALA B 535 -1.90 13.23 -5.63
N MET B 536 -0.63 12.94 -5.95
CA MET B 536 -0.35 12.17 -7.16
C MET B 536 -0.91 10.76 -7.05
N GLU B 537 -0.67 10.10 -5.91
CA GLU B 537 -1.17 8.75 -5.69
C GLU B 537 -2.70 8.70 -5.70
N ALA B 538 -3.35 9.75 -5.18
CA ALA B 538 -4.80 9.80 -5.19
C ALA B 538 -5.34 9.90 -6.61
N VAL B 539 -4.77 10.80 -7.41
CA VAL B 539 -5.26 10.99 -8.78
C VAL B 539 -4.97 9.74 -9.61
N TYR B 540 -3.76 9.20 -9.49
CA TYR B 540 -3.39 8.04 -10.31
C TYR B 540 -4.27 6.82 -9.98
N GLN B 541 -4.56 6.63 -8.69
CA GLN B 541 -5.33 5.44 -8.29
C GLN B 541 -6.79 5.59 -8.68
N LEU B 542 -7.40 6.74 -8.42
CA LEU B 542 -8.82 6.92 -8.72
C LEU B 542 -9.09 6.91 -10.22
N LEU B 543 -8.15 7.40 -11.04
CA LEU B 543 -8.30 7.38 -12.48
C LEU B 543 -7.59 6.22 -13.16
N ASN B 544 -6.86 5.40 -12.42
CA ASN B 544 -6.12 4.27 -12.98
C ASN B 544 -5.16 4.71 -14.08
N ILE B 545 -4.31 5.67 -13.75
CA ILE B 545 -3.39 6.25 -14.71
C ILE B 545 -2.22 5.28 -14.91
N ASP B 546 -1.89 4.99 -16.18
CA ASP B 546 -0.92 3.94 -16.53
C ASP B 546 0.50 4.53 -16.62
N ARG B 547 1.00 4.97 -15.47
CA ARG B 547 2.37 5.48 -15.36
C ARG B 547 2.82 5.28 -13.92
N GLY B 548 4.09 4.95 -13.74
CA GLY B 548 4.60 4.71 -12.41
C GLY B 548 4.68 5.99 -11.58
N ILE B 549 4.57 5.82 -10.28
CA ILE B 549 4.79 6.89 -9.31
C ILE B 549 6.19 6.71 -8.74
N PRO B 550 7.01 7.76 -8.69
CA PRO B 550 8.36 7.57 -8.16
C PRO B 550 8.31 7.11 -6.72
N GLU B 551 9.02 6.00 -6.43
CA GLU B 551 9.07 5.54 -5.05
C GLU B 551 9.77 6.58 -4.18
N VAL B 552 9.55 6.48 -2.87
CA VAL B 552 10.39 7.25 -1.94
C VAL B 552 11.84 6.87 -2.21
N ILE B 553 12.73 7.88 -2.26
CA ILE B 553 14.08 7.63 -2.77
C ILE B 553 14.70 6.44 -2.04
N ASN B 554 15.39 5.59 -2.80
CA ASN B 554 15.89 4.30 -2.32
C ASN B 554 17.13 4.44 -1.43
N SER B 555 17.39 5.59 -0.83
CA SER B 555 18.69 5.78 -0.17
C SER B 555 18.94 4.84 0.99
N PRO B 556 17.95 4.47 1.83
CA PRO B 556 18.25 3.57 2.95
C PRO B 556 18.60 2.16 2.50
N PHE B 557 18.37 1.82 1.23
CA PHE B 557 18.74 0.52 0.68
C PHE B 557 20.06 0.55 -0.08
N ASP B 558 20.68 1.73 -0.19
CA ASP B 558 21.87 1.94 -1.01
C ASP B 558 23.11 1.78 -0.15
N LEU B 559 23.91 0.74 -0.45
CA LEU B 559 25.10 0.44 0.36
C LEU B 559 26.04 1.63 0.43
N ARG B 560 26.14 2.39 -0.65
CA ARG B 560 27.01 3.56 -0.65
C ARG B 560 26.53 4.58 0.36
N VAL B 561 25.23 4.84 0.38
CA VAL B 561 24.65 5.80 1.33
C VAL B 561 24.79 5.29 2.75
N LEU B 562 24.61 3.99 2.95
CA LEU B 562 24.73 3.42 4.29
C LEU B 562 26.17 3.51 4.79
N MET B 563 27.15 3.33 3.90
CA MET B 563 28.55 3.51 4.32
C MET B 563 28.81 4.95 4.76
N ASP B 564 28.34 5.92 3.97
CA ASP B 564 28.47 7.31 4.38
C ASP B 564 27.81 7.55 5.73
N ALA B 565 26.62 6.97 5.95
CA ALA B 565 25.90 7.23 7.20
C ALA B 565 26.69 6.74 8.41
N ILE B 566 27.30 5.55 8.30
CA ILE B 566 28.11 5.04 9.40
C ILE B 566 29.28 5.98 9.66
N TYR B 567 29.91 6.44 8.58
CA TYR B 567 31.04 7.36 8.72
C TYR B 567 30.62 8.66 9.39
N GLU B 568 29.47 9.22 8.96
CA GLU B 568 29.05 10.51 9.48
C GLU B 568 28.52 10.41 10.90
N LEU B 569 27.72 9.39 11.19
CA LEU B 569 27.14 9.25 12.52
C LEU B 569 28.20 9.08 13.60
N ASN B 570 29.34 8.47 13.25
CA ASN B 570 30.44 8.29 14.17
C ASN B 570 31.43 9.45 14.14
N ASP B 571 31.00 10.62 13.66
CA ASP B 571 31.83 11.83 13.60
C ASP B 571 33.13 11.58 12.86
N HIS B 572 33.01 10.96 11.68
CA HIS B 572 34.10 10.81 10.71
C HIS B 572 35.20 9.88 11.22
N GLN B 573 34.80 8.73 11.74
CA GLN B 573 35.75 7.70 12.15
C GLN B 573 35.64 6.51 11.21
N ASP B 574 36.75 5.81 11.02
CA ASP B 574 36.72 4.59 10.22
C ASP B 574 36.34 3.39 11.08
N LEU B 575 36.20 2.22 10.45
CA LEU B 575 35.74 1.04 11.18
C LEU B 575 36.68 0.65 12.29
N ARG B 576 37.98 0.90 12.12
CA ARG B 576 38.95 0.54 13.15
C ARG B 576 38.72 1.36 14.41
N GLU B 577 38.55 2.67 14.26
CA GLU B 577 38.24 3.53 15.40
C GLU B 577 36.87 3.21 16.00
N ILE B 578 35.87 2.95 15.14
CA ILE B 578 34.52 2.70 15.65
C ILE B 578 34.48 1.49 16.57
N THR B 579 35.34 0.49 16.33
CA THR B 579 35.28 -0.78 17.05
C THR B 579 36.40 -0.93 18.08
N LYS B 580 37.16 0.12 18.35
CA LYS B 580 38.35 0.04 19.19
C LYS B 580 38.05 -0.16 20.67
N ASP B 581 36.80 -0.43 21.05
CA ASP B 581 36.46 -0.63 22.46
C ASP B 581 35.38 -1.69 22.63
N SER B 582 35.29 -2.61 21.68
CA SER B 582 34.33 -3.71 21.75
C SER B 582 35.04 -4.98 21.31
N LYS B 583 35.08 -5.98 22.19
CA LYS B 583 35.78 -7.22 21.87
C LYS B 583 35.08 -7.95 20.73
N MET B 584 33.77 -8.16 20.84
CA MET B 584 33.04 -8.79 19.74
C MET B 584 33.25 -8.05 18.43
N GLN B 585 33.28 -6.72 18.47
CA GLN B 585 33.34 -5.93 17.25
C GLN B 585 34.72 -6.01 16.61
N LYS B 586 35.77 -5.77 17.38
CA LYS B 586 37.13 -5.87 16.86
C LYS B 586 37.42 -7.25 16.32
N LEU B 587 36.95 -8.28 17.03
CA LEU B 587 37.10 -9.66 16.57
C LEU B 587 36.40 -9.85 15.23
N ALA B 588 35.14 -9.41 15.12
CA ALA B 588 34.41 -9.57 13.88
C ALA B 588 35.03 -8.76 12.76
N LEU B 589 35.50 -7.54 13.07
CA LEU B 589 36.11 -6.71 12.03
C LEU B 589 37.39 -7.34 11.50
N ALA B 590 38.25 -7.85 12.40
CA ALA B 590 39.47 -8.53 11.98
C ALA B 590 39.17 -9.60 10.95
N GLY B 591 38.27 -10.53 11.29
CA GLY B 591 37.96 -11.61 10.38
C GLY B 591 37.39 -11.10 9.07
N PHE B 592 36.58 -10.05 9.15
CA PHE B 592 35.99 -9.44 7.97
C PHE B 592 37.05 -8.83 7.06
N LEU B 593 37.94 -8.02 7.65
CA LEU B 593 39.00 -7.38 6.86
C LEU B 593 39.89 -8.41 6.18
N LYS B 594 40.15 -9.53 6.86
CA LYS B 594 41.01 -10.56 6.26
C LYS B 594 40.35 -11.17 5.04
N LYS B 595 39.02 -11.22 5.01
CA LYS B 595 38.35 -11.78 3.84
C LYS B 595 38.17 -10.77 2.71
N ILE B 596 38.06 -9.47 2.99
CA ILE B 596 37.82 -8.49 1.94
C ILE B 596 39.09 -7.79 1.48
N LYS B 597 40.23 -8.07 2.11
CA LYS B 597 41.49 -7.44 1.72
C LYS B 597 41.74 -7.63 0.22
N GLY B 598 41.95 -6.52 -0.48
CA GLY B 598 42.23 -6.57 -1.90
C GLY B 598 41.03 -6.81 -2.79
N THR B 599 39.82 -6.71 -2.26
CA THR B 599 38.60 -6.93 -3.02
C THR B 599 37.89 -5.62 -3.26
N TYR B 600 36.83 -5.71 -4.07
CA TYR B 600 36.01 -4.54 -4.37
C TYR B 600 35.37 -3.98 -3.11
N ILE B 601 35.05 -4.84 -2.14
CA ILE B 601 34.47 -4.35 -0.89
C ILE B 601 35.44 -3.42 -0.16
N GLU B 602 36.72 -3.76 -0.15
CA GLU B 602 37.70 -2.88 0.48
C GLU B 602 37.79 -1.54 -0.24
N SER B 603 37.80 -1.57 -1.59
CA SER B 603 37.86 -0.33 -2.34
C SER B 603 36.65 0.55 -2.03
N LEU B 604 35.47 -0.06 -1.93
CA LEU B 604 34.27 0.71 -1.64
C LEU B 604 34.36 1.35 -0.26
N LEU B 605 34.77 0.57 0.75
CA LEU B 605 34.90 1.11 2.10
C LEU B 605 35.93 2.24 2.13
N LYS B 606 37.05 2.09 1.42
CA LYS B 606 38.05 3.16 1.39
C LYS B 606 37.49 4.41 0.74
N GLU B 607 36.78 4.26 -0.39
CA GLU B 607 36.20 5.41 -1.06
C GLU B 607 35.26 6.18 -0.13
N HIS B 608 34.54 5.48 0.73
CA HIS B 608 33.61 6.12 1.65
C HIS B 608 34.21 6.35 3.03
N LYS B 609 35.54 6.26 3.14
CA LYS B 609 36.29 6.70 4.32
C LYS B 609 36.13 5.78 5.52
N LEU B 610 35.58 4.58 5.32
CA LEU B 610 35.43 3.63 6.42
C LEU B 610 36.66 2.75 6.61
N LEU B 611 37.61 2.77 5.67
CA LEU B 611 38.91 2.14 5.86
C LEU B 611 40.02 3.02 5.32
N SER C 19 36.13 16.88 -12.21
CA SER C 19 36.04 16.89 -13.67
C SER C 19 35.12 18.01 -14.15
N HIS C 20 34.77 17.98 -15.43
CA HIS C 20 33.86 18.96 -16.01
C HIS C 20 32.43 18.43 -16.12
N MET C 21 32.07 17.50 -15.23
CA MET C 21 30.75 16.87 -15.20
C MET C 21 30.52 16.31 -13.81
N TYR C 22 29.27 16.01 -13.49
CA TYR C 22 28.98 15.27 -12.28
C TYR C 22 27.82 14.31 -12.55
N TYR C 23 27.79 13.22 -11.80
CA TYR C 23 26.75 12.22 -11.93
C TYR C 23 25.66 12.48 -10.89
N SER C 24 24.42 12.14 -11.24
CA SER C 24 23.29 12.36 -10.36
C SER C 24 22.28 11.25 -10.59
N TYR C 25 21.20 11.28 -9.80
CA TYR C 25 20.06 10.43 -10.10
C TYR C 25 18.83 11.08 -9.48
N GLY C 26 17.66 10.61 -9.89
CA GLY C 26 16.42 11.16 -9.43
C GLY C 26 15.88 12.27 -10.32
N ASN C 27 14.66 12.69 -9.97
CA ASN C 27 13.84 13.54 -10.83
C ASN C 27 14.30 14.99 -10.85
N TYR C 28 14.88 15.49 -9.76
CA TYR C 28 15.38 16.87 -9.72
C TYR C 28 16.29 17.15 -10.92
N GLU C 29 17.38 16.38 -11.04
CA GLU C 29 18.30 16.60 -12.16
C GLU C 29 17.74 16.10 -13.48
N ALA C 30 16.85 15.11 -13.47
CA ALA C 30 16.27 14.62 -14.72
C ALA C 30 15.43 15.71 -15.38
N PHE C 31 14.60 16.40 -14.60
CA PHE C 31 13.65 17.34 -15.15
C PHE C 31 14.24 18.73 -15.33
N ALA C 32 15.31 19.04 -14.62
CA ALA C 32 15.91 20.36 -14.68
C ALA C 32 16.51 20.61 -16.06
N ARG C 33 16.48 21.87 -16.49
CA ARG C 33 17.14 22.30 -17.73
C ARG C 33 18.44 23.04 -17.41
N PRO C 34 19.52 22.79 -18.15
CA PRO C 34 20.75 23.54 -17.90
C PRO C 34 20.67 24.93 -18.51
N LYS C 35 21.32 25.88 -17.83
CA LYS C 35 21.52 27.19 -18.43
C LYS C 35 22.30 27.06 -19.72
N LYS C 36 22.07 28.02 -20.62
CA LYS C 36 22.85 28.05 -21.85
C LYS C 36 24.35 28.08 -21.51
N PRO C 37 25.14 27.18 -22.07
CA PRO C 37 26.56 27.13 -21.73
C PRO C 37 27.33 28.38 -22.19
N GLU C 38 28.48 28.62 -21.52
CA GLU C 38 29.35 29.75 -21.81
C GLU C 38 29.80 29.84 -23.22
N ASN C 39 29.63 31.02 -23.81
CA ASN C 39 30.32 31.35 -25.06
C ASN C 39 30.01 30.33 -26.16
N VAL C 40 28.92 29.57 -26.00
CA VAL C 40 28.64 28.56 -27.02
C VAL C 40 28.34 29.19 -28.36
N GLU C 41 27.89 30.46 -28.36
CA GLU C 41 27.61 31.14 -29.63
C GLU C 41 28.84 31.25 -30.53
N ASN C 42 30.04 31.08 -29.97
CA ASN C 42 31.27 31.23 -30.75
C ASN C 42 31.95 29.89 -31.02
N LYS C 43 31.23 28.79 -30.84
CA LYS C 43 31.78 27.46 -31.01
C LYS C 43 31.07 26.72 -32.14
N SER C 44 31.78 25.75 -32.71
CA SER C 44 31.25 24.85 -33.74
C SER C 44 31.51 23.41 -33.33
N ALA C 45 30.95 22.46 -34.10
CA ALA C 45 31.17 21.05 -33.82
C ALA C 45 31.26 20.27 -35.11
N TYR C 46 32.17 19.30 -35.13
CA TYR C 46 32.34 18.34 -36.22
C TYR C 46 32.18 16.93 -35.65
N LEU C 47 31.27 16.16 -36.22
CA LEU C 47 30.97 14.81 -35.74
C LEU C 47 31.33 13.84 -36.85
N ILE C 48 32.25 12.93 -36.57
CA ILE C 48 32.79 12.06 -37.62
C ILE C 48 31.89 10.84 -37.75
N GLY C 49 31.18 10.75 -38.88
CA GLY C 49 30.26 9.65 -39.12
C GLY C 49 28.86 9.93 -38.60
N SER C 50 27.91 9.08 -39.01
CA SER C 50 26.51 9.27 -38.65
C SER C 50 25.97 8.10 -37.83
N GLY C 51 26.85 7.43 -37.08
CA GLY C 51 26.42 6.40 -36.16
C GLY C 51 25.59 6.95 -35.03
N LEU C 52 25.06 6.07 -34.19
CA LEU C 52 24.12 6.52 -33.16
C LEU C 52 24.76 7.49 -32.17
N ALA C 53 26.02 7.25 -31.78
CA ALA C 53 26.64 8.15 -30.82
C ALA C 53 26.82 9.54 -31.41
N SER C 54 27.27 9.60 -32.67
CA SER C 54 27.48 10.87 -33.33
C SER C 54 26.17 11.68 -33.41
N LEU C 55 25.09 11.02 -33.84
CA LEU C 55 23.79 11.71 -33.90
C LEU C 55 23.31 12.12 -32.52
N ALA C 56 23.51 11.27 -31.51
CA ALA C 56 23.11 11.64 -30.15
C ALA C 56 23.85 12.87 -29.67
N ALA C 57 25.17 12.92 -29.89
CA ALA C 57 25.94 14.10 -29.51
C ALA C 57 25.41 15.34 -30.21
N ALA C 58 25.11 15.24 -31.50
CA ALA C 58 24.52 16.37 -32.21
C ALA C 58 23.21 16.80 -31.57
N CYS C 59 22.40 15.83 -31.15
CA CYS C 59 21.15 16.17 -30.47
C CYS C 59 21.40 16.89 -29.15
N PHE C 60 22.38 16.45 -28.36
CA PHE C 60 22.67 17.14 -27.10
C PHE C 60 23.25 18.53 -27.36
N LEU C 61 24.05 18.66 -28.42
CA LEU C 61 24.59 19.97 -28.76
C LEU C 61 23.48 20.97 -29.06
N ILE C 62 22.46 20.53 -29.79
CA ILE C 62 21.29 21.37 -30.07
C ILE C 62 20.50 21.62 -28.79
N ARG C 63 20.11 20.55 -28.09
CA ARG C 63 19.12 20.70 -27.02
C ARG C 63 19.71 21.34 -25.79
N ASP C 64 20.85 20.83 -25.33
CA ASP C 64 21.44 21.31 -24.08
C ASP C 64 22.59 22.28 -24.33
N GLY C 65 23.39 22.06 -25.36
CA GLY C 65 24.40 23.03 -25.70
C GLY C 65 23.83 24.33 -26.21
N GLN C 66 22.64 24.27 -26.82
CA GLN C 66 22.05 25.42 -27.52
C GLN C 66 23.01 25.95 -28.58
N MET C 67 23.81 25.05 -29.15
CA MET C 67 24.67 25.40 -30.26
C MET C 67 23.84 25.60 -31.53
N GLU C 68 24.22 26.60 -32.33
CA GLU C 68 23.57 26.86 -33.60
C GLU C 68 23.67 25.65 -34.52
N GLY C 69 22.53 25.26 -35.11
CA GLY C 69 22.53 24.12 -36.01
C GLY C 69 23.48 24.31 -37.19
N SER C 70 23.53 25.52 -37.75
CA SER C 70 24.39 25.73 -38.91
C SER C 70 25.86 25.50 -38.59
N LYS C 71 26.23 25.50 -37.31
CA LYS C 71 27.63 25.31 -36.92
C LYS C 71 27.92 23.88 -36.47
N ILE C 72 26.98 22.95 -36.68
CA ILE C 72 27.15 21.54 -36.36
C ILE C 72 27.26 20.78 -37.68
N HIS C 73 28.37 20.06 -37.86
CA HIS C 73 28.69 19.42 -39.14
C HIS C 73 28.88 17.92 -38.93
N ILE C 74 27.98 17.13 -39.50
CA ILE C 74 28.06 15.68 -39.45
C ILE C 74 28.75 15.24 -40.73
N LEU C 75 29.95 14.65 -40.58
CA LEU C 75 30.78 14.25 -41.70
C LEU C 75 30.53 12.78 -41.99
N GLU C 76 29.85 12.49 -43.10
CA GLU C 76 29.46 11.14 -43.47
C GLU C 76 30.27 10.68 -44.69
N GLU C 77 30.74 9.44 -44.64
CA GLU C 77 31.58 8.90 -45.71
C GLU C 77 30.79 8.53 -46.95
N LEU C 78 29.62 7.88 -46.78
CA LEU C 78 28.85 7.45 -47.93
C LEU C 78 28.22 8.65 -48.62
N PRO C 79 27.82 8.48 -49.89
CA PRO C 79 27.07 9.55 -50.58
C PRO C 79 25.66 9.66 -50.03
N LYS C 80 24.98 10.72 -50.44
CA LYS C 80 23.60 10.94 -50.00
C LYS C 80 22.64 10.00 -50.73
N PRO C 91 22.84 -1.73 -52.53
CA PRO C 91 22.25 -2.56 -53.59
C PRO C 91 22.06 -4.04 -53.21
N LEU C 92 21.59 -4.27 -51.99
CA LEU C 92 21.46 -5.63 -51.49
C LEU C 92 20.32 -6.37 -52.19
N LYS C 93 20.36 -7.70 -52.10
CA LYS C 93 19.39 -8.55 -52.74
C LYS C 93 18.30 -9.03 -51.79
N GLY C 94 18.17 -8.38 -50.64
CA GLY C 94 17.15 -8.79 -49.68
C GLY C 94 17.24 -7.93 -48.44
N TYR C 95 16.23 -8.07 -47.59
CA TYR C 95 16.21 -7.36 -46.32
C TYR C 95 17.32 -7.88 -45.41
N VAL C 96 17.87 -6.98 -44.60
CA VAL C 96 18.90 -7.34 -43.63
C VAL C 96 18.55 -6.68 -42.30
N VAL C 97 18.38 -7.50 -41.26
CA VAL C 97 18.11 -7.06 -39.90
C VAL C 97 19.41 -7.02 -39.12
N ARG C 98 19.55 -6.05 -38.24
CA ARG C 98 20.70 -5.97 -37.35
C ARG C 98 20.26 -6.42 -35.97
N GLY C 99 20.71 -7.61 -35.57
CA GLY C 99 20.35 -8.16 -34.28
C GLY C 99 21.22 -7.60 -33.16
N GLY C 100 20.60 -7.37 -32.01
CA GLY C 100 21.34 -6.87 -30.87
C GLY C 100 21.07 -5.45 -30.46
N ARG C 101 19.80 -5.10 -30.70
CA ARG C 101 19.19 -3.81 -30.43
C ARG C 101 18.18 -3.86 -29.28
N GLU C 102 18.36 -4.84 -28.37
CA GLU C 102 17.58 -4.94 -27.17
C GLU C 102 17.80 -3.71 -26.30
N MET C 103 16.75 -3.30 -25.59
CA MET C 103 16.82 -2.18 -24.68
C MET C 103 16.12 -2.56 -23.39
N GLU C 104 16.32 -1.74 -22.35
CA GLU C 104 15.67 -1.97 -21.07
C GLU C 104 15.29 -0.63 -20.44
N ASN C 105 14.50 -0.73 -19.37
CA ASN C 105 13.99 0.49 -18.75
C ASN C 105 15.13 1.38 -18.25
N HIS C 106 16.23 0.81 -17.74
CA HIS C 106 17.27 1.63 -17.13
C HIS C 106 18.38 2.03 -18.09
N PHE C 107 18.04 2.25 -19.37
CA PHE C 107 18.87 3.00 -20.30
C PHE C 107 18.70 4.48 -19.99
N GLU C 108 19.32 4.92 -18.88
CA GLU C 108 19.00 6.22 -18.29
C GLU C 108 19.31 7.39 -19.22
N CYS C 109 20.46 7.36 -19.91
CA CYS C 109 20.81 8.48 -20.79
C CYS C 109 20.01 8.43 -22.08
N LEU C 110 19.77 7.23 -22.59
CA LEU C 110 19.03 7.10 -23.84
C LEU C 110 17.61 7.63 -23.69
N TRP C 111 16.97 7.39 -22.54
CA TRP C 111 15.62 7.91 -22.39
C TRP C 111 15.64 9.42 -22.11
N ASP C 112 16.69 9.93 -21.46
CA ASP C 112 16.85 11.39 -21.38
C ASP C 112 16.85 12.00 -22.79
N LEU C 113 17.56 11.37 -23.72
CA LEU C 113 17.62 11.91 -25.08
C LEU C 113 16.29 11.76 -25.79
N PHE C 114 15.72 10.55 -25.81
CA PHE C 114 14.63 10.33 -26.74
C PHE C 114 13.29 10.84 -26.24
N ARG C 115 13.20 11.28 -24.98
CA ARG C 115 12.01 12.02 -24.58
C ARG C 115 11.92 13.37 -25.28
N SER C 116 13.02 13.87 -25.86
CA SER C 116 13.00 15.15 -26.56
C SER C 116 12.95 15.02 -28.08
N ILE C 117 12.94 13.80 -28.60
CA ILE C 117 12.96 13.56 -30.04
C ILE C 117 11.53 13.25 -30.48
N PRO C 118 10.92 14.05 -31.34
CA PRO C 118 9.54 13.77 -31.75
C PRO C 118 9.43 12.43 -32.45
N SER C 119 8.37 11.69 -32.11
CA SER C 119 8.09 10.45 -32.82
C SER C 119 7.74 10.75 -34.27
N LEU C 120 8.16 9.87 -35.17
CA LEU C 120 7.72 9.95 -36.56
C LEU C 120 6.44 9.16 -36.80
N GLU C 121 5.96 8.44 -35.77
CA GLU C 121 4.81 7.57 -35.92
C GLU C 121 3.55 8.09 -35.24
N ILE C 122 3.69 8.82 -34.14
CA ILE C 122 2.56 9.28 -33.35
C ILE C 122 2.69 10.78 -33.15
N ASP C 123 1.60 11.51 -33.41
CA ASP C 123 1.60 12.95 -33.22
C ASP C 123 1.68 13.31 -31.73
N ASN C 124 2.25 14.48 -31.47
CA ASN C 124 2.31 15.03 -30.11
C ASN C 124 2.90 14.02 -29.12
N ALA C 125 3.90 13.28 -29.56
CA ALA C 125 4.55 12.30 -28.71
C ALA C 125 6.02 12.21 -29.07
N SER C 126 6.84 11.84 -28.08
CA SER C 126 8.25 11.61 -28.33
C SER C 126 8.50 10.16 -28.73
N VAL C 127 9.73 9.90 -29.18
CA VAL C 127 10.17 8.51 -29.39
C VAL C 127 9.97 7.70 -28.11
N LEU C 128 10.27 8.29 -26.96
CA LEU C 128 10.07 7.56 -25.71
C LEU C 128 8.60 7.21 -25.51
N ASP C 129 7.70 8.18 -25.69
CA ASP C 129 6.28 7.90 -25.54
C ASP C 129 5.86 6.73 -26.43
N GLU C 130 6.24 6.78 -27.72
CA GLU C 130 5.87 5.73 -28.64
C GLU C 130 6.34 4.37 -28.13
N PHE C 131 7.60 4.30 -27.73
CA PHE C 131 8.22 3.07 -27.26
C PHE C 131 7.59 2.60 -25.95
N TYR C 132 7.37 3.53 -25.02
CA TYR C 132 6.77 3.20 -23.73
C TYR C 132 5.38 2.59 -23.90
N TRP C 133 4.52 3.25 -24.67
CA TRP C 133 3.17 2.74 -24.92
C TRP C 133 3.22 1.41 -25.65
N LEU C 134 4.06 1.29 -26.67
CA LEU C 134 4.13 0.04 -27.43
C LEU C 134 4.49 -1.12 -26.53
N ASN C 135 5.48 -0.95 -25.67
CA ASN C 135 5.92 -2.05 -24.84
C ASN C 135 5.00 -2.30 -23.65
N LYS C 136 4.08 -1.38 -23.33
CA LYS C 136 3.01 -1.75 -22.39
C LYS C 136 1.87 -2.48 -23.11
N GLU C 137 1.57 -2.12 -24.36
CA GLU C 137 0.51 -2.79 -25.10
C GLU C 137 0.91 -4.21 -25.46
N ASP C 138 2.19 -4.43 -25.74
CA ASP C 138 2.69 -5.71 -26.25
C ASP C 138 3.98 -6.04 -25.52
N PRO C 139 3.89 -6.39 -24.24
CA PRO C 139 5.11 -6.61 -23.45
C PRO C 139 5.90 -7.80 -23.96
N ASN C 140 7.22 -7.64 -24.00
CA ASN C 140 8.10 -8.70 -24.51
C ASN C 140 8.32 -9.80 -23.48
N TYR C 141 8.24 -11.05 -23.94
CA TYR C 141 8.63 -12.23 -23.17
C TYR C 141 8.75 -13.40 -24.13
N SER C 142 9.55 -14.38 -23.74
CA SER C 142 9.77 -15.59 -24.53
C SER C 142 8.96 -16.74 -23.96
N ARG C 143 8.28 -17.48 -24.84
CA ARG C 143 7.59 -18.70 -24.46
C ARG C 143 8.41 -19.95 -24.82
N CYS C 144 9.60 -19.77 -25.36
CA CYS C 144 10.50 -20.87 -25.63
C CYS C 144 11.88 -20.29 -25.91
N ARG C 145 12.83 -20.54 -25.02
CA ARG C 145 14.11 -19.86 -25.09
C ARG C 145 15.24 -20.73 -25.63
N VAL C 146 15.19 -22.05 -25.42
CA VAL C 146 16.24 -22.95 -25.90
C VAL C 146 15.59 -24.20 -26.48
N ILE C 147 16.07 -24.62 -27.65
CA ILE C 147 15.62 -25.87 -28.26
C ILE C 147 16.82 -26.75 -28.52
N GLU C 148 16.53 -28.02 -28.80
CA GLU C 148 17.56 -29.03 -29.03
C GLU C 148 16.90 -30.18 -29.76
N LYS C 149 17.73 -31.06 -30.32
CA LYS C 149 17.22 -32.28 -30.97
C LYS C 149 16.17 -31.93 -32.03
N GLN C 150 16.52 -30.98 -32.89
CA GLN C 150 15.71 -30.59 -34.04
C GLN C 150 14.29 -30.18 -33.63
N GLY C 151 14.21 -29.26 -32.67
CA GLY C 151 12.97 -28.56 -32.41
C GLY C 151 12.32 -28.81 -31.08
N GLN C 152 12.99 -29.52 -30.17
CA GLN C 152 12.42 -29.84 -28.87
C GLN C 152 12.85 -28.80 -27.86
N ARG C 153 11.94 -28.38 -27.00
CA ARG C 153 12.30 -27.43 -25.96
C ARG C 153 13.21 -28.09 -24.94
N LEU C 154 14.22 -27.36 -24.49
CA LEU C 154 15.06 -27.82 -23.40
C LEU C 154 14.23 -28.07 -22.15
N VAL C 155 14.39 -29.26 -21.55
CA VAL C 155 13.48 -29.65 -20.47
C VAL C 155 13.66 -28.75 -19.25
N THR C 156 14.88 -28.28 -19.00
CA THR C 156 15.16 -27.39 -17.88
C THR C 156 15.06 -25.91 -18.25
N ASP C 157 14.55 -25.59 -19.44
CA ASP C 157 14.43 -24.20 -19.84
C ASP C 157 13.70 -23.41 -18.77
N GLY C 158 14.25 -22.24 -18.43
CA GLY C 158 13.72 -21.39 -17.38
C GLY C 158 14.54 -21.40 -16.11
N ASP C 159 15.30 -22.47 -15.86
CA ASP C 159 16.16 -22.59 -14.70
C ASP C 159 17.61 -22.27 -15.08
N PHE C 160 18.37 -21.79 -14.10
CA PHE C 160 19.77 -21.44 -14.32
C PHE C 160 20.72 -22.63 -14.18
N THR C 161 20.29 -23.68 -13.48
CA THR C 161 21.11 -24.86 -13.17
C THR C 161 22.54 -24.48 -12.82
N LEU C 162 22.66 -23.55 -11.86
CA LEU C 162 23.95 -23.16 -11.32
C LEU C 162 24.23 -23.92 -10.04
N THR C 163 25.42 -24.50 -9.94
CA THR C 163 25.85 -25.08 -8.68
C THR C 163 26.31 -23.99 -7.73
N LYS C 164 26.50 -24.35 -6.46
CA LYS C 164 27.03 -23.36 -5.51
C LYS C 164 28.41 -22.90 -5.91
N THR C 165 29.22 -23.80 -6.50
CA THR C 165 30.54 -23.40 -7.00
C THR C 165 30.42 -22.35 -8.10
N ALA C 166 29.47 -22.55 -9.03
CA ALA C 166 29.29 -21.58 -10.10
C ALA C 166 28.81 -20.24 -9.56
N ILE C 167 27.83 -20.26 -8.64
CA ILE C 167 27.35 -19.01 -8.05
C ILE C 167 28.47 -18.30 -7.31
N LYS C 168 29.29 -19.05 -6.58
CA LYS C 168 30.44 -18.45 -5.90
C LYS C 168 31.36 -17.76 -6.89
N GLU C 169 31.59 -18.38 -8.06
CA GLU C 169 32.48 -17.75 -9.04
C GLU C 169 31.88 -16.45 -9.59
N ILE C 170 30.56 -16.42 -9.76
CA ILE C 170 29.91 -15.19 -10.19
C ILE C 170 30.14 -14.09 -9.16
N LEU C 171 29.88 -14.42 -7.89
CA LEU C 171 30.07 -13.43 -6.84
C LEU C 171 31.53 -12.99 -6.75
N ASP C 172 32.46 -13.95 -6.78
CA ASP C 172 33.87 -13.59 -6.64
C ASP C 172 34.33 -12.71 -7.80
N LEU C 173 33.82 -12.95 -9.01
CA LEU C 173 34.12 -12.03 -10.11
C LEU C 173 33.66 -10.62 -9.77
N CYS C 174 32.43 -10.48 -9.29
CA CYS C 174 31.91 -9.15 -8.99
C CYS C 174 32.69 -8.49 -7.86
N LEU C 175 33.17 -9.26 -6.89
CA LEU C 175 33.97 -8.72 -5.80
C LEU C 175 35.41 -8.42 -6.21
N THR C 176 35.78 -8.68 -7.46
CA THR C 176 37.11 -8.33 -7.94
C THR C 176 37.11 -6.89 -8.45
N ASN C 177 38.17 -6.17 -8.11
CA ASN C 177 38.35 -4.82 -8.63
C ASN C 177 38.59 -4.86 -10.13
N GLU C 178 37.90 -3.97 -10.86
CA GLU C 178 38.09 -3.90 -12.30
C GLU C 178 39.57 -3.76 -12.65
N GLU C 179 40.31 -3.01 -11.83
CA GLU C 179 41.72 -2.79 -12.08
C GLU C 179 42.54 -4.08 -12.06
N ASP C 180 42.02 -5.14 -11.46
CA ASP C 180 42.70 -6.43 -11.41
C ASP C 180 42.29 -7.38 -12.52
N LEU C 181 41.47 -6.91 -13.48
CA LEU C 181 40.98 -7.77 -14.55
C LEU C 181 41.57 -7.43 -15.91
N ASP C 182 42.63 -6.62 -15.96
CA ASP C 182 43.30 -6.32 -17.21
C ASP C 182 43.63 -7.60 -17.96
N ASP C 183 43.15 -7.70 -19.19
CA ASP C 183 43.44 -8.78 -20.13
C ASP C 183 43.03 -10.16 -19.64
N VAL C 184 42.17 -10.23 -18.62
CA VAL C 184 41.69 -11.51 -18.11
C VAL C 184 40.54 -12.00 -18.98
N LYS C 185 40.54 -13.30 -19.29
CA LYS C 185 39.52 -13.94 -20.10
C LYS C 185 38.40 -14.49 -19.23
N ILE C 186 37.23 -14.64 -19.84
CA ILE C 186 36.11 -15.26 -19.14
C ILE C 186 36.48 -16.67 -18.69
N THR C 187 37.22 -17.41 -19.52
CA THR C 187 37.64 -18.74 -19.10
C THR C 187 38.62 -18.72 -17.93
N ASP C 188 39.22 -17.57 -17.64
CA ASP C 188 40.16 -17.44 -16.53
C ASP C 188 39.47 -17.37 -15.17
N VAL C 189 38.18 -17.01 -15.13
CA VAL C 189 37.52 -16.74 -13.86
C VAL C 189 36.32 -17.65 -13.61
N PHE C 190 36.01 -18.57 -14.54
CA PHE C 190 34.95 -19.54 -14.34
C PHE C 190 35.48 -20.94 -14.63
N SER C 191 34.83 -21.94 -14.02
CA SER C 191 35.22 -23.34 -14.16
C SER C 191 34.09 -24.16 -14.78
N ASP C 192 34.17 -25.49 -14.66
CA ASP C 192 33.31 -26.37 -15.46
C ASP C 192 31.84 -26.19 -15.11
N ASP C 193 31.50 -26.15 -13.83
CA ASP C 193 30.09 -26.05 -13.44
C ASP C 193 29.41 -24.87 -14.11
N PHE C 194 30.04 -23.70 -14.08
CA PHE C 194 29.44 -22.52 -14.68
C PHE C 194 29.20 -22.73 -16.17
N PHE C 195 30.22 -23.20 -16.89
CA PHE C 195 30.08 -23.36 -18.34
C PHE C 195 29.09 -24.45 -18.73
N ASN C 196 28.71 -25.33 -17.80
CA ASN C 196 27.68 -26.33 -18.06
C ASN C 196 26.29 -25.87 -17.63
N SER C 197 26.15 -24.65 -17.12
CA SER C 197 24.87 -24.19 -16.59
C SER C 197 23.98 -23.63 -17.71
N ASN C 198 22.67 -23.66 -17.47
CA ASN C 198 21.75 -22.94 -18.36
C ASN C 198 22.01 -21.44 -18.32
N PHE C 199 22.47 -20.94 -17.18
CA PHE C 199 22.80 -19.53 -17.07
C PHE C 199 23.75 -19.10 -18.18
N TRP C 200 24.82 -19.87 -18.40
CA TRP C 200 25.78 -19.53 -19.43
C TRP C 200 25.17 -19.63 -20.82
N ILE C 201 24.28 -20.61 -21.04
CA ILE C 201 23.56 -20.66 -22.32
C ILE C 201 22.81 -19.36 -22.56
N TYR C 202 21.95 -18.97 -21.62
CA TYR C 202 21.20 -17.72 -21.76
C TYR C 202 22.13 -16.54 -21.95
N TRP C 203 23.16 -16.47 -21.10
CA TRP C 203 24.02 -15.29 -21.01
C TRP C 203 24.84 -15.12 -22.28
N LYS C 204 25.55 -16.17 -22.69
CA LYS C 204 26.49 -16.04 -23.79
C LYS C 204 25.78 -15.76 -25.10
N THR C 205 24.58 -16.32 -25.30
CA THR C 205 23.86 -16.14 -26.55
C THR C 205 23.13 -14.79 -26.61
N MET C 206 22.54 -14.36 -25.50
CA MET C 206 21.80 -13.10 -25.56
C MET C 206 22.72 -11.91 -25.69
N PHE C 207 23.96 -12.01 -25.19
CA PHE C 207 24.91 -10.91 -25.23
C PHE C 207 26.06 -11.14 -26.22
N ALA C 208 26.15 -12.33 -26.82
CA ALA C 208 27.24 -12.69 -27.73
C ALA C 208 28.61 -12.69 -27.04
N PHE C 209 28.69 -13.25 -25.83
CA PHE C 209 29.99 -13.44 -25.19
C PHE C 209 30.64 -14.73 -25.71
N GLU C 210 31.91 -14.64 -26.06
CA GLU C 210 32.71 -15.82 -26.36
C GLU C 210 33.58 -16.16 -25.15
N PRO C 211 34.01 -17.41 -25.02
CA PRO C 211 34.74 -17.80 -23.79
C PRO C 211 36.04 -17.04 -23.58
N TRP C 212 36.67 -16.57 -24.65
CA TRP C 212 37.92 -15.83 -24.58
C TRP C 212 37.70 -14.33 -24.41
N HIS C 213 36.46 -13.88 -24.25
CA HIS C 213 36.19 -12.46 -24.20
C HIS C 213 36.54 -11.88 -22.82
N SER C 214 36.37 -10.57 -22.70
CA SER C 214 36.82 -9.82 -21.53
C SER C 214 36.02 -10.20 -20.28
N ALA C 215 36.71 -10.72 -19.26
CA ALA C 215 36.08 -10.91 -17.97
C ALA C 215 35.68 -9.57 -17.34
N MET C 216 36.47 -8.53 -17.60
CA MET C 216 36.13 -7.19 -17.11
C MET C 216 34.75 -6.78 -17.61
N GLU C 217 34.48 -7.00 -18.91
CA GLU C 217 33.19 -6.62 -19.44
C GLU C 217 32.09 -7.55 -18.95
N MET C 218 32.37 -8.85 -18.84
CA MET C 218 31.38 -9.74 -18.24
C MET C 218 31.00 -9.26 -16.84
N ARG C 219 31.99 -8.84 -16.05
CA ARG C 219 31.70 -8.33 -14.72
C ARG C 219 30.81 -7.10 -14.78
N ARG C 220 31.15 -6.15 -15.66
CA ARG C 220 30.29 -4.97 -15.81
C ARG C 220 28.85 -5.38 -16.14
N TYR C 221 28.68 -6.36 -17.03
CA TYR C 221 27.35 -6.83 -17.39
C TYR C 221 26.61 -7.42 -16.19
N LEU C 222 27.29 -8.26 -15.41
CA LEU C 222 26.65 -8.85 -14.23
C LEU C 222 26.14 -7.78 -13.29
N MET C 223 26.97 -6.78 -12.99
CA MET C 223 26.54 -5.73 -12.07
C MET C 223 25.55 -4.78 -12.72
N ARG C 224 25.71 -4.54 -14.02
CA ARG C 224 24.90 -3.54 -14.71
C ARG C 224 23.44 -3.95 -14.81
N PHE C 225 23.17 -5.24 -15.01
CA PHE C 225 21.81 -5.70 -15.23
C PHE C 225 21.31 -6.62 -14.11
N VAL C 226 21.92 -6.52 -12.92
CA VAL C 226 21.50 -7.37 -11.80
C VAL C 226 20.03 -7.21 -11.47
N HIS C 227 19.47 -6.01 -11.67
CA HIS C 227 18.06 -5.82 -11.39
C HIS C 227 17.16 -6.65 -12.30
N HIS C 228 17.68 -7.18 -13.40
CA HIS C 228 16.86 -7.93 -14.35
C HIS C 228 17.15 -9.42 -14.33
N ILE C 229 17.83 -9.93 -13.28
CA ILE C 229 18.16 -11.35 -13.26
C ILE C 229 16.91 -12.21 -13.37
N SER C 230 15.81 -11.76 -12.78
CA SER C 230 14.57 -12.53 -12.82
C SER C 230 13.99 -12.62 -14.24
N GLY C 231 14.47 -11.80 -15.18
CA GLY C 231 13.91 -11.79 -16.51
C GLY C 231 14.91 -12.20 -17.58
N LEU C 232 16.02 -12.82 -17.16
CA LEU C 232 17.02 -13.23 -18.14
C LEU C 232 16.58 -14.46 -18.92
N ALA C 233 15.96 -15.44 -18.24
CA ALA C 233 15.60 -16.66 -18.96
C ALA C 233 14.44 -16.46 -19.92
N ASP C 234 13.51 -15.56 -19.61
CA ASP C 234 12.33 -15.39 -20.45
C ASP C 234 12.30 -14.04 -21.16
N PHE C 235 13.38 -13.25 -21.08
CA PHE C 235 13.50 -11.98 -21.78
C PHE C 235 12.42 -10.98 -21.37
N SER C 236 11.78 -11.17 -20.22
CA SER C 236 10.70 -10.27 -19.82
C SER C 236 11.18 -8.87 -19.43
N ALA C 237 12.48 -8.63 -19.38
CA ALA C 237 12.99 -7.29 -19.13
C ALA C 237 13.38 -6.56 -20.41
N LEU C 238 13.37 -7.26 -21.54
CA LEU C 238 13.75 -6.66 -22.81
C LEU C 238 12.61 -5.82 -23.38
N LYS C 239 12.97 -4.74 -24.05
CA LYS C 239 12.02 -3.87 -24.73
C LYS C 239 12.56 -3.53 -26.11
N PHE C 240 11.67 -3.46 -27.11
CA PHE C 240 12.07 -3.31 -28.49
C PHE C 240 11.33 -2.15 -29.14
N THR C 241 12.00 -1.49 -30.10
CA THR C 241 11.31 -0.48 -30.90
C THR C 241 10.31 -1.15 -31.85
N LYS C 242 9.41 -0.33 -32.40
CA LYS C 242 8.40 -0.83 -33.33
C LYS C 242 9.04 -1.40 -34.59
N TYR C 243 10.01 -0.69 -35.15
CA TYR C 243 10.65 -1.09 -36.38
C TYR C 243 12.14 -1.27 -36.15
N ASN C 244 12.85 -1.54 -37.24
CA ASN C 244 14.29 -1.63 -37.20
C ASN C 244 14.88 -0.33 -36.65
N GLN C 245 16.12 -0.41 -36.14
CA GLN C 245 16.72 0.73 -35.44
C GLN C 245 16.80 1.97 -36.33
N TYR C 246 17.15 1.80 -37.60
CA TYR C 246 17.27 2.96 -38.47
C TYR C 246 15.94 3.71 -38.53
N GLU C 247 14.85 2.97 -38.71
CA GLU C 247 13.54 3.60 -38.81
C GLU C 247 13.10 4.22 -37.47
N SER C 248 13.35 3.53 -36.37
CA SER C 248 12.74 3.89 -35.09
C SER C 248 13.61 4.81 -34.24
N LEU C 249 14.93 4.78 -34.39
CA LEU C 249 15.81 5.64 -33.60
C LEU C 249 16.59 6.62 -34.45
N VAL C 250 17.18 6.17 -35.55
CA VAL C 250 18.06 7.04 -36.33
C VAL C 250 17.26 8.10 -37.07
N LEU C 251 16.24 7.68 -37.83
CA LEU C 251 15.46 8.64 -38.60
C LEU C 251 14.83 9.72 -37.73
N PRO C 252 14.26 9.42 -36.56
CA PRO C 252 13.74 10.52 -35.73
C PRO C 252 14.83 11.50 -35.31
N MET C 253 16.03 11.03 -35.01
CA MET C 253 17.12 11.96 -34.69
C MET C 253 17.49 12.79 -35.91
N VAL C 254 17.59 12.17 -37.07
CA VAL C 254 17.95 12.90 -38.27
C VAL C 254 16.94 14.02 -38.54
N GLU C 255 15.64 13.69 -38.43
CA GLU C 255 14.62 14.71 -38.67
C GLU C 255 14.71 15.84 -37.64
N TYR C 256 14.94 15.48 -36.37
CA TYR C 256 15.13 16.51 -35.35
C TYR C 256 16.31 17.42 -35.70
N LEU C 257 17.44 16.82 -36.05
CA LEU C 257 18.63 17.61 -36.37
C LEU C 257 18.39 18.51 -37.58
N LYS C 258 17.87 17.93 -38.67
CA LYS C 258 17.61 18.73 -39.87
C LYS C 258 16.65 19.87 -39.58
N SER C 259 15.61 19.61 -38.78
CA SER C 259 14.68 20.67 -38.44
C SER C 259 15.35 21.80 -37.66
N HIS C 260 16.52 21.54 -37.07
CA HIS C 260 17.26 22.58 -36.37
C HIS C 260 18.45 23.11 -37.18
N GLY C 261 18.52 22.78 -38.47
CA GLY C 261 19.51 23.34 -39.36
C GLY C 261 20.86 22.68 -39.37
N VAL C 262 20.99 21.49 -38.79
CA VAL C 262 22.29 20.81 -38.72
C VAL C 262 22.76 20.43 -40.11
N GLN C 263 24.06 20.52 -40.34
CA GLN C 263 24.66 20.30 -41.64
C GLN C 263 25.11 18.85 -41.78
N PHE C 264 24.60 18.18 -42.82
CA PHE C 264 25.01 16.81 -43.14
C PHE C 264 25.86 16.88 -44.39
N GLU C 265 27.13 16.48 -44.28
CA GLU C 265 28.08 16.51 -45.38
C GLU C 265 28.43 15.08 -45.76
N TYR C 266 28.25 14.73 -47.03
CA TYR C 266 28.37 13.35 -47.46
C TYR C 266 29.61 13.14 -48.31
N ASP C 267 29.99 11.86 -48.45
CA ASP C 267 31.19 11.44 -49.14
C ASP C 267 32.45 12.10 -48.59
N VAL C 268 32.48 12.32 -47.28
CA VAL C 268 33.63 12.82 -46.56
C VAL C 268 34.26 11.66 -45.81
N LYS C 269 35.52 11.39 -46.09
CA LYS C 269 36.27 10.33 -45.43
C LYS C 269 37.36 10.97 -44.59
N VAL C 270 37.29 10.78 -43.28
CA VAL C 270 38.28 11.36 -42.37
C VAL C 270 39.45 10.40 -42.27
N GLU C 271 40.63 10.84 -42.72
CA GLU C 271 41.81 10.00 -42.69
C GLU C 271 42.63 10.19 -41.42
N ASP C 272 42.73 11.42 -40.93
CA ASP C 272 43.51 11.70 -39.74
C ASP C 272 43.01 13.01 -39.15
N ILE C 273 43.41 13.25 -37.91
CA ILE C 273 43.16 14.52 -37.23
C ILE C 273 44.47 14.92 -36.58
N LYS C 274 45.04 16.04 -37.01
CA LYS C 274 46.25 16.54 -36.39
C LYS C 274 45.90 17.08 -35.01
N ILE C 275 46.49 16.49 -33.97
CA ILE C 275 46.24 16.90 -32.59
C ILE C 275 47.56 17.38 -31.99
N ASP C 276 47.56 18.59 -31.45
CA ASP C 276 48.71 19.11 -30.72
C ASP C 276 48.58 18.67 -29.27
N VAL C 277 49.50 17.81 -28.83
CA VAL C 277 49.53 17.34 -27.44
C VAL C 277 50.68 18.06 -26.75
N THR C 278 50.34 18.96 -25.84
CA THR C 278 51.32 19.71 -25.06
C THR C 278 51.16 19.36 -23.59
N THR C 279 52.01 19.97 -22.77
CA THR C 279 51.99 19.65 -21.34
C THR C 279 50.65 19.98 -20.71
N SER C 280 50.01 21.06 -21.15
CA SER C 280 48.82 21.55 -20.49
C SER C 280 47.55 21.37 -21.31
N GLN C 281 47.65 20.97 -22.57
CA GLN C 281 46.46 20.90 -23.41
C GLN C 281 46.63 19.85 -24.49
N LYS C 282 45.51 19.30 -24.92
CA LYS C 282 45.40 18.59 -26.19
C LYS C 282 44.37 19.33 -27.02
N ILE C 283 44.78 19.75 -28.21
CA ILE C 283 43.94 20.56 -29.08
C ILE C 283 43.95 19.98 -30.49
N ALA C 284 42.77 19.66 -31.00
CA ALA C 284 42.65 19.24 -32.40
C ALA C 284 42.83 20.43 -33.32
N ARG C 285 43.74 20.30 -34.28
CA ARG C 285 44.10 21.40 -35.17
C ARG C 285 43.55 21.27 -36.58
N GLU C 286 43.40 20.05 -37.09
CA GLU C 286 43.09 19.89 -38.49
C GLU C 286 42.50 18.51 -38.69
N ILE C 287 41.40 18.44 -39.45
CA ILE C 287 40.83 17.19 -39.89
C ILE C 287 41.25 16.97 -41.33
N LEU C 288 42.01 15.91 -41.57
CA LEU C 288 42.45 15.55 -42.92
C LEU C 288 41.44 14.60 -43.54
N ILE C 289 40.85 15.01 -44.66
CA ILE C 289 39.73 14.30 -45.24
C ILE C 289 39.94 14.11 -46.74
N ASP C 290 39.16 13.20 -47.31
CA ASP C 290 38.97 13.06 -48.74
C ASP C 290 37.52 13.43 -49.02
N ARG C 291 37.31 14.57 -49.67
CA ARG C 291 35.96 15.03 -50.01
C ARG C 291 35.70 14.63 -51.46
N ASN C 292 34.92 13.56 -51.64
CA ASN C 292 34.63 12.98 -52.94
C ASN C 292 35.88 12.94 -53.82
N GLY C 293 36.93 12.31 -53.31
CA GLY C 293 38.17 12.13 -54.04
C GLY C 293 39.17 13.26 -53.91
N ASN C 294 38.74 14.44 -53.47
CA ASN C 294 39.64 15.59 -53.34
C ASN C 294 40.24 15.61 -51.93
N ALA C 295 41.57 15.57 -51.83
CA ALA C 295 42.23 15.72 -50.54
C ALA C 295 42.02 17.15 -50.03
N GLU C 296 41.49 17.27 -48.81
CA GLU C 296 41.21 18.58 -48.23
C GLU C 296 41.49 18.54 -46.74
N SER C 297 41.41 19.70 -46.12
CA SER C 297 41.59 19.77 -44.68
C SER C 297 40.65 20.80 -44.10
N ILE C 298 40.05 20.49 -42.96
CA ILE C 298 39.21 21.42 -42.21
C ILE C 298 40.07 21.97 -41.07
N LYS C 299 40.36 23.26 -41.11
CA LYS C 299 41.16 23.87 -40.07
C LYS C 299 40.30 24.10 -38.84
N LEU C 300 40.84 23.75 -37.67
CA LEU C 300 40.12 23.86 -36.40
C LEU C 300 40.80 24.87 -35.50
N THR C 301 39.99 25.59 -34.74
CA THR C 301 40.44 26.33 -33.58
C THR C 301 39.99 25.61 -32.32
N ILE C 302 40.44 26.11 -31.17
CA ILE C 302 40.03 25.53 -29.90
C ILE C 302 38.52 25.55 -29.75
N ASN C 303 37.83 26.43 -30.47
CA ASN C 303 36.39 26.56 -30.34
C ASN C 303 35.64 25.68 -31.33
N ASP C 304 36.34 24.91 -32.15
CA ASP C 304 35.72 23.92 -33.03
C ASP C 304 35.89 22.56 -32.36
N LEU C 305 34.76 21.99 -31.90
CA LEU C 305 34.79 20.69 -31.24
C LEU C 305 34.79 19.57 -32.28
N VAL C 306 35.48 18.48 -31.96
CA VAL C 306 35.51 17.32 -32.85
C VAL C 306 35.19 16.08 -32.04
N PHE C 307 34.24 15.29 -32.52
CA PHE C 307 33.74 14.11 -31.82
C PHE C 307 34.06 12.89 -32.69
N VAL C 308 34.92 12.02 -32.19
CA VAL C 308 35.40 10.85 -32.93
C VAL C 308 34.73 9.62 -32.35
N THR C 309 34.08 8.82 -33.22
CA THR C 309 33.63 7.49 -32.84
C THR C 309 34.74 6.53 -33.22
N ASN C 310 35.62 6.24 -32.26
CA ASN C 310 36.83 5.48 -32.56
C ASN C 310 36.51 3.99 -32.67
N GLY C 311 36.89 3.38 -33.78
CA GLY C 311 36.62 1.97 -34.01
C GLY C 311 35.19 1.71 -34.45
N SER C 312 34.96 0.49 -34.96
CA SER C 312 33.65 0.14 -35.46
C SER C 312 33.52 -1.38 -35.54
N ILE C 313 32.36 -1.89 -35.09
CA ILE C 313 32.11 -3.33 -35.22
C ILE C 313 31.52 -3.69 -36.57
N THR C 314 31.04 -2.71 -37.35
CA THR C 314 30.43 -3.02 -38.65
C THR C 314 31.34 -2.71 -39.82
N GLU C 315 32.45 -2.01 -39.57
CA GLU C 315 33.42 -1.69 -40.61
C GLU C 315 33.84 -2.94 -41.38
N SER C 316 33.98 -2.80 -42.70
CA SER C 316 34.47 -3.85 -43.58
C SER C 316 33.49 -5.01 -43.73
N SER C 317 32.23 -4.82 -43.38
CA SER C 317 31.25 -5.88 -43.60
C SER C 317 31.09 -6.15 -45.09
N THR C 318 30.91 -7.43 -45.42
CA THR C 318 30.64 -7.88 -46.77
C THR C 318 29.29 -8.59 -46.78
N TYR C 319 28.68 -8.68 -47.96
CA TYR C 319 27.34 -9.24 -48.09
C TYR C 319 27.34 -10.33 -49.14
N GLY C 320 26.61 -11.42 -48.86
CA GLY C 320 26.29 -12.43 -49.83
C GLY C 320 24.85 -12.33 -50.29
N ASP C 321 24.32 -13.46 -50.76
CA ASP C 321 22.91 -13.51 -51.13
C ASP C 321 22.44 -14.95 -50.99
N ASN C 322 21.24 -15.24 -51.51
CA ASN C 322 20.70 -16.59 -51.37
C ASN C 322 21.64 -17.66 -51.90
N ASP C 323 22.52 -17.31 -52.83
CA ASP C 323 23.36 -18.29 -53.50
C ASP C 323 24.84 -18.10 -53.23
N THR C 324 25.23 -17.04 -52.52
CA THR C 324 26.62 -16.64 -52.44
C THR C 324 26.96 -16.38 -50.96
N PRO C 325 28.04 -16.95 -50.44
CA PRO C 325 28.47 -16.57 -49.09
C PRO C 325 28.95 -15.14 -49.06
N ALA C 326 28.79 -14.51 -47.92
CA ALA C 326 29.46 -13.22 -47.71
C ALA C 326 30.96 -13.47 -47.69
N PRO C 327 31.74 -12.86 -48.55
CA PRO C 327 33.18 -13.18 -48.62
C PRO C 327 33.91 -12.73 -47.38
N PRO C 328 34.63 -13.64 -46.69
CA PRO C 328 35.41 -13.23 -45.53
C PRO C 328 36.47 -12.18 -45.88
N THR C 329 36.75 -11.31 -44.91
CA THR C 329 37.69 -10.23 -45.10
C THR C 329 38.41 -9.93 -43.79
N ASP C 330 39.65 -9.42 -43.90
CA ASP C 330 40.38 -8.89 -42.77
C ASP C 330 40.76 -7.43 -42.96
N GLU C 331 40.10 -6.76 -43.90
CA GLU C 331 40.45 -5.39 -44.23
C GLU C 331 40.19 -4.46 -43.06
N LEU C 332 41.12 -3.53 -42.84
CA LEU C 332 40.91 -2.40 -41.92
C LEU C 332 40.29 -1.26 -42.72
N GLY C 333 39.09 -0.87 -42.36
CA GLY C 333 38.43 0.23 -43.02
C GLY C 333 38.86 1.57 -42.45
N GLY C 334 38.11 2.61 -42.81
CA GLY C 334 38.46 3.95 -42.41
C GLY C 334 38.39 4.17 -40.92
N SER C 335 37.46 3.48 -40.24
CA SER C 335 37.30 3.74 -38.81
C SER C 335 38.52 3.23 -38.03
N TRP C 336 38.95 2.00 -38.32
CA TRP C 336 40.11 1.46 -37.63
C TRP C 336 41.40 2.17 -38.03
N THR C 337 41.52 2.55 -39.30
CA THR C 337 42.70 3.32 -39.72
C THR C 337 42.76 4.67 -39.00
N LEU C 338 41.62 5.35 -38.84
CA LEU C 338 41.62 6.63 -38.14
C LEU C 338 42.05 6.46 -36.69
N TRP C 339 41.48 5.48 -35.98
CA TRP C 339 41.86 5.30 -34.59
C TRP C 339 43.35 4.98 -34.45
N LYS C 340 43.89 4.15 -35.35
CA LYS C 340 45.33 3.89 -35.30
C LYS C 340 46.13 5.16 -35.53
N ASN C 341 45.67 6.02 -36.44
CA ASN C 341 46.38 7.26 -36.71
C ASN C 341 46.34 8.22 -35.52
N LEU C 342 45.23 8.22 -34.78
CA LEU C 342 45.15 9.03 -33.56
C LEU C 342 45.95 8.41 -32.43
N ALA C 343 45.96 7.07 -32.35
CA ALA C 343 46.67 6.39 -31.26
C ALA C 343 48.17 6.63 -31.34
N ARG C 344 48.71 6.90 -32.53
CA ARG C 344 50.13 7.15 -32.65
C ARG C 344 50.51 8.54 -32.13
N GLN C 345 49.53 9.41 -31.91
CA GLN C 345 49.82 10.76 -31.45
C GLN C 345 49.80 10.90 -29.93
N SER C 346 49.20 9.96 -29.21
CA SER C 346 49.22 9.98 -27.76
C SER C 346 48.79 8.65 -27.21
N PRO C 347 49.51 8.08 -26.22
CA PRO C 347 49.04 6.83 -25.60
C PRO C 347 47.71 7.01 -24.91
N GLU C 348 47.33 8.24 -24.56
CA GLU C 348 46.04 8.48 -23.94
C GLU C 348 44.88 8.31 -24.92
N PHE C 349 45.16 8.08 -26.20
CA PHE C 349 44.13 7.93 -27.22
C PHE C 349 43.77 6.47 -27.48
N GLY C 350 44.31 5.55 -26.69
CA GLY C 350 43.86 4.16 -26.70
C GLY C 350 44.75 3.26 -27.55
N ASN C 351 44.37 1.99 -27.59
CA ASN C 351 45.14 0.94 -28.25
C ASN C 351 44.17 0.15 -29.13
N PRO C 352 43.90 0.64 -30.34
CA PRO C 352 42.94 -0.06 -31.21
C PRO C 352 43.31 -1.50 -31.51
N ASP C 353 44.61 -1.80 -31.58
CA ASP C 353 45.06 -3.15 -31.95
C ASP C 353 44.53 -4.21 -30.98
N LYS C 354 44.26 -3.83 -29.73
CA LYS C 354 43.69 -4.80 -28.79
C LYS C 354 42.32 -5.29 -29.25
N PHE C 355 41.61 -4.51 -30.06
CA PHE C 355 40.26 -4.83 -30.47
C PHE C 355 40.14 -5.30 -31.91
N CYS C 356 40.99 -4.80 -32.81
CA CYS C 356 40.87 -5.11 -34.24
C CYS C 356 41.90 -6.11 -34.74
N GLN C 357 42.83 -6.56 -33.91
CA GLN C 357 43.81 -7.55 -34.32
C GLN C 357 43.63 -8.83 -33.51
N ASN C 358 44.13 -9.94 -34.06
CA ASN C 358 44.17 -11.21 -33.34
C ASN C 358 42.78 -11.67 -32.94
N ILE C 359 41.78 -11.39 -33.75
CA ILE C 359 40.43 -11.88 -33.48
C ILE C 359 40.38 -13.35 -33.88
N PRO C 360 40.05 -14.27 -32.97
CA PRO C 360 40.09 -15.70 -33.32
C PRO C 360 39.14 -16.05 -34.45
N LYS C 361 39.58 -16.98 -35.30
CA LYS C 361 38.76 -17.40 -36.44
C LYS C 361 37.51 -18.16 -36.03
N LYS C 362 37.40 -18.59 -34.77
CA LYS C 362 36.15 -19.20 -34.30
C LYS C 362 35.09 -18.16 -33.95
N SER C 363 35.47 -16.88 -33.85
CA SER C 363 34.53 -15.85 -33.39
C SER C 363 33.34 -15.74 -34.33
N TRP C 364 32.21 -15.31 -33.76
CA TRP C 364 31.07 -14.83 -34.55
C TRP C 364 31.56 -13.88 -35.64
N PHE C 365 31.25 -14.21 -36.90
CA PHE C 365 31.43 -13.31 -38.02
C PHE C 365 30.15 -13.12 -38.82
N VAL C 366 29.34 -14.16 -38.95
CA VAL C 366 28.25 -14.16 -39.92
C VAL C 366 26.92 -14.02 -39.19
N SER C 367 26.07 -13.14 -39.70
CA SER C 367 24.65 -13.11 -39.38
C SER C 367 23.88 -13.16 -40.67
N ALA C 368 22.65 -13.63 -40.61
CA ALA C 368 21.85 -13.75 -41.81
C ALA C 368 20.41 -13.38 -41.52
N THR C 369 19.76 -12.77 -42.51
CA THR C 369 18.36 -12.43 -42.42
C THR C 369 17.61 -13.25 -43.46
N SER C 370 16.72 -14.13 -42.99
CA SER C 370 15.96 -15.03 -43.86
C SER C 370 14.53 -14.54 -43.94
N THR C 371 14.10 -14.15 -45.13
CA THR C 371 12.77 -13.60 -45.35
C THR C 371 11.92 -14.60 -46.12
N THR C 372 10.68 -14.80 -45.66
CA THR C 372 9.81 -15.78 -46.30
C THR C 372 8.36 -15.37 -46.12
N ASN C 373 7.52 -15.78 -47.07
CA ASN C 373 6.07 -15.74 -46.91
C ASN C 373 5.48 -17.14 -46.86
N ASN C 374 6.32 -18.17 -46.76
CA ASN C 374 5.90 -19.56 -46.89
C ASN C 374 5.22 -20.06 -45.61
N LYS C 375 4.03 -20.64 -45.76
CA LYS C 375 3.25 -21.03 -44.60
C LYS C 375 3.88 -22.19 -43.85
N GLU C 376 4.52 -23.13 -44.54
CA GLU C 376 5.15 -24.25 -43.85
C GLU C 376 6.22 -23.76 -42.87
N ILE C 377 7.08 -22.83 -43.33
CA ILE C 377 8.09 -22.30 -42.44
C ILE C 377 7.44 -21.50 -41.31
N ILE C 378 6.49 -20.63 -41.65
CA ILE C 378 5.90 -19.78 -40.62
C ILE C 378 5.13 -20.62 -39.60
N ASP C 379 4.42 -21.66 -40.06
CA ASP C 379 3.73 -22.55 -39.12
C ASP C 379 4.72 -23.32 -38.25
N THR C 380 5.86 -23.70 -38.80
CA THR C 380 6.86 -24.40 -38.00
C THR C 380 7.36 -23.48 -36.88
N ILE C 381 7.68 -22.24 -37.23
CA ILE C 381 8.08 -21.27 -36.21
C ILE C 381 7.00 -21.11 -35.15
N GLU C 382 5.75 -20.96 -35.58
CA GLU C 382 4.65 -20.85 -34.63
C GLU C 382 4.60 -22.04 -33.67
N SER C 383 4.77 -23.26 -34.20
CA SER C 383 4.71 -24.42 -33.33
C SER C 383 5.78 -24.39 -32.25
N ILE C 384 6.87 -23.67 -32.47
CA ILE C 384 7.96 -23.62 -31.50
C ILE C 384 7.79 -22.45 -30.55
N CYS C 385 7.58 -21.24 -31.07
CA CYS C 385 7.51 -20.06 -30.21
C CYS C 385 6.13 -19.82 -29.64
N LYS C 386 5.11 -20.54 -30.13
CA LYS C 386 3.75 -20.52 -29.63
C LYS C 386 2.95 -19.29 -30.04
N ARG C 387 3.48 -18.43 -30.92
CA ARG C 387 2.77 -17.23 -31.34
C ARG C 387 2.75 -17.15 -32.87
N ASP C 388 1.72 -16.49 -33.39
CA ASP C 388 1.62 -16.27 -34.84
C ASP C 388 2.65 -15.25 -35.32
N PRO C 389 3.64 -15.63 -36.12
CA PRO C 389 4.66 -14.65 -36.54
C PRO C 389 4.10 -13.50 -37.35
N LEU C 390 2.93 -13.65 -37.98
CA LEU C 390 2.36 -12.58 -38.80
C LEU C 390 1.35 -11.72 -38.04
N ALA C 391 1.16 -11.92 -36.74
CA ALA C 391 0.14 -11.15 -36.02
C ALA C 391 0.55 -9.70 -35.80
N GLY C 392 1.83 -9.38 -35.89
CA GLY C 392 2.26 -8.02 -35.66
C GLY C 392 2.70 -7.73 -34.24
N LYS C 393 2.61 -8.71 -33.35
CA LYS C 393 3.03 -8.57 -31.97
C LYS C 393 4.31 -9.37 -31.78
N THR C 394 4.76 -9.46 -30.53
CA THR C 394 5.92 -10.28 -30.19
C THR C 394 5.78 -11.67 -30.82
N VAL C 395 6.90 -12.23 -31.27
CA VAL C 395 6.94 -13.54 -31.90
C VAL C 395 7.79 -14.48 -31.06
N THR C 396 9.11 -14.40 -31.18
CA THR C 396 9.98 -15.18 -30.31
C THR C 396 10.34 -14.48 -29.01
N GLY C 397 10.11 -13.17 -28.92
CA GLY C 397 10.46 -12.44 -27.70
C GLY C 397 11.95 -12.28 -27.46
N GLY C 398 12.75 -12.32 -28.51
CA GLY C 398 14.19 -12.46 -28.42
C GLY C 398 14.64 -13.79 -28.99
N ILE C 399 15.96 -14.00 -28.96
CA ILE C 399 16.50 -15.17 -29.66
C ILE C 399 16.01 -16.47 -29.04
N ILE C 400 15.85 -17.48 -29.89
CA ILE C 400 15.78 -18.89 -29.51
C ILE C 400 17.14 -19.50 -29.80
N THR C 401 17.72 -20.17 -28.82
CA THR C 401 19.04 -20.75 -28.94
C THR C 401 18.93 -22.24 -29.26
N ILE C 402 19.65 -22.68 -30.29
CA ILE C 402 19.71 -24.11 -30.64
C ILE C 402 20.91 -24.67 -29.90
N ASN C 403 20.65 -25.26 -28.73
CA ASN C 403 21.72 -25.53 -27.77
C ASN C 403 22.71 -26.57 -28.28
N ASP C 404 22.24 -27.55 -29.05
CA ASP C 404 23.10 -28.63 -29.52
C ASP C 404 23.58 -28.40 -30.95
N SER C 405 23.48 -27.17 -31.45
CA SER C 405 23.95 -26.86 -32.79
C SER C 405 25.47 -26.69 -32.79
N ALA C 406 26.13 -27.30 -33.80
CA ALA C 406 27.57 -27.18 -33.91
C ALA C 406 28.01 -25.72 -34.03
N TRP C 407 27.25 -24.93 -34.80
CA TRP C 407 27.53 -23.51 -34.97
C TRP C 407 27.21 -22.68 -33.74
N GLN C 408 26.52 -23.27 -32.77
CA GLN C 408 25.98 -22.53 -31.64
C GLN C 408 25.19 -21.33 -32.14
N MET C 409 24.14 -21.65 -32.90
CA MET C 409 23.33 -20.64 -33.56
C MET C 409 22.07 -20.33 -32.77
N SER C 410 21.66 -19.08 -32.87
CA SER C 410 20.42 -18.58 -32.31
C SER C 410 19.71 -17.78 -33.40
N PHE C 411 18.41 -17.57 -33.21
CA PHE C 411 17.63 -16.82 -34.18
C PHE C 411 16.49 -16.13 -33.45
N THR C 412 16.06 -15.00 -33.99
CA THR C 412 14.95 -14.25 -33.41
C THR C 412 14.04 -13.75 -34.51
N ILE C 413 12.77 -13.61 -34.17
CA ILE C 413 11.79 -12.96 -35.03
C ILE C 413 11.16 -11.84 -34.21
N ASN C 414 11.43 -10.60 -34.58
CA ASN C 414 10.87 -9.44 -33.89
C ASN C 414 9.39 -9.28 -34.25
N ARG C 415 8.72 -8.29 -33.66
CA ARG C 415 7.41 -7.90 -34.17
C ARG C 415 7.51 -7.66 -35.68
N GLN C 416 6.58 -8.24 -36.44
CA GLN C 416 6.62 -8.18 -37.90
C GLN C 416 5.54 -7.26 -38.43
N GLN C 417 5.85 -6.51 -39.49
CA GLN C 417 7.16 -6.51 -40.15
C GLN C 417 8.07 -5.42 -39.56
N GLN C 418 9.39 -5.62 -39.65
CA GLN C 418 10.36 -4.67 -39.13
C GLN C 418 10.75 -3.59 -40.13
N PHE C 419 10.20 -3.63 -41.34
CA PHE C 419 10.47 -2.65 -42.39
C PHE C 419 9.13 -2.13 -42.90
N LYS C 420 9.03 -0.80 -43.05
CA LYS C 420 7.74 -0.22 -43.39
C LYS C 420 7.32 -0.51 -44.83
N ASP C 421 8.26 -0.88 -45.70
CA ASP C 421 7.93 -1.20 -47.07
C ASP C 421 7.72 -2.70 -47.30
N GLN C 422 7.78 -3.52 -46.24
CA GLN C 422 7.75 -4.96 -46.45
C GLN C 422 6.31 -5.46 -46.59
N PRO C 423 6.07 -6.45 -47.46
CA PRO C 423 4.72 -7.01 -47.58
C PRO C 423 4.23 -7.56 -46.25
N GLU C 424 2.91 -7.46 -46.05
CA GLU C 424 2.31 -7.85 -44.79
C GLU C 424 2.21 -9.35 -44.58
N ASN C 425 2.51 -10.16 -45.60
CA ASN C 425 2.48 -11.62 -45.46
C ASN C 425 3.87 -12.23 -45.28
N GLU C 426 4.90 -11.42 -45.05
CA GLU C 426 6.26 -11.88 -44.92
C GLU C 426 6.78 -11.72 -43.50
N ILE C 427 7.68 -12.61 -43.11
CA ILE C 427 8.49 -12.41 -41.92
C ILE C 427 9.96 -12.35 -42.34
N SER C 428 10.77 -11.73 -41.49
CA SER C 428 12.21 -11.73 -41.63
C SER C 428 12.80 -12.23 -40.31
N THR C 429 13.58 -13.30 -40.38
CA THR C 429 14.20 -13.97 -39.25
C THR C 429 15.68 -13.63 -39.22
N TRP C 430 16.17 -13.22 -38.05
CA TRP C 430 17.59 -12.94 -37.88
C TRP C 430 18.29 -14.15 -37.26
N ILE C 431 19.39 -14.57 -37.89
CA ILE C 431 20.14 -15.77 -37.48
C ILE C 431 21.58 -15.37 -37.25
N TYR C 432 22.20 -15.94 -36.20
CA TYR C 432 23.63 -15.75 -36.01
C TYR C 432 24.24 -16.98 -35.36
N ALA C 433 25.56 -17.12 -35.55
CA ALA C 433 26.32 -18.27 -35.07
C ALA C 433 27.51 -17.79 -34.25
N LEU C 434 27.64 -18.32 -33.03
CA LEU C 434 28.79 -17.97 -32.20
C LEU C 434 30.09 -18.60 -32.67
N TYR C 435 30.03 -19.75 -33.35
CA TYR C 435 31.23 -20.45 -33.79
C TYR C 435 31.29 -20.45 -35.31
N SER C 436 32.39 -19.95 -35.86
CA SER C 436 32.49 -19.75 -37.30
C SER C 436 33.36 -20.76 -38.03
N ASP C 437 34.07 -21.63 -37.31
CA ASP C 437 35.03 -22.52 -37.97
C ASP C 437 34.69 -23.98 -37.71
N VAL C 438 33.39 -24.29 -37.60
CA VAL C 438 32.89 -25.62 -37.24
C VAL C 438 31.87 -26.05 -38.28
N ASN C 439 32.00 -27.29 -38.78
CA ASN C 439 31.01 -27.82 -39.72
C ASN C 439 29.63 -27.85 -39.09
N GLY C 440 28.62 -27.45 -39.86
CA GLY C 440 27.25 -27.55 -39.39
C GLY C 440 26.81 -29.00 -39.27
N ASP C 441 25.64 -29.19 -38.68
CA ASP C 441 25.12 -30.53 -38.45
C ASP C 441 24.37 -31.08 -39.66
N TYR C 442 23.82 -30.20 -40.49
CA TYR C 442 23.12 -30.59 -41.71
C TYR C 442 23.89 -30.16 -42.95
N ILE C 443 24.26 -28.89 -43.03
CA ILE C 443 25.23 -28.41 -44.02
C ILE C 443 26.61 -28.54 -43.37
N LYS C 444 27.36 -29.56 -43.80
CA LYS C 444 28.62 -29.95 -43.16
C LYS C 444 29.78 -29.04 -43.58
N LYS C 445 29.61 -27.74 -43.36
CA LYS C 445 30.63 -26.76 -43.67
C LYS C 445 30.58 -25.69 -42.60
N PRO C 446 31.67 -24.94 -42.42
CA PRO C 446 31.61 -23.76 -41.53
C PRO C 446 30.70 -22.69 -42.11
N ILE C 447 30.11 -21.88 -41.22
CA ILE C 447 29.13 -20.91 -41.70
C ILE C 447 29.77 -19.91 -42.66
N THR C 448 31.07 -19.64 -42.49
CA THR C 448 31.74 -18.68 -43.37
C THR C 448 31.80 -19.17 -44.81
N GLU C 449 31.58 -20.46 -45.04
CA GLU C 449 31.59 -21.00 -46.40
C GLU C 449 30.18 -21.17 -46.97
N CYS C 450 29.15 -20.69 -46.28
CA CYS C 450 27.77 -21.00 -46.62
C CYS C 450 27.06 -19.83 -47.28
N SER C 451 26.37 -20.14 -48.37
CA SER C 451 25.46 -19.19 -48.98
C SER C 451 24.28 -18.92 -48.06
N GLY C 452 23.50 -17.88 -48.40
CA GLY C 452 22.27 -17.63 -47.68
C GLY C 452 21.40 -18.86 -47.59
N ASN C 453 21.16 -19.55 -48.71
CA ASN C 453 20.24 -20.69 -48.65
C ASN C 453 20.81 -21.80 -47.79
N GLU C 454 22.15 -21.94 -47.72
CA GLU C 454 22.74 -22.99 -46.90
C GLU C 454 22.60 -22.69 -45.40
N ILE C 455 22.76 -21.43 -45.01
CA ILE C 455 22.49 -21.07 -43.62
C ILE C 455 21.03 -21.35 -43.27
N CYS C 456 20.13 -20.99 -44.17
CA CYS C 456 18.71 -21.26 -43.97
C CYS C 456 18.45 -22.77 -43.84
N GLN C 457 19.10 -23.59 -44.67
CA GLN C 457 18.90 -25.04 -44.57
C GLN C 457 19.33 -25.58 -43.21
N GLU C 458 20.53 -25.17 -42.75
CA GLU C 458 20.99 -25.55 -41.41
C GLU C 458 19.98 -25.13 -40.35
N TRP C 459 19.46 -23.91 -40.47
CA TRP C 459 18.45 -23.42 -39.53
C TRP C 459 17.18 -24.28 -39.57
N LEU C 460 16.64 -24.52 -40.78
CA LEU C 460 15.41 -25.29 -40.89
C LEU C 460 15.57 -26.70 -40.35
N TYR C 461 16.74 -27.31 -40.52
CA TYR C 461 17.01 -28.61 -39.92
C TYR C 461 16.80 -28.58 -38.42
N HIS C 462 17.38 -27.58 -37.75
CA HIS C 462 17.26 -27.48 -36.31
C HIS C 462 15.86 -27.06 -35.84
N LEU C 463 15.02 -26.56 -36.74
CA LEU C 463 13.62 -26.33 -36.41
C LEU C 463 12.79 -27.61 -36.46
N GLY C 464 13.35 -28.70 -36.97
CA GLY C 464 12.61 -29.93 -37.14
C GLY C 464 11.87 -30.07 -38.46
N VAL C 465 12.17 -29.22 -39.44
CA VAL C 465 11.54 -29.36 -40.75
C VAL C 465 11.97 -30.70 -41.37
N SER C 466 11.02 -31.39 -41.99
CA SER C 466 11.34 -32.68 -42.59
C SER C 466 12.45 -32.52 -43.63
N THR C 467 13.45 -33.40 -43.58
CA THR C 467 14.65 -33.20 -44.39
C THR C 467 14.37 -33.24 -45.88
N ASP C 468 13.30 -33.91 -46.31
CA ASP C 468 12.99 -33.92 -47.74
C ASP C 468 12.39 -32.60 -48.21
N LYS C 469 12.11 -31.66 -47.30
CA LYS C 469 11.55 -30.37 -47.65
C LYS C 469 12.53 -29.22 -47.48
N ILE C 470 13.64 -29.43 -46.79
CA ILE C 470 14.52 -28.33 -46.38
C ILE C 470 15.09 -27.61 -47.59
N GLU C 471 15.60 -28.36 -48.57
CA GLU C 471 16.28 -27.73 -49.69
C GLU C 471 15.34 -26.79 -50.45
N ASP C 472 14.14 -27.25 -50.75
CA ASP C 472 13.23 -26.42 -51.54
C ASP C 472 12.71 -25.24 -50.72
N LEU C 473 12.46 -25.43 -49.43
CA LEU C 473 11.99 -24.32 -48.62
C LEU C 473 13.06 -23.23 -48.44
N ALA C 474 14.32 -23.62 -48.39
CA ALA C 474 15.39 -22.64 -48.28
C ALA C 474 15.69 -21.97 -49.62
N LYS C 475 15.76 -22.74 -50.71
CA LYS C 475 16.20 -22.18 -51.97
C LYS C 475 15.09 -21.45 -52.70
N HIS C 476 13.88 -22.00 -52.69
CA HIS C 476 12.79 -21.44 -53.48
C HIS C 476 11.80 -20.63 -52.67
N ALA C 477 11.57 -20.98 -51.41
CA ALA C 477 10.54 -20.33 -50.60
C ALA C 477 11.09 -19.24 -49.69
N SER C 478 12.41 -19.08 -49.62
CA SER C 478 13.03 -18.10 -48.72
C SER C 478 14.08 -17.30 -49.47
N ASN C 479 14.35 -16.10 -48.98
CA ASN C 479 15.47 -15.30 -49.48
C ASN C 479 16.31 -14.90 -48.28
N THR C 480 17.55 -15.41 -48.21
CA THR C 480 18.40 -15.27 -47.03
C THR C 480 19.68 -14.52 -47.41
N ILE C 481 19.96 -13.43 -46.70
CA ILE C 481 21.11 -12.58 -46.99
C ILE C 481 22.11 -12.74 -45.85
N PRO C 482 23.28 -13.33 -46.08
CA PRO C 482 24.30 -13.39 -45.04
C PRO C 482 25.19 -12.15 -45.08
N VAL C 483 25.70 -11.78 -43.90
CA VAL C 483 26.64 -10.67 -43.75
C VAL C 483 27.86 -11.17 -42.98
N TYR C 484 29.05 -10.85 -43.47
CA TYR C 484 30.30 -11.20 -42.80
C TYR C 484 30.86 -9.94 -42.19
N MET C 485 31.04 -9.94 -40.88
CA MET C 485 31.47 -8.76 -40.14
C MET C 485 32.74 -9.09 -39.38
N PRO C 486 33.93 -8.72 -39.88
CA PRO C 486 35.16 -9.12 -39.19
C PRO C 486 35.24 -8.65 -37.75
N TYR C 487 34.65 -7.50 -37.42
CA TYR C 487 34.81 -6.90 -36.09
C TYR C 487 33.56 -6.97 -35.22
N ILE C 488 32.61 -7.84 -35.55
CA ILE C 488 31.35 -7.82 -34.81
C ILE C 488 31.56 -8.15 -33.33
N THR C 489 32.60 -8.93 -33.00
CA THR C 489 32.89 -9.27 -31.60
C THR C 489 33.92 -8.33 -30.96
N SER C 490 34.33 -7.26 -31.66
CA SER C 490 35.47 -6.46 -31.20
C SER C 490 35.20 -5.71 -29.90
N TYR C 491 33.96 -5.33 -29.59
CA TYR C 491 33.72 -4.60 -28.34
C TYR C 491 34.21 -5.39 -27.13
N PHE C 492 34.17 -6.73 -27.21
CA PHE C 492 34.35 -7.61 -26.06
C PHE C 492 35.75 -8.21 -25.96
N MET C 493 36.67 -7.87 -26.87
CA MET C 493 38.03 -8.40 -26.79
C MET C 493 38.65 -8.08 -25.43
N THR C 494 39.49 -8.99 -24.93
CA THR C 494 40.17 -8.73 -23.66
C THR C 494 40.93 -7.42 -23.74
N ARG C 495 40.81 -6.62 -22.68
CA ARG C 495 41.36 -5.28 -22.67
C ARG C 495 41.92 -4.97 -21.28
N ALA C 496 42.75 -3.93 -21.24
CA ALA C 496 43.29 -3.37 -20.01
C ALA C 496 42.85 -1.91 -19.91
N ILE C 497 42.79 -1.43 -18.66
CA ILE C 497 42.52 -0.02 -18.44
C ILE C 497 43.54 0.81 -19.19
N GLY C 498 43.07 1.79 -19.96
CA GLY C 498 43.93 2.55 -20.85
C GLY C 498 43.81 2.18 -22.32
N ASP C 499 43.27 1.00 -22.63
CA ASP C 499 43.11 0.61 -24.04
C ASP C 499 42.03 1.43 -24.73
N ARG C 500 41.05 1.92 -23.96
CA ARG C 500 40.02 2.79 -24.49
C ARG C 500 40.29 4.21 -24.02
N PRO C 501 40.25 5.20 -24.91
CA PRO C 501 40.45 6.59 -24.46
C PRO C 501 39.27 7.03 -23.61
N LEU C 502 39.54 7.92 -22.65
CA LEU C 502 38.44 8.59 -21.98
C LEU C 502 37.59 9.34 -23.00
N VAL C 503 36.30 9.50 -22.69
CA VAL C 503 35.41 10.28 -23.55
C VAL C 503 36.02 11.67 -23.80
N VAL C 504 36.50 12.31 -22.75
CA VAL C 504 37.30 13.53 -22.89
C VAL C 504 38.65 13.26 -22.24
N PRO C 505 39.68 12.97 -23.03
CA PRO C 505 40.99 12.68 -22.45
C PRO C 505 41.50 13.86 -21.63
N HIS C 506 42.38 13.56 -20.69
CA HIS C 506 42.93 14.57 -19.79
C HIS C 506 43.41 15.79 -20.56
N GLN C 507 42.94 16.97 -20.16
CA GLN C 507 43.35 18.26 -20.73
C GLN C 507 42.91 18.46 -22.17
N SER C 508 42.08 17.57 -22.72
CA SER C 508 41.57 17.79 -24.07
C SER C 508 40.65 19.00 -24.09
N GLN C 509 40.92 19.94 -25.01
CA GLN C 509 40.15 21.18 -25.07
C GLN C 509 38.98 21.09 -26.04
N ASN C 510 39.12 20.34 -27.14
CA ASN C 510 38.09 20.34 -28.17
C ASN C 510 37.97 18.99 -28.86
N LEU C 511 38.39 17.91 -28.20
CA LEU C 511 38.41 16.58 -28.79
C LEU C 511 37.76 15.61 -27.82
N ALA C 512 36.81 14.82 -28.32
CA ALA C 512 36.13 13.81 -27.52
C ALA C 512 36.06 12.52 -28.31
N PHE C 513 36.08 11.41 -27.59
CA PHE C 513 35.86 10.08 -28.15
C PHE C 513 34.53 9.55 -27.63
N ILE C 514 33.69 9.04 -28.53
CA ILE C 514 32.37 8.55 -28.16
C ILE C 514 32.15 7.19 -28.81
N GLY C 515 31.09 6.53 -28.39
CA GLY C 515 30.81 5.20 -28.89
C GLY C 515 31.33 4.12 -27.96
N ASN C 516 31.22 2.88 -28.42
CA ASN C 516 31.44 1.72 -27.57
C ASN C 516 32.90 1.27 -27.50
N PHE C 517 33.85 2.06 -28.01
CA PHE C 517 35.27 1.87 -27.71
C PHE C 517 35.85 3.02 -26.89
N ALA C 518 35.02 3.91 -26.36
CA ALA C 518 35.48 4.93 -25.44
C ALA C 518 35.23 4.48 -24.00
N GLU C 519 35.89 5.16 -23.05
CA GLU C 519 35.94 4.72 -21.66
C GLU C 519 35.07 5.60 -20.78
N THR C 520 34.19 4.97 -20.00
CA THR C 520 33.46 5.61 -18.92
C THR C 520 33.19 4.55 -17.86
N GLU C 521 32.87 5.00 -16.64
CA GLU C 521 32.74 4.08 -15.52
C GLU C 521 31.50 3.20 -15.63
N ARG C 522 31.68 1.96 -15.15
CA ARG C 522 30.67 0.91 -15.00
C ARG C 522 29.67 0.53 -16.10
N ASP C 523 29.45 1.37 -17.10
CA ASP C 523 28.45 1.01 -18.10
C ASP C 523 28.99 -0.03 -19.09
N THR C 524 28.06 -0.71 -19.76
CA THR C 524 28.33 -1.90 -20.57
C THR C 524 28.33 -1.56 -22.05
N VAL C 525 29.36 -2.03 -22.77
CA VAL C 525 29.44 -1.79 -24.21
C VAL C 525 28.58 -2.80 -24.95
N PHE C 526 28.50 -2.64 -26.27
CA PHE C 526 27.53 -3.34 -27.10
C PHE C 526 26.10 -2.97 -26.73
N THR C 527 25.87 -1.73 -26.25
CA THR C 527 24.52 -1.25 -26.00
C THR C 527 24.32 0.14 -26.59
N THR C 528 23.08 0.43 -26.98
CA THR C 528 22.75 1.77 -27.46
C THR C 528 22.84 2.78 -26.32
N GLU C 529 22.59 2.36 -25.08
CA GLU C 529 22.77 3.26 -23.94
C GLU C 529 24.20 3.76 -23.85
N TYR C 530 25.18 2.88 -24.10
CA TYR C 530 26.58 3.31 -24.02
C TYR C 530 26.87 4.37 -25.06
N SER C 531 26.34 4.22 -26.28
CA SER C 531 26.49 5.26 -27.28
C SER C 531 25.95 6.61 -26.79
N VAL C 532 24.74 6.60 -26.23
CA VAL C 532 24.15 7.87 -25.82
C VAL C 532 24.89 8.44 -24.62
N ARG C 533 25.28 7.58 -23.67
CA ARG C 533 25.99 8.07 -22.49
C ARG C 533 27.28 8.78 -22.88
N THR C 534 28.09 8.14 -23.75
CA THR C 534 29.36 8.79 -24.11
C THR C 534 29.10 10.09 -24.86
N ALA C 535 28.08 10.12 -25.73
CA ALA C 535 27.74 11.36 -26.41
C ALA C 535 27.38 12.45 -25.43
N MET C 536 26.52 12.13 -24.46
CA MET C 536 26.12 13.11 -23.45
C MET C 536 27.31 13.58 -22.63
N GLU C 537 28.14 12.63 -22.17
CA GLU C 537 29.30 12.99 -21.36
C GLU C 537 30.31 13.82 -22.16
N ALA C 538 30.43 13.55 -23.47
CA ALA C 538 31.32 14.34 -24.31
C ALA C 538 30.84 15.77 -24.46
N VAL C 539 29.56 15.95 -24.82
CA VAL C 539 29.02 17.29 -25.04
C VAL C 539 29.02 18.07 -23.72
N TYR C 540 28.61 17.41 -22.63
CA TYR C 540 28.53 18.08 -21.34
C TYR C 540 29.90 18.54 -20.87
N GLN C 541 30.92 17.69 -21.05
CA GLN C 541 32.26 18.06 -20.58
C GLN C 541 32.88 19.13 -21.46
N LEU C 542 32.76 18.99 -22.78
CA LEU C 542 33.40 19.97 -23.66
C LEU C 542 32.76 21.34 -23.55
N LEU C 543 31.45 21.42 -23.31
CA LEU C 543 30.78 22.71 -23.22
C LEU C 543 30.61 23.17 -21.78
N ASN C 544 30.99 22.35 -20.81
CA ASN C 544 30.82 22.62 -19.38
C ASN C 544 29.36 22.93 -19.04
N ILE C 545 28.49 22.00 -19.43
CA ILE C 545 27.05 22.16 -19.22
C ILE C 545 26.74 21.86 -17.76
N ASP C 546 25.94 22.73 -17.15
CA ASP C 546 25.74 22.70 -15.70
C ASP C 546 24.44 21.95 -15.38
N ARG C 547 24.51 20.64 -15.58
CA ARG C 547 23.41 19.74 -15.24
C ARG C 547 24.01 18.35 -15.04
N GLY C 548 23.39 17.58 -14.14
CA GLY C 548 23.91 16.26 -13.84
C GLY C 548 23.67 15.27 -14.97
N ILE C 549 24.61 14.35 -15.11
CA ILE C 549 24.46 13.20 -16.01
C ILE C 549 24.00 12.03 -15.16
N PRO C 550 22.93 11.34 -15.53
CA PRO C 550 22.46 10.24 -14.68
C PRO C 550 23.53 9.17 -14.57
N GLU C 551 23.82 8.76 -13.33
CA GLU C 551 24.78 7.68 -13.14
C GLU C 551 24.21 6.38 -13.71
N VAL C 552 25.11 5.44 -14.02
CA VAL C 552 24.66 4.09 -14.30
C VAL C 552 23.78 3.64 -13.13
N ILE C 553 22.66 2.99 -13.45
CA ILE C 553 21.66 2.75 -12.42
C ILE C 553 22.29 2.06 -11.21
N ASN C 554 21.86 2.46 -10.00
CA ASN C 554 22.48 2.03 -8.76
C ASN C 554 22.08 0.61 -8.33
N SER C 555 21.62 -0.24 -9.23
CA SER C 555 21.03 -1.51 -8.79
C SER C 555 22.02 -2.44 -8.09
N PRO C 556 23.30 -2.53 -8.45
CA PRO C 556 24.21 -3.40 -7.70
C PRO C 556 24.50 -2.91 -6.28
N PHE C 557 24.11 -1.69 -5.92
CA PHE C 557 24.28 -1.19 -4.56
C PHE C 557 22.99 -1.27 -3.75
N ASP C 558 21.90 -1.74 -4.36
CA ASP C 558 20.57 -1.71 -3.76
C ASP C 558 20.33 -3.04 -3.06
N LEU C 559 20.23 -3.01 -1.72
CA LEU C 559 20.10 -4.25 -0.97
C LEU C 559 18.88 -5.06 -1.39
N ARG C 560 17.81 -4.39 -1.82
CA ARG C 560 16.63 -5.11 -2.27
C ARG C 560 16.93 -5.88 -3.55
N VAL C 561 17.68 -5.26 -4.47
CA VAL C 561 18.05 -5.91 -5.72
C VAL C 561 19.00 -7.07 -5.44
N LEU C 562 19.89 -6.92 -4.46
CA LEU C 562 20.86 -7.97 -4.17
C LEU C 562 20.18 -9.17 -3.52
N MET C 563 19.17 -8.93 -2.69
CA MET C 563 18.39 -10.03 -2.12
C MET C 563 17.68 -10.81 -3.22
N ASP C 564 17.01 -10.09 -4.15
CA ASP C 564 16.39 -10.75 -5.29
C ASP C 564 17.39 -11.57 -6.07
N ALA C 565 18.60 -11.02 -6.28
CA ALA C 565 19.62 -11.73 -7.06
C ALA C 565 20.01 -13.04 -6.39
N ILE C 566 20.14 -13.05 -5.07
CA ILE C 566 20.47 -14.29 -4.36
C ILE C 566 19.36 -15.31 -4.55
N TYR C 567 18.11 -14.87 -4.40
CA TYR C 567 16.97 -15.76 -4.60
C TYR C 567 16.99 -16.34 -6.01
N GLU C 568 17.20 -15.49 -7.02
CA GLU C 568 17.09 -15.95 -8.40
C GLU C 568 18.28 -16.80 -8.81
N LEU C 569 19.49 -16.42 -8.41
CA LEU C 569 20.66 -17.20 -8.80
C LEU C 569 20.58 -18.62 -8.27
N ASN C 570 19.95 -18.80 -7.10
CA ASN C 570 19.79 -20.11 -6.49
C ASN C 570 18.51 -20.81 -6.95
N ASP C 571 17.96 -20.41 -8.10
CA ASP C 571 16.74 -21.00 -8.66
C ASP C 571 15.61 -21.05 -7.62
N HIS C 572 15.40 -19.91 -6.96
CA HIS C 572 14.19 -19.67 -6.17
C HIS C 572 14.17 -20.48 -4.87
N GLN C 573 15.31 -20.52 -4.18
CA GLN C 573 15.40 -21.17 -2.88
C GLN C 573 15.63 -20.12 -1.79
N ASP C 574 14.97 -20.32 -0.65
CA ASP C 574 15.21 -19.44 0.49
C ASP C 574 16.53 -19.84 1.15
N LEU C 575 16.91 -19.07 2.18
CA LEU C 575 18.20 -19.28 2.83
C LEU C 575 18.29 -20.66 3.50
N ARG C 576 17.17 -21.17 4.00
CA ARG C 576 17.17 -22.49 4.62
C ARG C 576 17.52 -23.56 3.60
N GLU C 577 16.85 -23.54 2.45
CA GLU C 577 17.15 -24.48 1.39
C GLU C 577 18.56 -24.29 0.83
N ILE C 578 19.02 -23.04 0.76
CA ILE C 578 20.35 -22.78 0.20
C ILE C 578 21.43 -23.44 1.05
N THR C 579 21.33 -23.32 2.37
CA THR C 579 22.31 -23.86 3.30
C THR C 579 21.94 -25.22 3.84
N LYS C 580 20.92 -25.87 3.28
CA LYS C 580 20.44 -27.13 3.84
C LYS C 580 21.54 -28.20 3.83
N ASP C 581 22.36 -28.23 2.77
CA ASP C 581 23.40 -29.24 2.59
C ASP C 581 24.76 -28.74 3.01
N SER C 582 24.84 -28.00 4.11
CA SER C 582 26.11 -27.55 4.67
C SER C 582 25.93 -27.38 6.17
N LYS C 583 26.97 -27.71 6.94
CA LYS C 583 26.85 -27.61 8.38
C LYS C 583 27.40 -26.30 8.91
N MET C 584 28.56 -25.84 8.38
CA MET C 584 28.96 -24.46 8.67
C MET C 584 27.82 -23.48 8.41
N GLN C 585 27.22 -23.56 7.21
CA GLN C 585 26.22 -22.58 6.80
C GLN C 585 24.93 -22.73 7.60
N LYS C 586 24.62 -23.95 8.03
CA LYS C 586 23.44 -24.15 8.86
C LYS C 586 23.57 -23.44 10.20
N LEU C 587 24.75 -23.52 10.82
CA LEU C 587 24.94 -22.85 12.10
C LEU C 587 25.07 -21.34 11.91
N ALA C 588 25.77 -20.89 10.87
CA ALA C 588 25.83 -19.47 10.60
C ALA C 588 24.43 -18.90 10.40
N LEU C 589 23.59 -19.62 9.66
CA LEU C 589 22.23 -19.13 9.39
C LEU C 589 21.40 -19.10 10.66
N ALA C 590 21.44 -20.16 11.47
CA ALA C 590 20.59 -20.20 12.66
C ALA C 590 21.05 -19.17 13.67
N GLY C 591 22.37 -18.97 13.80
CA GLY C 591 22.86 -17.89 14.64
C GLY C 591 22.44 -16.53 14.14
N PHE C 592 22.36 -16.37 12.83
CA PHE C 592 21.94 -15.09 12.24
C PHE C 592 20.45 -14.86 12.45
N LEU C 593 19.63 -15.88 12.18
CA LEU C 593 18.18 -15.74 12.34
C LEU C 593 17.79 -15.40 13.77
N LYS C 594 18.56 -15.90 14.75
CA LYS C 594 18.27 -15.54 16.14
C LYS C 594 18.47 -14.06 16.40
N LYS C 595 19.46 -13.44 15.73
CA LYS C 595 19.75 -12.02 15.93
C LYS C 595 18.73 -11.11 15.27
N ILE C 596 18.14 -11.53 14.14
CA ILE C 596 17.24 -10.68 13.38
C ILE C 596 15.79 -11.07 13.56
N LYS C 597 15.49 -12.07 14.38
CA LYS C 597 14.12 -12.47 14.61
C LYS C 597 13.27 -11.28 15.06
N GLY C 598 12.14 -11.07 14.39
CA GLY C 598 11.23 -10.00 14.76
C GLY C 598 11.70 -8.61 14.41
N THR C 599 12.73 -8.47 13.60
CA THR C 599 13.28 -7.18 13.21
C THR C 599 12.93 -6.85 11.76
N TYR C 600 13.24 -5.60 11.38
CA TYR C 600 13.02 -5.16 10.01
C TYR C 600 13.82 -6.00 9.02
N ILE C 601 15.01 -6.47 9.41
CA ILE C 601 15.81 -7.29 8.52
C ILE C 601 15.07 -8.57 8.18
N GLU C 602 14.45 -9.20 9.18
CA GLU C 602 13.69 -10.42 8.90
C GLU C 602 12.53 -10.12 7.96
N SER C 603 11.85 -8.98 8.15
CA SER C 603 10.75 -8.63 7.27
C SER C 603 11.21 -8.41 5.84
N LEU C 604 12.36 -7.76 5.66
CA LEU C 604 12.89 -7.54 4.32
C LEU C 604 13.22 -8.85 3.64
N LEU C 605 13.90 -9.76 4.35
CA LEU C 605 14.25 -11.05 3.76
C LEU C 605 13.00 -11.85 3.40
N LYS C 606 11.94 -11.74 4.20
CA LYS C 606 10.70 -12.43 3.85
C LYS C 606 10.05 -11.80 2.64
N GLU C 607 10.09 -10.46 2.54
CA GLU C 607 9.50 -9.79 1.38
C GLU C 607 10.20 -10.19 0.09
N HIS C 608 11.49 -10.50 0.14
CA HIS C 608 12.23 -10.88 -1.04
C HIS C 608 12.45 -12.39 -1.12
N LYS C 609 11.67 -13.15 -0.33
CA LYS C 609 11.52 -14.59 -0.46
C LYS C 609 12.74 -15.37 0.02
N LEU C 610 13.68 -14.73 0.72
CA LEU C 610 14.82 -15.43 1.27
C LEU C 610 14.53 -16.05 2.63
N LEU C 611 13.35 -15.79 3.19
CA LEU C 611 12.93 -16.40 4.45
C LEU C 611 11.43 -16.66 4.41
O1 P6G D . -28.87 -10.68 24.61
C2 P6G D . -29.64 -11.36 25.58
C3 P6G D . -29.67 -12.84 25.25
O4 P6G D . -29.98 -13.02 23.90
C5 P6G D . -29.76 -14.32 23.42
C6 P6G D . -29.42 -14.22 21.94
O7 P6G D . -28.16 -14.80 21.75
C8 P6G D . -28.07 -15.58 20.58
C9 P6G D . -27.59 -14.63 19.47
O10 P6G D . -27.91 -15.17 18.22
C11 P6G D . -26.90 -15.97 17.69
C12 P6G D . -25.91 -15.11 16.90
O13 P6G D . -24.69 -15.79 16.84
C14 P6G D . -23.65 -15.03 16.29
C15 P6G D . -22.32 -15.78 16.46
O16 P6G D . -21.76 -15.47 17.69
C17 P6G D . -20.35 -15.43 17.71
C18 P6G D . -19.86 -15.47 19.16
O19 P6G D . -18.65 -16.17 19.20
H1 P6G D . -28.69 -9.90 24.92
H21 P6G D . -30.54 -11.01 25.58
H22 P6G D . -29.23 -11.23 26.45
H31 P6G D . -28.81 -13.24 25.43
H32 P6G D . -30.34 -13.29 25.79
H51 P6G D . -29.03 -14.73 23.91
H52 P6G D . -30.57 -14.85 23.55
H61 P6G D . -30.08 -14.70 21.42
H62 P6G D . -29.40 -13.30 21.67
H81 P6G D . -27.43 -16.30 20.71
H82 P6G D . -28.94 -15.95 20.35
H91 P6G D . -26.63 -14.51 19.54
H92 P6G D . -28.04 -13.77 19.57
H111 P6G D . -26.42 -16.42 18.41
H112 P6G D . -27.29 -16.63 17.10
H121 P6G D . -26.25 -14.96 16.01
H122 P6G D . -25.78 -14.26 17.34
H141 P6G D . -23.82 -14.89 15.34
H142 P6G D . -23.59 -14.18 16.74
H151 P6G D . -22.49 -16.74 16.40
H152 P6G D . -21.72 -15.53 15.74
H171 P6G D . -20.00 -16.18 17.23
H172 P6G D . -20.06 -14.60 17.28
H181 P6G D . -19.72 -14.56 19.47
H182 P6G D . -20.52 -15.90 19.71
H19 P6G D . -18.75 -16.93 18.84
C1 GOL E . -29.83 -32.13 13.80
O1 GOL E . -29.70 -30.96 13.02
C2 GOL E . -28.51 -32.89 13.70
O2 GOL E . -28.44 -33.99 14.55
C3 GOL E . -28.45 -33.36 12.25
O3 GOL E . -27.12 -33.17 11.85
H11 GOL E . -30.01 -31.93 14.72
H12 GOL E . -30.54 -32.70 13.50
HO1 GOL E . -30.42 -30.87 12.59
H2 GOL E . -27.77 -32.30 13.94
HO2 GOL E . -29.04 -34.54 14.30
H31 GOL E . -28.75 -34.27 12.19
H32 GOL E . -29.08 -32.84 11.73
HO3 GOL E . -26.85 -33.93 11.59
K K F . -34.66 -28.32 2.68
O1 P6G G . 13.41 24.34 9.36
C2 P6G G . 13.20 25.04 10.55
C3 P6G G . 11.74 25.03 10.99
O4 P6G G . 11.31 23.70 11.16
C5 P6G G . 9.94 23.56 11.42
C6 P6G G . 9.51 22.12 11.15
O7 P6G G . 9.85 21.75 9.85
C8 P6G G . 9.32 20.53 9.42
C9 P6G G . 10.42 19.68 8.80
O10 P6G G . 10.88 20.24 7.59
C11 P6G G . 11.90 19.47 7.00
C12 P6G G . 11.93 19.64 5.49
O13 P6G G . 13.24 19.44 5.04
C14 P6G G . 13.49 18.14 4.57
C15 P6G G . 14.92 18.03 4.06
O16 P6G G . 15.80 17.72 5.10
C17 P6G G . 17.04 17.23 4.66
C18 P6G G . 17.90 16.81 5.86
O19 P6G G . 19.09 17.56 5.86
H1 P6G G . 13.94 23.69 9.50
H21 P6G G . 13.75 24.65 11.26
H22 P6G G . 13.48 25.98 10.42
H31 P6G G . 11.66 25.50 11.83
H32 P6G G . 11.20 25.45 10.32
H51 P6G G . 9.76 23.78 12.35
H52 P6G G . 9.44 24.15 10.84
H61 P6G G . 8.55 22.04 11.27
H62 P6G G . 9.95 21.53 11.79
H81 P6G G . 8.95 20.05 10.18
H82 P6G G . 8.64 20.69 8.77
H91 P6G G . 11.17 19.61 9.41
H92 P6G G . 10.07 18.79 8.61
H111 P6G G . 11.74 18.53 7.20
H112 P6G G . 12.75 19.74 7.38
H121 P6G G . 11.34 19.00 5.07
H122 P6G G . 11.64 20.54 5.26
H141 P6G G . 12.88 17.94 3.85
H142 P6G G . 13.36 17.51 5.29
H151 P6G G . 14.97 17.34 3.38
H152 P6G G . 15.19 18.88 3.67
H171 P6G G . 16.90 16.47 4.08
H172 P6G G . 17.50 17.94 4.17
H181 P6G G . 17.41 16.96 6.68
H182 P6G G . 18.11 15.86 5.78
H19 P6G G . 19.59 17.29 5.24
C1 GOL H . 28.15 8.26 -4.05
O1 GOL H . 29.26 7.39 -4.31
C2 GOL H . 27.16 7.61 -3.11
O2 GOL H . 27.23 8.12 -1.81
C3 GOL H . 25.81 7.77 -3.75
O3 GOL H . 25.57 9.14 -3.76
H11 GOL H . 28.50 9.19 -3.60
H12 GOL H . 27.64 8.51 -4.99
HO1 GOL H . 29.15 6.99 -5.18
H2 GOL H . 27.39 6.53 -3.08
HO2 GOL H . 28.03 7.78 -1.38
H31 GOL H . 25.81 7.37 -4.77
H32 GOL H . 25.04 7.25 -3.17
HO3 GOL H . 25.83 9.50 -4.62
C1 GOL I . 6.93 3.65 -1.21
O1 GOL I . 7.47 4.72 -1.96
C2 GOL I . 8.05 2.61 -0.98
O2 GOL I . 7.64 1.62 -0.09
C3 GOL I . 8.31 2.04 -2.35
O3 GOL I . 9.63 1.56 -2.38
H11 GOL I . 6.58 3.94 -0.36
H12 GOL I . 6.20 3.22 -1.66
HO1 GOL I . 6.80 5.24 -2.15
H2 GOL I . 8.83 3.04 -0.59
HO2 GOL I . 6.93 1.26 -0.42
H31 GOL I . 7.65 1.34 -2.52
H32 GOL I . 8.13 2.72 -3.01
HO3 GOL I . 10.14 2.24 -2.39
C1 GOL J . 1.75 21.69 4.76
O1 GOL J . 2.03 21.45 6.09
C2 GOL J . 2.61 20.74 3.99
O2 GOL J . 2.49 21.05 2.61
C3 GOL J . 4.02 20.75 4.53
O3 GOL J . 4.32 22.03 5.06
H11 GOL J . 0.69 21.49 4.56
H12 GOL J . 1.98 22.72 4.49
HO1 GOL J . 2.40 22.25 6.48
H2 GOL J . 2.21 19.74 4.15
HO2 GOL J . 2.74 21.97 2.46
H31 GOL J . 4.73 20.50 3.74
H32 GOL J . 4.12 20.00 5.32
HO3 GOL J . 5.28 22.11 5.21
K K K . 24.65 47.41 4.48
O1 P6G L . 17.51 -6.56 -19.56
C2 P6G L . 18.41 -7.61 -19.86
C3 P6G L . 19.68 -6.95 -20.41
O4 P6G L . 19.41 -6.44 -21.68
C5 P6G L . 20.12 -5.26 -21.99
C6 P6G L . 20.02 -4.99 -23.48
O7 P6G L . 20.68 -6.02 -24.18
C8 P6G L . 22.05 -5.79 -24.36
C9 P6G L . 22.35 -5.76 -25.84
O10 P6G L . 23.05 -6.91 -26.23
C11 P6G L . 24.29 -6.59 -26.80
C12 P6G L . 25.01 -7.84 -27.27
O13 P6G L . 24.14 -8.57 -28.09
C14 P6G L . 24.70 -9.02 -29.30
C15 P6G L . 24.00 -10.32 -29.72
O16 P6G L . 22.61 -10.14 -29.63
C17 P6G L . 21.85 -11.32 -29.58
C18 P6G L . 20.37 -10.94 -29.43
O19 P6G L . 20.09 -10.60 -28.10
H1 P6G L . 17.62 -5.93 -20.12
H21 P6G L . 18.61 -8.11 -19.07
H22 P6G L . 18.02 -8.19 -20.53
H31 P6G L . 19.95 -6.22 -19.82
H32 P6G L . 20.39 -7.61 -20.46
H51 P6G L . 19.73 -4.52 -21.51
H52 P6G L . 21.04 -5.38 -21.74
H61 P6G L . 19.09 -4.97 -23.76
H62 P6G L . 20.45 -4.15 -23.69
H81 P6G L . 22.29 -4.94 -23.95
H82 P6G L . 22.55 -6.51 -23.94
H91 P6G L . 21.52 -5.71 -26.35
H92 P6G L . 22.89 -4.98 -26.05
H111 P6G L . 24.15 -5.99 -27.56
H112 P6G L . 24.84 -6.15 -26.14
H121 P6G L . 25.80 -7.59 -27.79
H122 P6G L . 25.27 -8.38 -26.51
H141 P6G L . 24.57 -8.35 -29.99
H142 P6G L . 25.64 -9.18 -29.19
H151 P6G L . 24.24 -10.54 -30.63
H152 P6G L . 24.27 -11.04 -29.12
H171 P6G L . 21.98 -11.82 -30.40
H172 P6G L . 22.13 -11.85 -28.82
H181 P6G L . 20.17 -10.19 -30.01
H182 P6G L . 19.83 -11.70 -29.69
H19 P6G L . 19.36 -10.17 -28.08
#